data_4G4L
# 
_entry.id   4G4L 
# 
_audit_conform.dict_name       mmcif_pdbx.dic 
_audit_conform.dict_version    5.403 
_audit_conform.dict_location   http://mmcif.pdb.org/dictionaries/ascii/mmcif_pdbx.dic 
# 
loop_
_database_2.database_id 
_database_2.database_code 
_database_2.pdbx_database_accession 
_database_2.pdbx_DOI 
PDB   4G4L         pdb_00004g4l 10.2210/pdb4g4l/pdb 
RCSB  RCSB073730   ?            ?                   
WWPDB D_1000073730 ?            ?                   
# 
loop_
_pdbx_audit_revision_history.ordinal 
_pdbx_audit_revision_history.data_content_type 
_pdbx_audit_revision_history.major_revision 
_pdbx_audit_revision_history.minor_revision 
_pdbx_audit_revision_history.revision_date 
_pdbx_audit_revision_history.part_number 
1 'Structure model' 1 0 2012-10-31 ? 
2 'Structure model' 1 1 2012-11-21 ? 
3 'Structure model' 1 2 2017-11-15 ? 
4 'Structure model' 1 3 2025-03-26 ? 
# 
_pdbx_audit_revision_details.ordinal             1 
_pdbx_audit_revision_details.revision_ordinal    1 
_pdbx_audit_revision_details.data_content_type   'Structure model' 
_pdbx_audit_revision_details.provider            repository 
_pdbx_audit_revision_details.type                'Initial release' 
_pdbx_audit_revision_details.description         ? 
_pdbx_audit_revision_details.details             ? 
# 
loop_
_pdbx_audit_revision_group.ordinal 
_pdbx_audit_revision_group.revision_ordinal 
_pdbx_audit_revision_group.data_content_type 
_pdbx_audit_revision_group.group 
1 2 'Structure model' 'Database references'    
2 3 'Structure model' 'Refinement description' 
3 4 'Structure model' 'Data collection'        
4 4 'Structure model' 'Database references'    
5 4 'Structure model' 'Derived calculations'   
6 4 'Structure model' 'Structure summary'      
# 
loop_
_pdbx_audit_revision_category.ordinal 
_pdbx_audit_revision_category.revision_ordinal 
_pdbx_audit_revision_category.data_content_type 
_pdbx_audit_revision_category.category 
1 3 'Structure model' software                  
2 4 'Structure model' chem_comp_atom            
3 4 'Structure model' chem_comp_bond            
4 4 'Structure model' database_2                
5 4 'Structure model' pdbx_entry_details        
6 4 'Structure model' pdbx_modification_feature 
7 4 'Structure model' struct_conn               
8 4 'Structure model' struct_site               
# 
loop_
_pdbx_audit_revision_item.ordinal 
_pdbx_audit_revision_item.revision_ordinal 
_pdbx_audit_revision_item.data_content_type 
_pdbx_audit_revision_item.item 
1 4 'Structure model' '_database_2.pdbx_DOI'                
2 4 'Structure model' '_database_2.pdbx_database_accession' 
3 4 'Structure model' '_struct_conn.pdbx_leaving_atom_flag' 
4 4 'Structure model' '_struct_site.pdbx_auth_asym_id'      
5 4 'Structure model' '_struct_site.pdbx_auth_comp_id'      
6 4 'Structure model' '_struct_site.pdbx_auth_seq_id'       
# 
_pdbx_database_status.entry_id                        4G4L 
_pdbx_database_status.status_code                     REL 
_pdbx_database_status.deposit_site                    RCSB 
_pdbx_database_status.process_site                    RCSB 
_pdbx_database_status.recvd_initial_deposition_date   2012-07-16 
_pdbx_database_status.status_code_sf                  REL 
_pdbx_database_status.status_code_mr                  ? 
_pdbx_database_status.SG_entry                        ? 
_pdbx_database_status.status_code_cs                  ? 
_pdbx_database_status.methods_development_category    ? 
_pdbx_database_status.pdb_format_compatible           Y 
_pdbx_database_status.status_code_nmr_data            ? 
# 
loop_
_pdbx_database_related.db_name 
_pdbx_database_related.db_id 
_pdbx_database_related.details 
_pdbx_database_related.content_type 
PDB 4G4M . unspecified 
PDB 4G3B . unspecified 
PDB 3TWE . unspecified 
PDB 3TWF . unspecified 
PDB 3TWG . unspecified 
# 
loop_
_audit_author.name 
_audit_author.pdbx_ordinal 
'Buer, B.C.'    1 
'Meagher, J.L.' 2 
'Stuckey, J.A.' 3 
'Marsh, E.N.G.' 4 
# 
_citation.id                        primary 
_citation.title                     
;Comparison of the structures and stabilities of coiled-coil proteins containing hexafluoroleucine and t-butylalanine provides insight into the stabilizing effects of highly fluorinated amino acid side-chains.
;
_citation.journal_abbrev            'Protein Sci.' 
_citation.journal_volume            21 
_citation.page_first                1705 
_citation.page_last                 1715 
_citation.year                      2012 
_citation.journal_id_ASTM           PRCIEI 
_citation.country                   US 
_citation.journal_id_ISSN           0961-8368 
_citation.journal_id_CSD            0795 
_citation.book_publisher            ? 
_citation.pdbx_database_id_PubMed   22930450 
_citation.pdbx_database_id_DOI      10.1002/pro.2150 
# 
loop_
_citation_author.citation_id 
_citation_author.name 
_citation_author.ordinal 
_citation_author.identifier_ORCID 
primary 'Buer, B.C.'    1 ? 
primary 'Meagher, J.L.' 2 ? 
primary 'Stuckey, J.A.' 3 ? 
primary 'Marsh, E.N.'   4 ? 
# 
loop_
_entity.id 
_entity.type 
_entity.src_method 
_entity.pdbx_description 
_entity.formula_weight 
_entity.pdbx_number_of_molecules 
_entity.pdbx_ec 
_entity.pdbx_mutation 
_entity.pdbx_fragment 
_entity.details 
1 polymer     syn alpha4tbA6              3350.914 2  ? ? ? ? 
2 non-polymer syn 'HEXAETHYLENE GLYCOL'   282.331  1  ? ? ? ? 
3 non-polymer syn 'ACETYL GROUP'          44.053   1  ? ? ? ? 
4 non-polymer syn 'DI(HYDROXYETHYL)ETHER' 106.120  1  ? ? ? ? 
5 water       nat water                   18.015   31 ? ? ? ? 
# 
_entity_poly.entity_id                      1 
_entity_poly.type                           'polypeptide(L)' 
_entity_poly.nstd_linkage                   no 
_entity_poly.nstd_monomer                   yes 
_entity_poly.pdbx_seq_one_letter_code       'GNADE(0JY)YKE(0JY)ED(0JY)QER(0JY)RK(0JY)RKK(0JY)RSG' 
_entity_poly.pdbx_seq_one_letter_code_can   GNADEXYKEXEDXQERXRKXRKKXRSG 
_entity_poly.pdbx_strand_id                 A,B 
_entity_poly.pdbx_target_identifier         ? 
# 
loop_
_pdbx_entity_nonpoly.entity_id 
_pdbx_entity_nonpoly.name 
_pdbx_entity_nonpoly.comp_id 
2 'HEXAETHYLENE GLYCOL'   P6G 
3 'ACETYL GROUP'          ACE 
4 'DI(HYDROXYETHYL)ETHER' PEG 
5 water                   HOH 
# 
loop_
_entity_poly_seq.entity_id 
_entity_poly_seq.num 
_entity_poly_seq.mon_id 
_entity_poly_seq.hetero 
1 1  GLY n 
1 2  ASN n 
1 3  ALA n 
1 4  ASP n 
1 5  GLU n 
1 6  0JY n 
1 7  TYR n 
1 8  LYS n 
1 9  GLU n 
1 10 0JY n 
1 11 GLU n 
1 12 ASP n 
1 13 0JY n 
1 14 GLN n 
1 15 GLU n 
1 16 ARG n 
1 17 0JY n 
1 18 ARG n 
1 19 LYS n 
1 20 0JY n 
1 21 ARG n 
1 22 LYS n 
1 23 LYS n 
1 24 0JY n 
1 25 ARG n 
1 26 SER n 
1 27 GLY n 
# 
loop_
_chem_comp.id 
_chem_comp.type 
_chem_comp.mon_nstd_flag 
_chem_comp.name 
_chem_comp.pdbx_synonyms 
_chem_comp.formula 
_chem_comp.formula_weight 
0JY non-polymer         . 4-methyl-L-leucine      ?                            'C7 H15 N O2'    145.200 
ACE non-polymer         . 'ACETYL GROUP'          ?                            'C2 H4 O'        44.053  
ALA 'L-peptide linking' y ALANINE                 ?                            'C3 H7 N O2'     89.093  
ARG 'L-peptide linking' y ARGININE                ?                            'C6 H15 N4 O2 1' 175.209 
ASN 'L-peptide linking' y ASPARAGINE              ?                            'C4 H8 N2 O3'    132.118 
ASP 'L-peptide linking' y 'ASPARTIC ACID'         ?                            'C4 H7 N O4'     133.103 
GLN 'L-peptide linking' y GLUTAMINE               ?                            'C5 H10 N2 O3'   146.144 
GLU 'L-peptide linking' y 'GLUTAMIC ACID'         ?                            'C5 H9 N O4'     147.129 
GLY 'peptide linking'   y GLYCINE                 ?                            'C2 H5 N O2'     75.067  
HOH non-polymer         . WATER                   ?                            'H2 O'           18.015  
LYS 'L-peptide linking' y LYSINE                  ?                            'C6 H15 N2 O2 1' 147.195 
P6G non-polymer         . 'HEXAETHYLENE GLYCOL'   'POLYETHYLENE GLYCOL PEG400' 'C12 H26 O7'     282.331 
PEG non-polymer         . 'DI(HYDROXYETHYL)ETHER' ?                            'C4 H10 O3'      106.120 
SER 'L-peptide linking' y SERINE                  ?                            'C3 H7 N O3'     105.093 
TYR 'L-peptide linking' y TYROSINE                ?                            'C9 H11 N O3'    181.189 
# 
loop_
_pdbx_poly_seq_scheme.asym_id 
_pdbx_poly_seq_scheme.entity_id 
_pdbx_poly_seq_scheme.seq_id 
_pdbx_poly_seq_scheme.mon_id 
_pdbx_poly_seq_scheme.ndb_seq_num 
_pdbx_poly_seq_scheme.pdb_seq_num 
_pdbx_poly_seq_scheme.auth_seq_num 
_pdbx_poly_seq_scheme.pdb_mon_id 
_pdbx_poly_seq_scheme.auth_mon_id 
_pdbx_poly_seq_scheme.pdb_strand_id 
_pdbx_poly_seq_scheme.pdb_ins_code 
_pdbx_poly_seq_scheme.hetero 
A 1 1  GLY 1  1  ?  ?   ?   A . n 
A 1 2  ASN 2  2  ?  ?   ?   A . n 
A 1 3  ALA 3  3  3  ALA ALA A . n 
A 1 4  ASP 4  4  4  ASP ASP A . n 
A 1 5  GLU 5  5  5  GLU GLU A . n 
A 1 6  0JY 6  6  6  0JY TB4 A . n 
A 1 7  TYR 7  7  7  TYR TYR A . n 
A 1 8  LYS 8  8  8  LYS LYS A . n 
A 1 9  GLU 9  9  9  GLU GLU A . n 
A 1 10 0JY 10 10 10 0JY TB4 A . n 
A 1 11 GLU 11 11 11 GLU GLU A . n 
A 1 12 ASP 12 12 12 ASP ASP A . n 
A 1 13 0JY 13 13 13 0JY TB4 A . n 
A 1 14 GLN 14 14 14 GLN GLN A . n 
A 1 15 GLU 15 15 15 GLU GLU A . n 
A 1 16 ARG 16 16 16 ARG ARG A . n 
A 1 17 0JY 17 17 17 0JY TB4 A . n 
A 1 18 ARG 18 18 18 ARG ARG A . n 
A 1 19 LYS 19 19 19 LYS LYS A . n 
A 1 20 0JY 20 20 20 0JY TB4 A . n 
A 1 21 ARG 21 21 21 ARG ARG A . n 
A 1 22 LYS 22 22 22 LYS LYS A . n 
A 1 23 LYS 23 23 23 LYS LYS A . n 
A 1 24 0JY 24 24 24 0JY TB4 A . n 
A 1 25 ARG 25 25 25 ARG ARG A . n 
A 1 26 SER 26 26 ?  ?   ?   A . n 
A 1 27 GLY 27 27 ?  ?   ?   A . n 
B 1 1  GLY 1  1  1  GLY GLY B . n 
B 1 2  ASN 2  2  2  ASN ASN B . n 
B 1 3  ALA 3  3  3  ALA ALA B . n 
B 1 4  ASP 4  4  4  ASP ASP B . n 
B 1 5  GLU 5  5  5  GLU GLU B . n 
B 1 6  0JY 6  6  6  0JY TB4 B . n 
B 1 7  TYR 7  7  7  TYR TYR B . n 
B 1 8  LYS 8  8  8  LYS LYS B . n 
B 1 9  GLU 9  9  9  GLU GLU B . n 
B 1 10 0JY 10 10 10 0JY TB4 B . n 
B 1 11 GLU 11 11 11 GLU GLU B . n 
B 1 12 ASP 12 12 12 ASP ASP B . n 
B 1 13 0JY 13 13 13 0JY TB4 B . n 
B 1 14 GLN 14 14 14 GLN GLN B . n 
B 1 15 GLU 15 15 15 GLU GLU B . n 
B 1 16 ARG 16 16 16 ARG ARG B . n 
B 1 17 0JY 17 17 17 0JY TB4 B . n 
B 1 18 ARG 18 18 18 ARG ARG B . n 
B 1 19 LYS 19 19 19 LYS LYS B . n 
B 1 20 0JY 20 20 20 0JY TB4 B . n 
B 1 21 ARG 21 21 21 ARG ARG B . n 
B 1 22 LYS 22 22 22 LYS LYS B . n 
B 1 23 LYS 23 23 23 LYS LYS B . n 
B 1 24 0JY 24 24 24 0JY TB4 B . n 
B 1 25 ARG 25 25 25 ARG ARG B . n 
B 1 26 SER 26 26 26 SER SER B . n 
B 1 27 GLY 27 27 27 GLY GLY B . n 
# 
loop_
_pdbx_nonpoly_scheme.asym_id 
_pdbx_nonpoly_scheme.entity_id 
_pdbx_nonpoly_scheme.mon_id 
_pdbx_nonpoly_scheme.ndb_seq_num 
_pdbx_nonpoly_scheme.pdb_seq_num 
_pdbx_nonpoly_scheme.auth_seq_num 
_pdbx_nonpoly_scheme.pdb_mon_id 
_pdbx_nonpoly_scheme.auth_mon_id 
_pdbx_nonpoly_scheme.pdb_strand_id 
_pdbx_nonpoly_scheme.pdb_ins_code 
C 2 P6G 1  101 1  P6G P6G A . 
D 3 ACE 1  101 1  ACE ACE B . 
E 4 PEG 1  102 1  PEG PEG B . 
F 5 HOH 1  201 1  HOH HOH A . 
F 5 HOH 2  202 2  HOH HOH A . 
F 5 HOH 3  203 1  HOH HOH A . 
F 5 HOH 4  204 3  HOH HOH A . 
F 5 HOH 5  205 4  HOH HOH A . 
F 5 HOH 6  206 9  HOH HOH A . 
F 5 HOH 7  207 10 HOH HOH A . 
F 5 HOH 8  208 12 HOH HOH A . 
F 5 HOH 9  209 13 HOH HOH A . 
F 5 HOH 10 210 17 HOH HOH A . 
F 5 HOH 11 211 18 HOH HOH A . 
F 5 HOH 12 212 21 HOH HOH A . 
F 5 HOH 13 213 22 HOH HOH A . 
F 5 HOH 14 214 25 HOH HOH A . 
F 5 HOH 15 215 28 HOH HOH A . 
G 5 HOH 1  201 3  HOH HOH B . 
G 5 HOH 2  202 2  HOH HOH B . 
G 5 HOH 3  203 5  HOH HOH B . 
G 5 HOH 4  204 6  HOH HOH B . 
G 5 HOH 5  205 7  HOH HOH B . 
G 5 HOH 6  206 8  HOH HOH B . 
G 5 HOH 7  207 11 HOH HOH B . 
G 5 HOH 8  208 14 HOH HOH B . 
G 5 HOH 9  209 15 HOH HOH B . 
G 5 HOH 10 210 16 HOH HOH B . 
G 5 HOH 11 211 19 HOH HOH B . 
G 5 HOH 12 212 20 HOH HOH B . 
G 5 HOH 13 213 23 HOH HOH B . 
G 5 HOH 14 214 24 HOH HOH B . 
G 5 HOH 15 215 26 HOH HOH B . 
G 5 HOH 16 216 27 HOH HOH B . 
# 
loop_
_pdbx_unobs_or_zero_occ_atoms.id 
_pdbx_unobs_or_zero_occ_atoms.PDB_model_num 
_pdbx_unobs_or_zero_occ_atoms.polymer_flag 
_pdbx_unobs_or_zero_occ_atoms.occupancy_flag 
_pdbx_unobs_or_zero_occ_atoms.auth_asym_id 
_pdbx_unobs_or_zero_occ_atoms.auth_comp_id 
_pdbx_unobs_or_zero_occ_atoms.auth_seq_id 
_pdbx_unobs_or_zero_occ_atoms.PDB_ins_code 
_pdbx_unobs_or_zero_occ_atoms.auth_atom_id 
_pdbx_unobs_or_zero_occ_atoms.label_alt_id 
_pdbx_unobs_or_zero_occ_atoms.label_asym_id 
_pdbx_unobs_or_zero_occ_atoms.label_comp_id 
_pdbx_unobs_or_zero_occ_atoms.label_seq_id 
_pdbx_unobs_or_zero_occ_atoms.label_atom_id 
1  1 Y 1 A LYS 8   ? CE  ? A LYS 8  CE  
2  1 Y 1 A LYS 8   ? NZ  ? A LYS 8  NZ  
3  1 Y 1 A LYS 23  ? NZ  ? A LYS 23 NZ  
4  1 Y 1 A ARG 25  ? CG  ? A ARG 25 CG  
5  1 Y 1 A ARG 25  ? CD  ? A ARG 25 CD  
6  1 Y 1 A ARG 25  ? NE  ? A ARG 25 NE  
7  1 Y 1 A ARG 25  ? CZ  ? A ARG 25 CZ  
8  1 Y 1 A ARG 25  ? NH1 ? A ARG 25 NH1 
9  1 Y 1 A ARG 25  ? NH2 ? A ARG 25 NH2 
10 1 Y 1 B LYS 23  ? CG  ? B LYS 23 CG  
11 1 Y 1 B LYS 23  ? CD  ? B LYS 23 CD  
12 1 Y 1 B LYS 23  ? CE  ? B LYS 23 CE  
13 1 Y 1 B LYS 23  ? NZ  ? B LYS 23 NZ  
14 1 Y 1 B ARG 25  ? NE  ? B ARG 25 NE  
15 1 Y 1 B ARG 25  ? CZ  ? B ARG 25 CZ  
16 1 Y 1 B ARG 25  ? NH1 ? B ARG 25 NH1 
17 1 Y 1 B ARG 25  ? NH2 ? B ARG 25 NH2 
18 1 N 1 A P6G 101 ? C17 ? C P6G 1  C17 
19 1 N 1 A P6G 101 ? C18 ? C P6G 1  C18 
20 1 N 1 A P6G 101 ? O19 ? C P6G 1  O19 
# 
loop_
_software.pdbx_ordinal 
_software.name 
_software.version 
_software.date 
_software.type 
_software.contact_author 
_software.contact_author_email 
_software.classification 
_software.location 
_software.language 
_software.citation_id 
1 DENZO       .              ?                package 'Zbyszek Otwinowski' hkl@hkl-xray.com                 'data reduction'  
http://www.hkl-xray.com/                    ?   ? 
2 SCALEPACK   .              ?                package 'Zbyszek Otwinowski' hkl@hkl-xray.com                 'data scaling'    
http://www.hkl-xray.com/                    ?   ? 
3 PHASER      .              ?                program 'Randy J. Read'      cimr-phaser@lists.cam.ac.uk      phasing           
http://www-structmed.cimr.cam.ac.uk/phaser/ ?   ? 
4 BUSTER-TNT  'BUSTER 2.8.0' ?                program 'Gerard Bricogne'    buster-develop@GlobalPhasing.com refinement        
http://www.globalphasing.com/buster/        ?   ? 
5 PDB_EXTRACT 3.11           'April 22, 2011' package PDB                  deposit@deposit.rcsb.org         'data extraction' 
http://sw-tools.pdb.org/apps/PDB_EXTRACT/   C++ ? 
6 HKL-2000    .              ?                ?       ?                    ?                                'data collection' ? ? 
? 
7 HKL-2000    .              ?                ?       ?                    ?                                'data reduction'  ? ? 
? 
8 HKL-2000    .              ?                ?       ?                    ?                                'data scaling'    ? ? 
? 
9 BUSTER      1.6.0          ?                ?       ?                    ?                                refinement        ? ? 
? 
# 
_cell.length_a           31.307 
_cell.length_b           37.417 
_cell.length_c           40.761 
_cell.angle_alpha        90.000 
_cell.angle_beta         90.000 
_cell.angle_gamma        90.000 
_cell.entry_id           4G4L 
_cell.pdbx_unique_axis   ? 
_cell.Z_PDB              8 
_cell.length_a_esd       ? 
_cell.length_b_esd       ? 
_cell.length_c_esd       ? 
_cell.angle_alpha_esd    ? 
_cell.angle_beta_esd     ? 
_cell.angle_gamma_esd    ? 
# 
_symmetry.space_group_name_H-M             'P 21 21 2' 
_symmetry.entry_id                         4G4L 
_symmetry.pdbx_full_space_group_name_H-M   ? 
_symmetry.Int_Tables_number                18 
_symmetry.cell_setting                     ? 
_symmetry.space_group_name_Hall            ? 
# 
_exptl.crystals_number   1 
_exptl.entry_id          4G4L 
_exptl.method            'X-RAY DIFFRACTION' 
# 
_exptl_crystal.id                    1 
_exptl_crystal.density_Matthews      1.78 
_exptl_crystal.density_meas          ? 
_exptl_crystal.density_percent_sol   30.94 
_exptl_crystal.description           ? 
_exptl_crystal.F_000                 ? 
_exptl_crystal.preparation           ? 
# 
_exptl_crystal_grow.crystal_id      1 
_exptl_crystal_grow.method          'VAPOR DIFFUSION, HANGING DROP' 
_exptl_crystal_grow.pH              9.0 
_exptl_crystal_grow.temp            293.15 
_exptl_crystal_grow.pdbx_details    '48% PEG400, 0.1M HEPES pH 9.0, vapor diffusion, hanging drop, temperature 293.15K' 
_exptl_crystal_grow.temp_details    ? 
_exptl_crystal_grow.pdbx_pH_range   ? 
# 
_diffrn.id                     1 
_diffrn.ambient_temp           100 
_diffrn.ambient_temp_details   ? 
_diffrn.crystal_id             1 
# 
_diffrn_detector.diffrn_id              1 
_diffrn_detector.detector               CCD 
_diffrn_detector.type                   'MARMOSAIC 225 mm CCD' 
_diffrn_detector.pdbx_collection_date   2011-11-30 
_diffrn_detector.details                ? 
# 
_diffrn_radiation.diffrn_id                        1 
_diffrn_radiation.pdbx_diffrn_protocol             'SINGLE WAVELENGTH' 
_diffrn_radiation.monochromator                    'Diamond [111]' 
_diffrn_radiation.wavelength_id                    1 
_diffrn_radiation.pdbx_monochromatic_or_laue_m_l   M 
_diffrn_radiation.pdbx_scattering_type             x-ray 
# 
_diffrn_radiation_wavelength.id           1 
_diffrn_radiation_wavelength.wavelength   0.97872 
_diffrn_radiation_wavelength.wt           1.0 
# 
_diffrn_source.diffrn_id                   1 
_diffrn_source.source                      SYNCHROTRON 
_diffrn_source.type                        'APS BEAMLINE 21-ID-F' 
_diffrn_source.pdbx_wavelength_list        0.97872 
_diffrn_source.pdbx_wavelength             ? 
_diffrn_source.pdbx_synchrotron_site       APS 
_diffrn_source.pdbx_synchrotron_beamline   21-ID-F 
# 
_reflns.entry_id                     4G4L 
_reflns.observed_criterion_sigma_F   ? 
_reflns.observed_criterion_sigma_I   ? 
_reflns.d_resolution_high            1.48 
_reflns.d_resolution_low             50 
_reflns.number_all                   ? 
_reflns.number_obs                   7348 
_reflns.percent_possible_obs         ? 
_reflns.pdbx_Rmerge_I_obs            ? 
_reflns.pdbx_Rsym_value              ? 
_reflns.pdbx_netI_over_sigmaI        ? 
_reflns.B_iso_Wilson_estimate        ? 
_reflns.pdbx_redundancy              ? 
_reflns.R_free_details               ? 
_reflns.limit_h_max                  ? 
_reflns.limit_h_min                  ? 
_reflns.limit_k_max                  ? 
_reflns.limit_k_min                  ? 
_reflns.limit_l_max                  ? 
_reflns.limit_l_min                  ? 
_reflns.observed_criterion_F_max     ? 
_reflns.observed_criterion_F_min     ? 
_reflns.pdbx_chi_squared             ? 
_reflns.pdbx_scaling_rejects         ? 
_reflns.pdbx_ordinal                 1 
_reflns.pdbx_diffrn_id               1 
# 
_refine.entry_id                                 4G4L 
_refine.ls_d_res_high                            1.5400 
_refine.ls_d_res_low                             27.5600 
_refine.pdbx_ls_sigma_F                          0.000 
_refine.pdbx_data_cutoff_high_absF               ? 
_refine.pdbx_data_cutoff_low_absF                ? 
_refine.ls_percent_reflns_obs                    ? 
_refine.ls_number_reflns_obs                     7348 
_refine.ls_number_reflns_all                     ? 
_refine.pdbx_ls_cross_valid_method               THROUGHOUT 
_refine.pdbx_R_Free_selection_details            RANDOM 
_refine.details                                  ? 
_refine.ls_R_factor_all                          ? 
_refine.ls_R_factor_obs                          0.2416 
_refine.ls_R_factor_R_work                       0.2415 
_refine.ls_wR_factor_R_work                      ? 
_refine.ls_R_factor_R_free                       0.2447 
_refine.ls_wR_factor_R_free                      ? 
_refine.ls_percent_reflns_R_free                 4.5900 
_refine.ls_number_reflns_R_free                  337 
_refine.ls_R_factor_R_free_error                 ? 
_refine.B_iso_mean                               37.9767 
_refine.solvent_model_param_bsol                 ? 
_refine.solvent_model_param_ksol                 ? 
_refine.pdbx_isotropic_thermal_model             ? 
_refine.aniso_B[1][1]                            -5.1073 
_refine.aniso_B[2][2]                            3.9926 
_refine.aniso_B[3][3]                            1.1146 
_refine.aniso_B[1][2]                            0.0000 
_refine.aniso_B[1][3]                            0.0000 
_refine.aniso_B[2][3]                            0.0000 
_refine.correlation_coeff_Fo_to_Fc               0.9243 
_refine.correlation_coeff_Fo_to_Fc_free          0.9321 
_refine.overall_SU_R_Cruickshank_DPI             ? 
_refine.overall_SU_R_free                        ? 
_refine.pdbx_overall_ESU_R                       ? 
_refine.pdbx_overall_ESU_R_Free                  ? 
_refine.overall_SU_ML                            ? 
_refine.overall_SU_B                             ? 
_refine.solvent_model_details                    ? 
_refine.pdbx_solvent_vdw_probe_radii             ? 
_refine.pdbx_solvent_ion_probe_radii             ? 
_refine.pdbx_solvent_shrinkage_radii             ? 
_refine.ls_number_parameters                     ? 
_refine.ls_number_restraints                     ? 
_refine.pdbx_starting_model                      ? 
_refine.pdbx_method_to_determine_struct          'MOLECULAR REPLACEMENT' 
_refine.pdbx_stereochemistry_target_values       ? 
_refine.pdbx_stereochem_target_val_spec_case     ? 
_refine.overall_FOM_work_R_set                   ? 
_refine.B_iso_max                                120.560 
_refine.B_iso_min                                18.390 
_refine.pdbx_overall_phase_error                 ? 
_refine.occupancy_max                            1.000 
_refine.occupancy_min                            1.000 
_refine.pdbx_ls_sigma_I                          ? 
_refine.ls_redundancy_reflns_obs                 ? 
_refine.ls_R_factor_R_free_error_details         ? 
_refine.pdbx_data_cutoff_high_rms_absF           ? 
_refine.overall_FOM_free_R_set                   ? 
_refine.pdbx_diffrn_id                           1 
_refine.pdbx_refine_id                           'X-RAY DIFFRACTION' 
_refine.pdbx_TLS_residual_ADP_flag               ? 
_refine.pdbx_overall_SU_R_free_Cruickshank_DPI   ? 
_refine.pdbx_overall_SU_R_Blow_DPI               ? 
_refine.pdbx_overall_SU_R_free_Blow_DPI          ? 
# 
_refine_analyze.entry_id                        4G4L 
_refine_analyze.Luzzati_coordinate_error_obs    0.241 
_refine_analyze.Luzzati_sigma_a_obs             ? 
_refine_analyze.Luzzati_d_res_low_obs           ? 
_refine_analyze.Luzzati_coordinate_error_free   ? 
_refine_analyze.Luzzati_sigma_a_free            ? 
_refine_analyze.Luzzati_d_res_low_free          ? 
_refine_analyze.number_disordered_residues      ? 
_refine_analyze.occupancy_sum_non_hydrogen      ? 
_refine_analyze.occupancy_sum_hydrogen          ? 
_refine_analyze.pdbx_Luzzati_d_res_high_obs     ? 
_refine_analyze.pdbx_refine_id                  'X-RAY DIFFRACTION' 
# 
_refine_hist.pdbx_refine_id                   'X-RAY DIFFRACTION' 
_refine_hist.cycle_id                         LAST 
_refine_hist.pdbx_number_atoms_protein        429 
_refine_hist.pdbx_number_atoms_nucleic_acid   0 
_refine_hist.pdbx_number_atoms_ligand         26 
_refine_hist.number_atoms_solvent             31 
_refine_hist.number_atoms_total               486 
_refine_hist.d_res_high                       1.5400 
_refine_hist.d_res_low                        27.5600 
# 
loop_
_refine_ls_restr.type 
_refine_ls_restr.number 
_refine_ls_restr.dev_ideal 
_refine_ls_restr.dev_ideal_target 
_refine_ls_restr.weight 
_refine_ls_restr.pdbx_restraint_function 
_refine_ls_restr.pdbx_refine_id 
t_dihedral_angle_d        150 ?      ? 2.000  SINUSOIDAL   'X-RAY DIFFRACTION' 
t_trig_c_planes           16  ?      ? 2.000  HARMONIC     'X-RAY DIFFRACTION' 
t_gen_planes              56  ?      ? 5.000  HARMONIC     'X-RAY DIFFRACTION' 
t_it                      453 ?      ? 20.000 HARMONIC     'X-RAY DIFFRACTION' 
t_nbd                     ?   ?      ? ?      ?            'X-RAY DIFFRACTION' 
t_improper_torsion        ?   ?      ? ?      ?            'X-RAY DIFFRACTION' 
t_pseud_angle             ?   ?      ? ?      ?            'X-RAY DIFFRACTION' 
t_chiral_improper_torsion 36  ?      ? 5.000  SEMIHARMONIC 'X-RAY DIFFRACTION' 
t_sum_occupancies         ?   ?      ? ?      ?            'X-RAY DIFFRACTION' 
t_utility_distance        ?   ?      ? ?      ?            'X-RAY DIFFRACTION' 
t_utility_angle           ?   ?      ? ?      ?            'X-RAY DIFFRACTION' 
t_utility_torsion         ?   ?      ? ?      ?            'X-RAY DIFFRACTION' 
t_ideal_dist_contact      491 ?      ? 4.000  SEMIHARMONIC 'X-RAY DIFFRACTION' 
t_bond_d                  453 0.008  ? 2.000  HARMONIC     'X-RAY DIFFRACTION' 
t_angle_deg               609 0.960  ? 2.000  HARMONIC     'X-RAY DIFFRACTION' 
t_omega_torsion           ?   1.680  ? ?      ?            'X-RAY DIFFRACTION' 
t_other_torsion           ?   18.010 ? ?      ?            'X-RAY DIFFRACTION' 
# 
_refine_ls_shell.d_res_high                       1.5400 
_refine_ls_shell.d_res_low                        1.7200 
_refine_ls_shell.pdbx_total_number_of_bins_used   5 
_refine_ls_shell.percent_reflns_obs               ? 
_refine_ls_shell.number_reflns_R_work             1923 
_refine_ls_shell.R_factor_all                     0.1940 
_refine_ls_shell.R_factor_R_work                  0.1929 
_refine_ls_shell.R_factor_R_free                  0.2210 
_refine_ls_shell.percent_reflns_R_free            3.9900 
_refine_ls_shell.number_reflns_R_free             80 
_refine_ls_shell.R_factor_R_free_error            ? 
_refine_ls_shell.number_reflns_all                2003 
_refine_ls_shell.number_reflns_obs                ? 
_refine_ls_shell.redundancy_reflns_obs            ? 
_refine_ls_shell.pdbx_refine_id                   'X-RAY DIFFRACTION' 
# 
_struct.entry_id                  4G4L 
_struct.title                     'Crystal structure of the de novo designed peptide alpha4tbA6' 
_struct.pdbx_model_details        ? 
_struct.pdbx_CASP_flag            ? 
_struct.pdbx_model_type_details   ? 
# 
_struct_keywords.entry_id        4G4L 
_struct_keywords.text            'alpha helix, de novo designed, coiled-coil, nonnatural amino acid, DE NOVO PROTEIN' 
_struct_keywords.pdbx_keywords   'DE NOVO PROTEIN' 
# 
loop_
_struct_asym.id 
_struct_asym.pdbx_blank_PDB_chainid_flag 
_struct_asym.pdbx_modified 
_struct_asym.entity_id 
_struct_asym.details 
A N N 1 ? 
B N N 1 ? 
C N N 2 ? 
D N N 3 ? 
E N N 4 ? 
F N N 5 ? 
G N N 5 ? 
# 
_struct_ref.id                         1 
_struct_ref.db_name                    PDB 
_struct_ref.db_code                    4G4L 
_struct_ref.pdbx_db_accession          4G4L 
_struct_ref.entity_id                  1 
_struct_ref.pdbx_align_begin           ? 
_struct_ref.pdbx_seq_one_letter_code   GNADEXYKEXEDXQERXRKXRKKXRSG 
_struct_ref.pdbx_db_isoform            ? 
# 
loop_
_struct_ref_seq.align_id 
_struct_ref_seq.ref_id 
_struct_ref_seq.pdbx_PDB_id_code 
_struct_ref_seq.pdbx_strand_id 
_struct_ref_seq.seq_align_beg 
_struct_ref_seq.pdbx_seq_align_beg_ins_code 
_struct_ref_seq.seq_align_end 
_struct_ref_seq.pdbx_seq_align_end_ins_code 
_struct_ref_seq.pdbx_db_accession 
_struct_ref_seq.db_align_beg 
_struct_ref_seq.pdbx_db_align_beg_ins_code 
_struct_ref_seq.db_align_end 
_struct_ref_seq.pdbx_db_align_end_ins_code 
_struct_ref_seq.pdbx_auth_seq_align_beg 
_struct_ref_seq.pdbx_auth_seq_align_end 
1 1 4G4L A 1 ? 27 ? 4G4L 1 ? 27 ? 1 27 
2 1 4G4L B 1 ? 27 ? 4G4L 1 ? 27 ? 1 27 
# 
loop_
_pdbx_struct_assembly.id 
_pdbx_struct_assembly.details 
_pdbx_struct_assembly.method_details 
_pdbx_struct_assembly.oligomeric_details 
_pdbx_struct_assembly.oligomeric_count 
1 author_defined_assembly   ?    tetrameric 4 
2 software_defined_assembly PISA monomeric  1 
3 software_defined_assembly PISA monomeric  1 
# 
loop_
_pdbx_struct_assembly_gen.assembly_id 
_pdbx_struct_assembly_gen.oper_expression 
_pdbx_struct_assembly_gen.asym_id_list 
1 1,2 A,B,C,D,E,F,G 
2 1   B,D,E,G       
3 1   A,C,F         
# 
loop_
_pdbx_struct_oper_list.id 
_pdbx_struct_oper_list.type 
_pdbx_struct_oper_list.name 
_pdbx_struct_oper_list.symmetry_operation 
_pdbx_struct_oper_list.matrix[1][1] 
_pdbx_struct_oper_list.matrix[1][2] 
_pdbx_struct_oper_list.matrix[1][3] 
_pdbx_struct_oper_list.vector[1] 
_pdbx_struct_oper_list.matrix[2][1] 
_pdbx_struct_oper_list.matrix[2][2] 
_pdbx_struct_oper_list.matrix[2][3] 
_pdbx_struct_oper_list.vector[2] 
_pdbx_struct_oper_list.matrix[3][1] 
_pdbx_struct_oper_list.matrix[3][2] 
_pdbx_struct_oper_list.matrix[3][3] 
_pdbx_struct_oper_list.vector[3] 
1 'identity operation'         1_555 x,y,z   1.0000000000  0.0000000000  0.0000000000 0.0000000000  0.0000000000  1.0000000000  0.0000000000  0.0000000000 0.0000000000 0.0000000000  1.0000000000 0.0000000000  
2 'crystal symmetry operation' 2_555 -x,-y,z -0.7551983118 -0.0269964983 0.6549402255 11.2913188026 -0.0269964983 -0.9970228517 -0.0722261877 2.1196557372 0.6549402255 -0.0722261877 0.7522211635 -4.1330651522 
# 
_struct_biol.id        1 
_struct_biol.details   ? 
# 
loop_
_struct_conf.conf_type_id 
_struct_conf.id 
_struct_conf.pdbx_PDB_helix_id 
_struct_conf.beg_label_comp_id 
_struct_conf.beg_label_asym_id 
_struct_conf.beg_label_seq_id 
_struct_conf.pdbx_beg_PDB_ins_code 
_struct_conf.end_label_comp_id 
_struct_conf.end_label_asym_id 
_struct_conf.end_label_seq_id 
_struct_conf.pdbx_end_PDB_ins_code 
_struct_conf.beg_auth_comp_id 
_struct_conf.beg_auth_asym_id 
_struct_conf.beg_auth_seq_id 
_struct_conf.end_auth_comp_id 
_struct_conf.end_auth_asym_id 
_struct_conf.end_auth_seq_id 
_struct_conf.pdbx_PDB_helix_class 
_struct_conf.details 
_struct_conf.pdbx_PDB_helix_length 
HELX_P HELX_P1 1 0JY A 6 ? 0JY A 24 ? 0JY A 6 0JY A 24 1 ? 19 
HELX_P HELX_P2 2 ASN B 2 ? SER B 26 ? ASN B 2 SER B 26 1 ? 25 
# 
_struct_conf_type.id          HELX_P 
_struct_conf_type.criteria    ? 
_struct_conf_type.reference   ? 
# 
loop_
_struct_conn.id 
_struct_conn.conn_type_id 
_struct_conn.pdbx_leaving_atom_flag 
_struct_conn.pdbx_PDB_id 
_struct_conn.ptnr1_label_asym_id 
_struct_conn.ptnr1_label_comp_id 
_struct_conn.ptnr1_label_seq_id 
_struct_conn.ptnr1_label_atom_id 
_struct_conn.pdbx_ptnr1_label_alt_id 
_struct_conn.pdbx_ptnr1_PDB_ins_code 
_struct_conn.pdbx_ptnr1_standard_comp_id 
_struct_conn.ptnr1_symmetry 
_struct_conn.ptnr2_label_asym_id 
_struct_conn.ptnr2_label_comp_id 
_struct_conn.ptnr2_label_seq_id 
_struct_conn.ptnr2_label_atom_id 
_struct_conn.pdbx_ptnr2_label_alt_id 
_struct_conn.pdbx_ptnr2_PDB_ins_code 
_struct_conn.ptnr1_auth_asym_id 
_struct_conn.ptnr1_auth_comp_id 
_struct_conn.ptnr1_auth_seq_id 
_struct_conn.ptnr2_auth_asym_id 
_struct_conn.ptnr2_auth_comp_id 
_struct_conn.ptnr2_auth_seq_id 
_struct_conn.ptnr2_symmetry 
_struct_conn.pdbx_ptnr3_label_atom_id 
_struct_conn.pdbx_ptnr3_label_seq_id 
_struct_conn.pdbx_ptnr3_label_comp_id 
_struct_conn.pdbx_ptnr3_label_asym_id 
_struct_conn.pdbx_ptnr3_label_alt_id 
_struct_conn.pdbx_ptnr3_PDB_ins_code 
_struct_conn.details 
_struct_conn.pdbx_dist_value 
_struct_conn.pdbx_value_order 
_struct_conn.pdbx_role 
covale1  covale both ? A GLU 5  C ? ? ? 1_555 A 0JY 6  N ? ? A GLU 5  A 0JY 6  1_555 ? ? ? ? ? ? ? 1.346 ? ? 
covale2  covale both ? A 0JY 6  C ? ? ? 1_555 A TYR 7  N ? ? A 0JY 6  A TYR 7  1_555 ? ? ? ? ? ? ? 1.351 ? ? 
covale3  covale both ? A GLU 9  C ? ? ? 1_555 A 0JY 10 N ? ? A GLU 9  A 0JY 10 1_555 ? ? ? ? ? ? ? 1.338 ? ? 
covale4  covale both ? A 0JY 10 C ? ? ? 1_555 A GLU 11 N ? ? A 0JY 10 A GLU 11 1_555 ? ? ? ? ? ? ? 1.352 ? ? 
covale5  covale both ? A ASP 12 C ? ? ? 1_555 A 0JY 13 N ? ? A ASP 12 A 0JY 13 1_555 ? ? ? ? ? ? ? 1.355 ? ? 
covale6  covale both ? A 0JY 13 C ? ? ? 1_555 A GLN 14 N ? ? A 0JY 13 A GLN 14 1_555 ? ? ? ? ? ? ? 1.342 ? ? 
covale7  covale both ? A ARG 16 C ? ? ? 1_555 A 0JY 17 N ? ? A ARG 16 A 0JY 17 1_555 ? ? ? ? ? ? ? 1.350 ? ? 
covale8  covale both ? A 0JY 17 C ? ? ? 1_555 A ARG 18 N ? ? A 0JY 17 A ARG 18 1_555 ? ? ? ? ? ? ? 1.351 ? ? 
covale9  covale both ? A LYS 19 C ? ? ? 1_555 A 0JY 20 N ? ? A LYS 19 A 0JY 20 1_555 ? ? ? ? ? ? ? 1.339 ? ? 
covale10 covale both ? A 0JY 20 C ? ? ? 1_555 A ARG 21 N ? ? A 0JY 20 A ARG 21 1_555 ? ? ? ? ? ? ? 1.359 ? ? 
covale11 covale both ? A LYS 23 C ? ? ? 1_555 A 0JY 24 N ? ? A LYS 23 A 0JY 24 1_555 ? ? ? ? ? ? ? 1.346 ? ? 
covale12 covale both ? A 0JY 24 C ? ? ? 1_555 A ARG 25 N ? ? A 0JY 24 A ARG 25 1_555 ? ? ? ? ? ? ? 1.355 ? ? 
covale13 covale both ? B GLU 5  C ? ? ? 1_555 B 0JY 6  N ? ? B GLU 5  B 0JY 6  1_555 ? ? ? ? ? ? ? 1.347 ? ? 
covale14 covale both ? B 0JY 6  C ? ? ? 1_555 B TYR 7  N ? ? B 0JY 6  B TYR 7  1_555 ? ? ? ? ? ? ? 1.343 ? ? 
covale15 covale both ? B GLU 9  C ? ? ? 1_555 B 0JY 10 N ? ? B GLU 9  B 0JY 10 1_555 ? ? ? ? ? ? ? 1.347 ? ? 
covale16 covale both ? B 0JY 10 C ? ? ? 1_555 B GLU 11 N ? ? B 0JY 10 B GLU 11 1_555 ? ? ? ? ? ? ? 1.354 ? ? 
covale17 covale both ? B ASP 12 C ? ? ? 1_555 B 0JY 13 N ? ? B ASP 12 B 0JY 13 1_555 ? ? ? ? ? ? ? 1.355 ? ? 
covale18 covale both ? B 0JY 13 C ? ? ? 1_555 B GLN 14 N ? ? B 0JY 13 B GLN 14 1_555 ? ? ? ? ? ? ? 1.341 ? ? 
covale19 covale both ? B ARG 16 C ? ? ? 1_555 B 0JY 17 N ? ? B ARG 16 B 0JY 17 1_555 ? ? ? ? ? ? ? 1.349 ? ? 
covale20 covale both ? B 0JY 17 C ? ? ? 1_555 B ARG 18 N ? ? B 0JY 17 B ARG 18 1_555 ? ? ? ? ? ? ? 1.359 ? ? 
covale21 covale both ? B LYS 19 C ? ? ? 1_555 B 0JY 20 N ? ? B LYS 19 B 0JY 20 1_555 ? ? ? ? ? ? ? 1.352 ? ? 
covale22 covale both ? B 0JY 20 C ? ? ? 1_555 B ARG 21 N ? ? B 0JY 20 B ARG 21 1_555 ? ? ? ? ? ? ? 1.346 ? ? 
covale23 covale both ? B LYS 23 C ? ? ? 1_555 B 0JY 24 N ? ? B LYS 23 B 0JY 24 1_555 ? ? ? ? ? ? ? 1.343 ? ? 
covale24 covale both ? B 0JY 24 C ? ? ? 1_555 B ARG 25 N ? ? B 0JY 24 B ARG 25 1_555 ? ? ? ? ? ? ? 1.352 ? ? 
# 
_struct_conn_type.id          covale 
_struct_conn_type.criteria    ? 
_struct_conn_type.reference   ? 
# 
loop_
_pdbx_modification_feature.ordinal 
_pdbx_modification_feature.label_comp_id 
_pdbx_modification_feature.label_asym_id 
_pdbx_modification_feature.label_seq_id 
_pdbx_modification_feature.label_alt_id 
_pdbx_modification_feature.modified_residue_label_comp_id 
_pdbx_modification_feature.modified_residue_label_asym_id 
_pdbx_modification_feature.modified_residue_label_seq_id 
_pdbx_modification_feature.modified_residue_label_alt_id 
_pdbx_modification_feature.auth_comp_id 
_pdbx_modification_feature.auth_asym_id 
_pdbx_modification_feature.auth_seq_id 
_pdbx_modification_feature.PDB_ins_code 
_pdbx_modification_feature.symmetry 
_pdbx_modification_feature.modified_residue_auth_comp_id 
_pdbx_modification_feature.modified_residue_auth_asym_id 
_pdbx_modification_feature.modified_residue_auth_seq_id 
_pdbx_modification_feature.modified_residue_PDB_ins_code 
_pdbx_modification_feature.modified_residue_symmetry 
_pdbx_modification_feature.comp_id_linking_atom 
_pdbx_modification_feature.modified_residue_id_linking_atom 
_pdbx_modification_feature.modified_residue_id 
_pdbx_modification_feature.ref_pcm_id 
_pdbx_modification_feature.ref_comp_id 
_pdbx_modification_feature.type 
_pdbx_modification_feature.category 
1  0JY A 6  ? . . . . 0JY A 6  ? 1_555 . . . . . . . LEU 1 0JY Methylation 'Named protein modification' 
2  0JY A 10 ? . . . . 0JY A 10 ? 1_555 . . . . . . . LEU 1 0JY Methylation 'Named protein modification' 
3  0JY A 13 ? . . . . 0JY A 13 ? 1_555 . . . . . . . LEU 1 0JY Methylation 'Named protein modification' 
4  0JY A 17 ? . . . . 0JY A 17 ? 1_555 . . . . . . . LEU 1 0JY Methylation 'Named protein modification' 
5  0JY A 20 ? . . . . 0JY A 20 ? 1_555 . . . . . . . LEU 1 0JY Methylation 'Named protein modification' 
6  0JY A 24 ? . . . . 0JY A 24 ? 1_555 . . . . . . . LEU 1 0JY Methylation 'Named protein modification' 
7  0JY B 6  ? . . . . 0JY B 6  ? 1_555 . . . . . . . LEU 1 0JY Methylation 'Named protein modification' 
8  0JY B 10 ? . . . . 0JY B 10 ? 1_555 . . . . . . . LEU 1 0JY Methylation 'Named protein modification' 
9  0JY B 13 ? . . . . 0JY B 13 ? 1_555 . . . . . . . LEU 1 0JY Methylation 'Named protein modification' 
10 0JY B 17 ? . . . . 0JY B 17 ? 1_555 . . . . . . . LEU 1 0JY Methylation 'Named protein modification' 
11 0JY B 20 ? . . . . 0JY B 20 ? 1_555 . . . . . . . LEU 1 0JY Methylation 'Named protein modification' 
12 0JY B 24 ? . . . . 0JY B 24 ? 1_555 . . . . . . . LEU 1 0JY Methylation 'Named protein modification' 
# 
_struct_mon_prot_cis.pdbx_id                1 
_struct_mon_prot_cis.label_comp_id          SER 
_struct_mon_prot_cis.label_seq_id           26 
_struct_mon_prot_cis.label_asym_id          B 
_struct_mon_prot_cis.label_alt_id           . 
_struct_mon_prot_cis.pdbx_PDB_ins_code      ? 
_struct_mon_prot_cis.auth_comp_id           SER 
_struct_mon_prot_cis.auth_seq_id            26 
_struct_mon_prot_cis.auth_asym_id           B 
_struct_mon_prot_cis.pdbx_label_comp_id_2   GLY 
_struct_mon_prot_cis.pdbx_label_seq_id_2    27 
_struct_mon_prot_cis.pdbx_label_asym_id_2   B 
_struct_mon_prot_cis.pdbx_PDB_ins_code_2    ? 
_struct_mon_prot_cis.pdbx_auth_comp_id_2    GLY 
_struct_mon_prot_cis.pdbx_auth_seq_id_2     27 
_struct_mon_prot_cis.pdbx_auth_asym_id_2    B 
_struct_mon_prot_cis.pdbx_PDB_model_num     1 
_struct_mon_prot_cis.pdbx_omega_angle       0.99 
# 
loop_
_struct_site.id 
_struct_site.pdbx_evidence_code 
_struct_site.pdbx_auth_asym_id 
_struct_site.pdbx_auth_comp_id 
_struct_site.pdbx_auth_seq_id 
_struct_site.pdbx_auth_ins_code 
_struct_site.pdbx_num_residues 
_struct_site.details 
AC1 Software A P6G 101 ? 10 'BINDING SITE FOR RESIDUE P6G A 101' 
AC2 Software B ACE 101 ? 4  'BINDING SITE FOR RESIDUE ACE B 101' 
AC3 Software B PEG 102 ? 11 'BINDING SITE FOR RESIDUE PEG B 102' 
# 
loop_
_struct_site_gen.id 
_struct_site_gen.site_id 
_struct_site_gen.pdbx_num_res 
_struct_site_gen.label_comp_id 
_struct_site_gen.label_asym_id 
_struct_site_gen.label_seq_id 
_struct_site_gen.pdbx_auth_ins_code 
_struct_site_gen.auth_comp_id 
_struct_site_gen.auth_asym_id 
_struct_site_gen.auth_seq_id 
_struct_site_gen.label_atom_id 
_struct_site_gen.label_alt_id 
_struct_site_gen.symmetry 
_struct_site_gen.details 
1  AC1 10 LYS A 19 ? LYS A 19  . ? 1_555 ? 
2  AC1 10 LYS A 23 ? LYS A 23  . ? 1_555 ? 
3  AC1 10 HOH F .  ? HOH A 207 . ? 1_555 ? 
4  AC1 10 ASN B 2  ? ASN B 2   . ? 2_555 ? 
5  AC1 10 GLU B 5  ? GLU B 5   . ? 2_555 ? 
6  AC1 10 0JY B 6  ? 0JY B 6   . ? 2_555 ? 
7  AC1 10 GLU B 15 ? GLU B 15  . ? 3_455 ? 
8  AC1 10 ARG B 18 ? ARG B 18  . ? 3_455 ? 
9  AC1 10 LYS B 22 ? LYS B 22  . ? 3_455 ? 
10 AC1 10 PEG E .  ? PEG B 102 . ? 3_455 ? 
11 AC2 4  GLY B 1  ? GLY B 1   . ? 1_555 ? 
12 AC2 4  ARG B 21 ? ARG B 21  . ? 4_545 ? 
13 AC2 4  ARG B 25 ? ARG B 25  . ? 4_545 ? 
14 AC2 4  HOH G .  ? HOH B 206 . ? 4_545 ? 
15 AC3 11 ARG A 16 ? ARG A 16  . ? 3_445 ? 
16 AC3 11 ARG A 21 ? ARG A 21  . ? 1_555 ? 
17 AC3 11 P6G C .  ? P6G A 101 . ? 3_445 ? 
18 AC3 11 GLU B 9  ? GLU B 9   . ? 4_445 ? 
19 AC3 11 GLU B 11 ? GLU B 11  . ? 1_555 ? 
20 AC3 11 ASP B 12 ? ASP B 12  . ? 4_445 ? 
21 AC3 11 GLN B 14 ? GLN B 14  . ? 1_555 ? 
22 AC3 11 GLU B 15 ? GLU B 15  . ? 1_555 ? 
23 AC3 11 ARG B 18 ? ARG B 18  . ? 1_555 ? 
24 AC3 11 HOH G .  ? HOH B 204 . ? 1_555 ? 
25 AC3 11 HOH G .  ? HOH B 207 . ? 4_445 ? 
# 
_pdbx_entry_details.entry_id                   4G4L 
_pdbx_entry_details.compound_details           ? 
_pdbx_entry_details.source_details             ? 
_pdbx_entry_details.nonpolymer_details         ? 
_pdbx_entry_details.sequence_details           ? 
_pdbx_entry_details.has_ligand_of_interest     ? 
_pdbx_entry_details.has_protein_modification   Y 
# 
_pdbx_validate_close_contact.id               1 
_pdbx_validate_close_contact.PDB_model_num    1 
_pdbx_validate_close_contact.auth_atom_id_1   N 
_pdbx_validate_close_contact.auth_asym_id_1   B 
_pdbx_validate_close_contact.auth_comp_id_1   GLY 
_pdbx_validate_close_contact.auth_seq_id_1    1 
_pdbx_validate_close_contact.PDB_ins_code_1   ? 
_pdbx_validate_close_contact.label_alt_id_1   ? 
_pdbx_validate_close_contact.auth_atom_id_2   C 
_pdbx_validate_close_contact.auth_asym_id_2   B 
_pdbx_validate_close_contact.auth_comp_id_2   ACE 
_pdbx_validate_close_contact.auth_seq_id_2    101 
_pdbx_validate_close_contact.PDB_ins_code_2   ? 
_pdbx_validate_close_contact.label_alt_id_2   ? 
_pdbx_validate_close_contact.dist             1.43 
# 
loop_
_pdbx_refine_tls.pdbx_refine_id 
_pdbx_refine_tls.id 
_pdbx_refine_tls.details 
_pdbx_refine_tls.method 
_pdbx_refine_tls.origin_x 
_pdbx_refine_tls.origin_y 
_pdbx_refine_tls.origin_z 
_pdbx_refine_tls.T[1][1] 
_pdbx_refine_tls.T[2][2] 
_pdbx_refine_tls.T[3][3] 
_pdbx_refine_tls.T[1][2] 
_pdbx_refine_tls.T[1][3] 
_pdbx_refine_tls.T[2][3] 
_pdbx_refine_tls.L[1][1] 
_pdbx_refine_tls.L[2][2] 
_pdbx_refine_tls.L[3][3] 
_pdbx_refine_tls.L[1][2] 
_pdbx_refine_tls.L[1][3] 
_pdbx_refine_tls.L[2][3] 
_pdbx_refine_tls.S[1][1] 
_pdbx_refine_tls.S[2][2] 
_pdbx_refine_tls.S[3][3] 
_pdbx_refine_tls.S[1][2] 
_pdbx_refine_tls.S[1][3] 
_pdbx_refine_tls.S[2][3] 
_pdbx_refine_tls.S[2][1] 
_pdbx_refine_tls.S[3][1] 
_pdbx_refine_tls.S[3][2] 
'X-RAY DIFFRACTION' 1 ? refined 0.0824  5.6025  1.4994  -0.0488 -0.0245 -0.0013 -0.0019 0.0076 -0.0379 6.1632 3.0048 3.8238 -0.5762 -0.2203 -1.3255 0.0047  -0.0043 -0.0004 -0.2830 0.4162  0.1179 0.0574 -0.0996 -0.0583 
'X-RAY DIFFRACTION' 2 ? refined -0.2985 -4.6282 -1.5127 -0.0775 -0.0615 -0.0531 0.0061  0.0243 0.0067  2.9963 4.3043 7.8810 0.9104  1.0658  2.6524  -0.0031 -0.0431 0.0463  -0.1875 -0.1589 0.1932 0.1286 0.2542  0.1101  
# 
loop_
_pdbx_refine_tls_group.pdbx_refine_id 
_pdbx_refine_tls_group.id 
_pdbx_refine_tls_group.refine_tls_id 
_pdbx_refine_tls_group.beg_auth_asym_id 
_pdbx_refine_tls_group.beg_auth_seq_id 
_pdbx_refine_tls_group.end_auth_asym_id 
_pdbx_refine_tls_group.end_auth_seq_id 
_pdbx_refine_tls_group.selection_details 
_pdbx_refine_tls_group.beg_label_asym_id 
_pdbx_refine_tls_group.beg_label_seq_id 
_pdbx_refine_tls_group.end_label_asym_id 
_pdbx_refine_tls_group.end_label_seq_id 
_pdbx_refine_tls_group.selection 
'X-RAY DIFFRACTION' 1 1 A 3 A 25 '{ A|* }' ? ? ? ? ? 
'X-RAY DIFFRACTION' 2 2 B 1 B 27 '{ B|* }' ? ? ? ? ? 
# 
_phasing.method   MR 
# 
loop_
_pdbx_unobs_or_zero_occ_residues.id 
_pdbx_unobs_or_zero_occ_residues.PDB_model_num 
_pdbx_unobs_or_zero_occ_residues.polymer_flag 
_pdbx_unobs_or_zero_occ_residues.occupancy_flag 
_pdbx_unobs_or_zero_occ_residues.auth_asym_id 
_pdbx_unobs_or_zero_occ_residues.auth_comp_id 
_pdbx_unobs_or_zero_occ_residues.auth_seq_id 
_pdbx_unobs_or_zero_occ_residues.PDB_ins_code 
_pdbx_unobs_or_zero_occ_residues.label_asym_id 
_pdbx_unobs_or_zero_occ_residues.label_comp_id 
_pdbx_unobs_or_zero_occ_residues.label_seq_id 
1 1 Y 1 A GLY 1  ? A GLY 1  
2 1 Y 1 A ASN 2  ? A ASN 2  
3 1 Y 1 A SER 26 ? A SER 26 
4 1 Y 1 A GLY 27 ? A GLY 27 
# 
loop_
_chem_comp_atom.comp_id 
_chem_comp_atom.atom_id 
_chem_comp_atom.type_symbol 
_chem_comp_atom.pdbx_aromatic_flag 
_chem_comp_atom.pdbx_stereo_config 
_chem_comp_atom.pdbx_ordinal 
0JY O    O N N 1   
0JY C    C N N 2   
0JY CA   C N S 3   
0JY N    N N N 4   
0JY CB   C N N 5   
0JY CAI  C N N 6   
0JY CAB  C N N 7   
0JY CAC  C N N 8   
0JY CAA  C N N 9   
0JY HA   H N N 10  
0JY H2   H N N 11  
0JY H    H N N 12  
0JY H6   H N N 13  
0JY H7   H N N 14  
0JY H8   H N N 15  
0JY H9   H N N 16  
0JY H10  H N N 17  
0JY H11  H N N 18  
0JY H12  H N N 19  
0JY H13  H N N 20  
0JY H14  H N N 21  
0JY H15  H N N 22  
0JY H16  H N N 23  
0JY OXT  O N N 24  
0JY HXT  H N N 25  
ACE C    C N N 26  
ACE O    O N N 27  
ACE CH3  C N N 28  
ACE H    H N N 29  
ACE H1   H N N 30  
ACE H2   H N N 31  
ACE H3   H N N 32  
ALA N    N N N 33  
ALA CA   C N S 34  
ALA C    C N N 35  
ALA O    O N N 36  
ALA CB   C N N 37  
ALA OXT  O N N 38  
ALA H    H N N 39  
ALA H2   H N N 40  
ALA HA   H N N 41  
ALA HB1  H N N 42  
ALA HB2  H N N 43  
ALA HB3  H N N 44  
ALA HXT  H N N 45  
ARG N    N N N 46  
ARG CA   C N S 47  
ARG C    C N N 48  
ARG O    O N N 49  
ARG CB   C N N 50  
ARG CG   C N N 51  
ARG CD   C N N 52  
ARG NE   N N N 53  
ARG CZ   C N N 54  
ARG NH1  N N N 55  
ARG NH2  N N N 56  
ARG OXT  O N N 57  
ARG H    H N N 58  
ARG H2   H N N 59  
ARG HA   H N N 60  
ARG HB2  H N N 61  
ARG HB3  H N N 62  
ARG HG2  H N N 63  
ARG HG3  H N N 64  
ARG HD2  H N N 65  
ARG HD3  H N N 66  
ARG HE   H N N 67  
ARG HH11 H N N 68  
ARG HH12 H N N 69  
ARG HH21 H N N 70  
ARG HH22 H N N 71  
ARG HXT  H N N 72  
ASN N    N N N 73  
ASN CA   C N S 74  
ASN C    C N N 75  
ASN O    O N N 76  
ASN CB   C N N 77  
ASN CG   C N N 78  
ASN OD1  O N N 79  
ASN ND2  N N N 80  
ASN OXT  O N N 81  
ASN H    H N N 82  
ASN H2   H N N 83  
ASN HA   H N N 84  
ASN HB2  H N N 85  
ASN HB3  H N N 86  
ASN HD21 H N N 87  
ASN HD22 H N N 88  
ASN HXT  H N N 89  
ASP N    N N N 90  
ASP CA   C N S 91  
ASP C    C N N 92  
ASP O    O N N 93  
ASP CB   C N N 94  
ASP CG   C N N 95  
ASP OD1  O N N 96  
ASP OD2  O N N 97  
ASP OXT  O N N 98  
ASP H    H N N 99  
ASP H2   H N N 100 
ASP HA   H N N 101 
ASP HB2  H N N 102 
ASP HB3  H N N 103 
ASP HD2  H N N 104 
ASP HXT  H N N 105 
GLN N    N N N 106 
GLN CA   C N S 107 
GLN C    C N N 108 
GLN O    O N N 109 
GLN CB   C N N 110 
GLN CG   C N N 111 
GLN CD   C N N 112 
GLN OE1  O N N 113 
GLN NE2  N N N 114 
GLN OXT  O N N 115 
GLN H    H N N 116 
GLN H2   H N N 117 
GLN HA   H N N 118 
GLN HB2  H N N 119 
GLN HB3  H N N 120 
GLN HG2  H N N 121 
GLN HG3  H N N 122 
GLN HE21 H N N 123 
GLN HE22 H N N 124 
GLN HXT  H N N 125 
GLU N    N N N 126 
GLU CA   C N S 127 
GLU C    C N N 128 
GLU O    O N N 129 
GLU CB   C N N 130 
GLU CG   C N N 131 
GLU CD   C N N 132 
GLU OE1  O N N 133 
GLU OE2  O N N 134 
GLU OXT  O N N 135 
GLU H    H N N 136 
GLU H2   H N N 137 
GLU HA   H N N 138 
GLU HB2  H N N 139 
GLU HB3  H N N 140 
GLU HG2  H N N 141 
GLU HG3  H N N 142 
GLU HE2  H N N 143 
GLU HXT  H N N 144 
GLY N    N N N 145 
GLY CA   C N N 146 
GLY C    C N N 147 
GLY O    O N N 148 
GLY OXT  O N N 149 
GLY H    H N N 150 
GLY H2   H N N 151 
GLY HA2  H N N 152 
GLY HA3  H N N 153 
GLY HXT  H N N 154 
HOH O    O N N 155 
HOH H1   H N N 156 
HOH H2   H N N 157 
LYS N    N N N 158 
LYS CA   C N S 159 
LYS C    C N N 160 
LYS O    O N N 161 
LYS CB   C N N 162 
LYS CG   C N N 163 
LYS CD   C N N 164 
LYS CE   C N N 165 
LYS NZ   N N N 166 
LYS OXT  O N N 167 
LYS H    H N N 168 
LYS H2   H N N 169 
LYS HA   H N N 170 
LYS HB2  H N N 171 
LYS HB3  H N N 172 
LYS HG2  H N N 173 
LYS HG3  H N N 174 
LYS HD2  H N N 175 
LYS HD3  H N N 176 
LYS HE2  H N N 177 
LYS HE3  H N N 178 
LYS HZ1  H N N 179 
LYS HZ2  H N N 180 
LYS HZ3  H N N 181 
LYS HXT  H N N 182 
P6G O1   O N N 183 
P6G C2   C N N 184 
P6G C3   C N N 185 
P6G O4   O N N 186 
P6G C5   C N N 187 
P6G C6   C N N 188 
P6G O7   O N N 189 
P6G C8   C N N 190 
P6G C9   C N N 191 
P6G O10  O N N 192 
P6G C11  C N N 193 
P6G C12  C N N 194 
P6G O13  O N N 195 
P6G C14  C N N 196 
P6G C15  C N N 197 
P6G O16  O N N 198 
P6G C17  C N N 199 
P6G C18  C N N 200 
P6G O19  O N N 201 
P6G H1   H N N 202 
P6G H21  H N N 203 
P6G H22  H N N 204 
P6G H31  H N N 205 
P6G H32  H N N 206 
P6G H51  H N N 207 
P6G H52  H N N 208 
P6G H61  H N N 209 
P6G H62  H N N 210 
P6G H81  H N N 211 
P6G H82  H N N 212 
P6G H91  H N N 213 
P6G H92  H N N 214 
P6G H111 H N N 215 
P6G H112 H N N 216 
P6G H121 H N N 217 
P6G H122 H N N 218 
P6G H141 H N N 219 
P6G H142 H N N 220 
P6G H151 H N N 221 
P6G H152 H N N 222 
P6G H171 H N N 223 
P6G H172 H N N 224 
P6G H181 H N N 225 
P6G H182 H N N 226 
P6G H19  H N N 227 
PEG C1   C N N 228 
PEG O1   O N N 229 
PEG C2   C N N 230 
PEG O2   O N N 231 
PEG C3   C N N 232 
PEG C4   C N N 233 
PEG O4   O N N 234 
PEG H11  H N N 235 
PEG H12  H N N 236 
PEG HO1  H N N 237 
PEG H21  H N N 238 
PEG H22  H N N 239 
PEG H31  H N N 240 
PEG H32  H N N 241 
PEG H41  H N N 242 
PEG H42  H N N 243 
PEG HO4  H N N 244 
SER N    N N N 245 
SER CA   C N S 246 
SER C    C N N 247 
SER O    O N N 248 
SER CB   C N N 249 
SER OG   O N N 250 
SER OXT  O N N 251 
SER H    H N N 252 
SER H2   H N N 253 
SER HA   H N N 254 
SER HB2  H N N 255 
SER HB3  H N N 256 
SER HG   H N N 257 
SER HXT  H N N 258 
TYR N    N N N 259 
TYR CA   C N S 260 
TYR C    C N N 261 
TYR O    O N N 262 
TYR CB   C N N 263 
TYR CG   C Y N 264 
TYR CD1  C Y N 265 
TYR CD2  C Y N 266 
TYR CE1  C Y N 267 
TYR CE2  C Y N 268 
TYR CZ   C Y N 269 
TYR OH   O N N 270 
TYR OXT  O N N 271 
TYR H    H N N 272 
TYR H2   H N N 273 
TYR HA   H N N 274 
TYR HB2  H N N 275 
TYR HB3  H N N 276 
TYR HD1  H N N 277 
TYR HD2  H N N 278 
TYR HE1  H N N 279 
TYR HE2  H N N 280 
TYR HH   H N N 281 
TYR HXT  H N N 282 
# 
loop_
_chem_comp_bond.comp_id 
_chem_comp_bond.atom_id_1 
_chem_comp_bond.atom_id_2 
_chem_comp_bond.value_order 
_chem_comp_bond.pdbx_aromatic_flag 
_chem_comp_bond.pdbx_stereo_config 
_chem_comp_bond.pdbx_ordinal 
0JY O   C    doub N N 1   
0JY C   CA   sing N N 2   
0JY CA  N    sing N N 3   
0JY CA  CB   sing N N 4   
0JY CAC CAI  sing N N 5   
0JY CB  CAI  sing N N 6   
0JY CAI CAB  sing N N 7   
0JY CAI CAA  sing N N 8   
0JY CA  HA   sing N N 9   
0JY N   H2   sing N N 10  
0JY N   H    sing N N 11  
0JY CB  H6   sing N N 12  
0JY CB  H7   sing N N 13  
0JY CAB H8   sing N N 14  
0JY CAB H9   sing N N 15  
0JY CAB H10  sing N N 16  
0JY CAC H11  sing N N 17  
0JY CAC H12  sing N N 18  
0JY CAC H13  sing N N 19  
0JY CAA H14  sing N N 20  
0JY CAA H15  sing N N 21  
0JY CAA H16  sing N N 22  
0JY C   OXT  sing N N 23  
0JY OXT HXT  sing N N 24  
ACE C   O    doub N N 25  
ACE C   CH3  sing N N 26  
ACE C   H    sing N N 27  
ACE CH3 H1   sing N N 28  
ACE CH3 H2   sing N N 29  
ACE CH3 H3   sing N N 30  
ALA N   CA   sing N N 31  
ALA N   H    sing N N 32  
ALA N   H2   sing N N 33  
ALA CA  C    sing N N 34  
ALA CA  CB   sing N N 35  
ALA CA  HA   sing N N 36  
ALA C   O    doub N N 37  
ALA C   OXT  sing N N 38  
ALA CB  HB1  sing N N 39  
ALA CB  HB2  sing N N 40  
ALA CB  HB3  sing N N 41  
ALA OXT HXT  sing N N 42  
ARG N   CA   sing N N 43  
ARG N   H    sing N N 44  
ARG N   H2   sing N N 45  
ARG CA  C    sing N N 46  
ARG CA  CB   sing N N 47  
ARG CA  HA   sing N N 48  
ARG C   O    doub N N 49  
ARG C   OXT  sing N N 50  
ARG CB  CG   sing N N 51  
ARG CB  HB2  sing N N 52  
ARG CB  HB3  sing N N 53  
ARG CG  CD   sing N N 54  
ARG CG  HG2  sing N N 55  
ARG CG  HG3  sing N N 56  
ARG CD  NE   sing N N 57  
ARG CD  HD2  sing N N 58  
ARG CD  HD3  sing N N 59  
ARG NE  CZ   sing N N 60  
ARG NE  HE   sing N N 61  
ARG CZ  NH1  sing N N 62  
ARG CZ  NH2  doub N N 63  
ARG NH1 HH11 sing N N 64  
ARG NH1 HH12 sing N N 65  
ARG NH2 HH21 sing N N 66  
ARG NH2 HH22 sing N N 67  
ARG OXT HXT  sing N N 68  
ASN N   CA   sing N N 69  
ASN N   H    sing N N 70  
ASN N   H2   sing N N 71  
ASN CA  C    sing N N 72  
ASN CA  CB   sing N N 73  
ASN CA  HA   sing N N 74  
ASN C   O    doub N N 75  
ASN C   OXT  sing N N 76  
ASN CB  CG   sing N N 77  
ASN CB  HB2  sing N N 78  
ASN CB  HB3  sing N N 79  
ASN CG  OD1  doub N N 80  
ASN CG  ND2  sing N N 81  
ASN ND2 HD21 sing N N 82  
ASN ND2 HD22 sing N N 83  
ASN OXT HXT  sing N N 84  
ASP N   CA   sing N N 85  
ASP N   H    sing N N 86  
ASP N   H2   sing N N 87  
ASP CA  C    sing N N 88  
ASP CA  CB   sing N N 89  
ASP CA  HA   sing N N 90  
ASP C   O    doub N N 91  
ASP C   OXT  sing N N 92  
ASP CB  CG   sing N N 93  
ASP CB  HB2  sing N N 94  
ASP CB  HB3  sing N N 95  
ASP CG  OD1  doub N N 96  
ASP CG  OD2  sing N N 97  
ASP OD2 HD2  sing N N 98  
ASP OXT HXT  sing N N 99  
GLN N   CA   sing N N 100 
GLN N   H    sing N N 101 
GLN N   H2   sing N N 102 
GLN CA  C    sing N N 103 
GLN CA  CB   sing N N 104 
GLN CA  HA   sing N N 105 
GLN C   O    doub N N 106 
GLN C   OXT  sing N N 107 
GLN CB  CG   sing N N 108 
GLN CB  HB2  sing N N 109 
GLN CB  HB3  sing N N 110 
GLN CG  CD   sing N N 111 
GLN CG  HG2  sing N N 112 
GLN CG  HG3  sing N N 113 
GLN CD  OE1  doub N N 114 
GLN CD  NE2  sing N N 115 
GLN NE2 HE21 sing N N 116 
GLN NE2 HE22 sing N N 117 
GLN OXT HXT  sing N N 118 
GLU N   CA   sing N N 119 
GLU N   H    sing N N 120 
GLU N   H2   sing N N 121 
GLU CA  C    sing N N 122 
GLU CA  CB   sing N N 123 
GLU CA  HA   sing N N 124 
GLU C   O    doub N N 125 
GLU C   OXT  sing N N 126 
GLU CB  CG   sing N N 127 
GLU CB  HB2  sing N N 128 
GLU CB  HB3  sing N N 129 
GLU CG  CD   sing N N 130 
GLU CG  HG2  sing N N 131 
GLU CG  HG3  sing N N 132 
GLU CD  OE1  doub N N 133 
GLU CD  OE2  sing N N 134 
GLU OE2 HE2  sing N N 135 
GLU OXT HXT  sing N N 136 
GLY N   CA   sing N N 137 
GLY N   H    sing N N 138 
GLY N   H2   sing N N 139 
GLY CA  C    sing N N 140 
GLY CA  HA2  sing N N 141 
GLY CA  HA3  sing N N 142 
GLY C   O    doub N N 143 
GLY C   OXT  sing N N 144 
GLY OXT HXT  sing N N 145 
HOH O   H1   sing N N 146 
HOH O   H2   sing N N 147 
LYS N   CA   sing N N 148 
LYS N   H    sing N N 149 
LYS N   H2   sing N N 150 
LYS CA  C    sing N N 151 
LYS CA  CB   sing N N 152 
LYS CA  HA   sing N N 153 
LYS C   O    doub N N 154 
LYS C   OXT  sing N N 155 
LYS CB  CG   sing N N 156 
LYS CB  HB2  sing N N 157 
LYS CB  HB3  sing N N 158 
LYS CG  CD   sing N N 159 
LYS CG  HG2  sing N N 160 
LYS CG  HG3  sing N N 161 
LYS CD  CE   sing N N 162 
LYS CD  HD2  sing N N 163 
LYS CD  HD3  sing N N 164 
LYS CE  NZ   sing N N 165 
LYS CE  HE2  sing N N 166 
LYS CE  HE3  sing N N 167 
LYS NZ  HZ1  sing N N 168 
LYS NZ  HZ2  sing N N 169 
LYS NZ  HZ3  sing N N 170 
LYS OXT HXT  sing N N 171 
P6G O1  C2   sing N N 172 
P6G O1  H1   sing N N 173 
P6G C2  C3   sing N N 174 
P6G C2  H21  sing N N 175 
P6G C2  H22  sing N N 176 
P6G C3  O4   sing N N 177 
P6G C3  H31  sing N N 178 
P6G C3  H32  sing N N 179 
P6G O4  C5   sing N N 180 
P6G C5  C6   sing N N 181 
P6G C5  H51  sing N N 182 
P6G C5  H52  sing N N 183 
P6G C6  O7   sing N N 184 
P6G C6  H61  sing N N 185 
P6G C6  H62  sing N N 186 
P6G O7  C8   sing N N 187 
P6G C8  C9   sing N N 188 
P6G C8  H81  sing N N 189 
P6G C8  H82  sing N N 190 
P6G C9  O10  sing N N 191 
P6G C9  H91  sing N N 192 
P6G C9  H92  sing N N 193 
P6G O10 C11  sing N N 194 
P6G C11 C12  sing N N 195 
P6G C11 H111 sing N N 196 
P6G C11 H112 sing N N 197 
P6G C12 O13  sing N N 198 
P6G C12 H121 sing N N 199 
P6G C12 H122 sing N N 200 
P6G O13 C14  sing N N 201 
P6G C14 C15  sing N N 202 
P6G C14 H141 sing N N 203 
P6G C14 H142 sing N N 204 
P6G C15 O16  sing N N 205 
P6G C15 H151 sing N N 206 
P6G C15 H152 sing N N 207 
P6G O16 C17  sing N N 208 
P6G C17 C18  sing N N 209 
P6G C17 H171 sing N N 210 
P6G C17 H172 sing N N 211 
P6G C18 O19  sing N N 212 
P6G C18 H181 sing N N 213 
P6G C18 H182 sing N N 214 
P6G O19 H19  sing N N 215 
PEG C1  O1   sing N N 216 
PEG C1  C2   sing N N 217 
PEG C1  H11  sing N N 218 
PEG C1  H12  sing N N 219 
PEG O1  HO1  sing N N 220 
PEG C2  O2   sing N N 221 
PEG C2  H21  sing N N 222 
PEG C2  H22  sing N N 223 
PEG O2  C3   sing N N 224 
PEG C3  C4   sing N N 225 
PEG C3  H31  sing N N 226 
PEG C3  H32  sing N N 227 
PEG C4  O4   sing N N 228 
PEG C4  H41  sing N N 229 
PEG C4  H42  sing N N 230 
PEG O4  HO4  sing N N 231 
SER N   CA   sing N N 232 
SER N   H    sing N N 233 
SER N   H2   sing N N 234 
SER CA  C    sing N N 235 
SER CA  CB   sing N N 236 
SER CA  HA   sing N N 237 
SER C   O    doub N N 238 
SER C   OXT  sing N N 239 
SER CB  OG   sing N N 240 
SER CB  HB2  sing N N 241 
SER CB  HB3  sing N N 242 
SER OG  HG   sing N N 243 
SER OXT HXT  sing N N 244 
TYR N   CA   sing N N 245 
TYR N   H    sing N N 246 
TYR N   H2   sing N N 247 
TYR CA  C    sing N N 248 
TYR CA  CB   sing N N 249 
TYR CA  HA   sing N N 250 
TYR C   O    doub N N 251 
TYR C   OXT  sing N N 252 
TYR CB  CG   sing N N 253 
TYR CB  HB2  sing N N 254 
TYR CB  HB3  sing N N 255 
TYR CG  CD1  doub Y N 256 
TYR CG  CD2  sing Y N 257 
TYR CD1 CE1  sing Y N 258 
TYR CD1 HD1  sing N N 259 
TYR CD2 CE2  doub Y N 260 
TYR CD2 HD2  sing N N 261 
TYR CE1 CZ   doub Y N 262 
TYR CE1 HE1  sing N N 263 
TYR CE2 CZ   sing Y N 264 
TYR CE2 HE2  sing N N 265 
TYR CZ  OH   sing N N 266 
TYR OH  HH   sing N N 267 
TYR OXT HXT  sing N N 268 
# 
_atom_sites.entry_id                    4G4L 
_atom_sites.fract_transf_matrix[1][1]   0.02293293 
_atom_sites.fract_transf_matrix[1][2]   -0.02014866 
_atom_sites.fract_transf_matrix[1][3]   -0.00940233 
_atom_sites.fract_transf_matrix[2][1]   0.01608318 
_atom_sites.fract_transf_matrix[2][2]   0.02071251 
_atom_sites.fract_transf_matrix[2][3]   -0.00515776 
_atom_sites.fract_transf_matrix[3][1]   0.00858307 
_atom_sites.fract_transf_matrix[3][2]   -0.00094653 
_atom_sites.fract_transf_matrix[3][3]   0.02296308 
_atom_sites.fract_transf_vector[1]      -0.127548 
_atom_sites.fract_transf_vector[2]      -0.123411 
_atom_sites.fract_transf_vector[3]      0.128872 
# 
loop_
_atom_type.symbol 
C 
N 
O 
# 
loop_
_atom_site.group_PDB 
_atom_site.id 
_atom_site.type_symbol 
_atom_site.label_atom_id 
_atom_site.label_alt_id 
_atom_site.label_comp_id 
_atom_site.label_asym_id 
_atom_site.label_entity_id 
_atom_site.label_seq_id 
_atom_site.pdbx_PDB_ins_code 
_atom_site.Cartn_x 
_atom_site.Cartn_y 
_atom_site.Cartn_z 
_atom_site.occupancy 
_atom_site.B_iso_or_equiv 
_atom_site.pdbx_formal_charge 
_atom_site.auth_seq_id 
_atom_site.auth_comp_id 
_atom_site.auth_asym_id 
_atom_site.auth_atom_id 
_atom_site.pdbx_PDB_model_num 
ATOM   1   N N   . ALA A 1 3  ? 7.452   1.970   16.145  1.00 54.12  ? 3   ALA A N   1 
ATOM   2   C CA  . ALA A 1 3  ? 6.188   2.093   15.436  1.00 50.84  ? 3   ALA A CA  1 
ATOM   3   C C   . ALA A 1 3  ? 5.602   3.491   15.423  1.00 52.03  ? 3   ALA A C   1 
ATOM   4   O O   . ALA A 1 3  ? 5.116   3.933   14.384  1.00 48.22  ? 3   ALA A O   1 
ATOM   5   C CB  . ALA A 1 3  ? 5.173   1.090   15.971  1.00 52.53  ? 3   ALA A CB  1 
ATOM   6   N N   . ASP A 1 4  ? 5.644   4.213   16.566  1.00 49.97  ? 4   ASP A N   1 
ATOM   7   C CA  . ASP A 1 4  ? 5.102   5.580   16.642  1.00 50.62  ? 4   ASP A CA  1 
ATOM   8   C C   . ASP A 1 4  ? 5.792   6.546   15.674  1.00 53.28  ? 4   ASP A C   1 
ATOM   9   O O   . ASP A 1 4  ? 5.123   7.348   15.023  1.00 52.76  ? 4   ASP A O   1 
ATOM   10  C CB  . ASP A 1 4  ? 5.190   6.124   18.081  1.00 56.96  ? 4   ASP A CB  1 
ATOM   11  C CG  . ASP A 1 4  ? 4.025   5.768   18.984  1.00 72.26  ? 4   ASP A CG  1 
ATOM   12  O OD1 . ASP A 1 4  ? 3.444   4.674   18.809  1.00 70.97  ? 4   ASP A OD1 1 
ATOM   13  O OD2 . ASP A 1 4  ? 3.732   6.558   19.907  1.00 82.69  ? 4   ASP A OD2 1 
ATOM   14  N N   . GLU A 1 5  ? 7.119   6.439   15.551  1.00 49.54  ? 5   GLU A N   1 
ATOM   15  C CA  . GLU A 1 5  ? 7.901   7.309   14.680  1.00 48.49  ? 5   GLU A CA  1 
ATOM   16  C C   . GLU A 1 5  ? 7.795   6.978   13.200  1.00 44.91  ? 5   GLU A C   1 
ATOM   17  O O   . GLU A 1 5  ? 8.195   7.795   12.368  1.00 44.79  ? 5   GLU A O   1 
ATOM   18  C CB  . GLU A 1 5  ? 9.364   7.365   15.135  1.00 52.76  ? 5   GLU A CB  1 
ATOM   19  C CG  . GLU A 1 5  ? 10.085  6.026   15.112  1.00 65.86  ? 5   GLU A CG  1 
ATOM   20  C CD  . GLU A 1 5  ? 11.413  5.980   15.844  1.00 86.79  ? 5   GLU A CD  1 
ATOM   21  O OE1 . GLU A 1 5  ? 12.116  7.016   15.887  1.00 78.36  ? 5   GLU A OE1 1 
ATOM   22  O OE2 . GLU A 1 5  ? 11.766  4.889   16.345  1.00 80.62  ? 5   GLU A OE2 1 
HETATM 23  O O   . 0JY A 1 6  ? 5.529   5.436   9.735   1.00 31.04  ? 6   0JY A O   1 
HETATM 24  C C   . 0JY A 1 6  ? 5.751   5.475   10.956  1.00 34.62  ? 6   0JY A C   1 
HETATM 25  C CA  . 0JY A 1 6  ? 7.187   5.361   11.468  1.00 34.02  ? 6   0JY A CA  1 
HETATM 26  N N   . 0JY A 1 6  ? 7.295   5.775   12.861  1.00 35.79  ? 6   0JY A N   1 
HETATM 27  C CB  . 0JY A 1 6  ? 7.613   3.894   11.315  1.00 37.08  ? 6   0JY A CB  1 
HETATM 28  C CAI . 0JY A 1 6  ? 9.107   3.746   10.960  1.00 39.03  ? 6   0JY A CAI 1 
HETATM 29  C CAB . 0JY A 1 6  ? 9.993   4.151   12.139  1.00 44.35  ? 6   0JY A CAB 1 
HETATM 30  C CAC . 0JY A 1 6  ? 9.468   4.591   9.728   1.00 37.13  ? 6   0JY A CAC 1 
HETATM 31  C CAA . 0JY A 1 6  ? 9.352   2.276   10.632  1.00 40.45  ? 6   0JY A CAA 1 
ATOM   32  N N   . TYR A 1 7  ? 4.769   5.628   11.871  1.00 33.48  ? 7   TYR A N   1 
ATOM   33  C CA  . TYR A 1 7  ? 3.368   5.712   11.440  1.00 31.31  ? 7   TYR A CA  1 
ATOM   34  C C   . TYR A 1 7  ? 3.081   6.731   10.363  1.00 33.65  ? 7   TYR A C   1 
ATOM   35  O O   . TYR A 1 7  ? 2.474   6.354   9.357   1.00 30.97  ? 7   TYR A O   1 
ATOM   36  C CB  . TYR A 1 7  ? 2.382   5.867   12.618  1.00 34.72  ? 7   TYR A CB  1 
ATOM   37  C CG  . TYR A 1 7  ? 0.946   6.007   12.148  1.00 36.53  ? 7   TYR A CG  1 
ATOM   38  C CD1 . TYR A 1 7  ? 0.151   4.886   11.929  1.00 37.87  ? 7   TYR A CD1 1 
ATOM   39  C CD2 . TYR A 1 7  ? 0.404   7.259   11.856  1.00 39.74  ? 7   TYR A CD2 1 
ATOM   40  C CE1 . TYR A 1 7  ? -1.165  5.009   11.478  1.00 38.78  ? 7   TYR A CE1 1 
ATOM   41  C CE2 . TYR A 1 7  ? -0.892  7.389   11.354  1.00 40.90  ? 7   TYR A CE2 1 
ATOM   42  C CZ  . TYR A 1 7  ? -1.676  6.262   11.178  1.00 47.16  ? 7   TYR A CZ  1 
ATOM   43  O OH  . TYR A 1 7  ? -2.970  6.394   10.729  1.00 49.78  ? 7   TYR A OH  1 
ATOM   44  N N   . LYS A 1 8  ? 3.445   8.009   10.580  1.00 33.83  ? 8   LYS A N   1 
ATOM   45  C CA  . LYS A 1 8  ? 3.178   9.079   9.618   1.00 31.92  ? 8   LYS A CA  1 
ATOM   46  C C   . LYS A 1 8  ? 3.778   8.753   8.249   1.00 33.48  ? 8   LYS A C   1 
ATOM   47  O O   . LYS A 1 8  ? 3.074   8.884   7.254   1.00 32.10  ? 8   LYS A O   1 
ATOM   48  C CB  . LYS A 1 8  ? 3.678   10.434  10.142  1.00 36.29  ? 8   LYS A CB  1 
ATOM   49  C CG  . LYS A 1 8  ? 3.251   11.626  9.293   1.00 41.55  ? 8   LYS A CG  1 
ATOM   50  C CD  . LYS A 1 8  ? 3.430   12.933  10.039  1.00 47.53  ? 8   LYS A CD  1 
ATOM   51  N N   . GLU A 1 9  ? 5.045   8.283   8.209   1.00 30.54  ? 9   GLU A N   1 
ATOM   52  C CA  . GLU A 1 9  ? 5.718   7.916   6.953   1.00 27.71  ? 9   GLU A CA  1 
ATOM   53  C C   . GLU A 1 9  ? 4.972   6.766   6.281   1.00 28.52  ? 9   GLU A C   1 
ATOM   54  O O   . GLU A 1 9  ? 4.657   6.853   5.108   1.00 24.60  ? 9   GLU A O   1 
ATOM   55  C CB  . GLU A 1 9  ? 7.169   7.457   7.213   1.00 29.80  ? 9   GLU A CB  1 
ATOM   56  C CG  . GLU A 1 9  ? 8.127   8.547   7.675   1.00 38.99  ? 9   GLU A CG  1 
ATOM   57  C CD  . GLU A 1 9  ? 8.882   9.287   6.590   1.00 66.35  ? 9   GLU A CD  1 
ATOM   58  O OE1 . GLU A 1 9  ? 8.230   9.811   5.657   1.00 52.30  ? 9   GLU A OE1 1 
ATOM   59  O OE2 . GLU A 1 9  ? 10.123  9.407   6.712   1.00 74.65  ? 9   GLU A OE2 1 
HETATM 60  O O   . 0JY A 1 10 ? 2.193   4.260   4.937   1.00 23.79  ? 10  0JY A O   1 
HETATM 61  C C   . 0JY A 1 10 ? 2.623   4.790   5.974   1.00 24.95  ? 10  0JY A C   1 
HETATM 62  C CA  . 0JY A 1 10 ? 4.064   4.514   6.406   1.00 23.30  ? 10  0JY A CA  1 
HETATM 63  N N   . 0JY A 1 10 ? 4.693   5.685   7.019   1.00 24.51  ? 10  0JY A N   1 
HETATM 64  C CB  . 0JY A 1 10 ? 4.204   3.272   7.301   1.00 25.89  ? 10  0JY A CB  1 
HETATM 65  C CAI . 0JY A 1 10 ? 5.528   2.488   7.111   1.00 26.50  ? 10  0JY A CAI 1 
HETATM 66  C CAB . 0JY A 1 10 ? 6.741   3.431   7.052   1.00 27.98  ? 10  0JY A CAB 1 
HETATM 67  C CAC . 0JY A 1 10 ? 5.514   1.687   5.794   1.00 27.83  ? 10  0JY A CAC 1 
HETATM 68  C CAA . 0JY A 1 10 ? 5.675   1.501   8.275   1.00 30.38  ? 10  0JY A CAA 1 
ATOM   69  N N   . GLU A 1 11 ? 1.884   5.628   6.735   1.00 25.04  ? 11  GLU A N   1 
ATOM   70  C CA  . GLU A 1 11 ? 0.513   6.033   6.371   1.00 23.92  ? 11  GLU A CA  1 
ATOM   71  C C   . GLU A 1 11 ? 0.556   6.815   5.059   1.00 25.96  ? 11  GLU A C   1 
ATOM   72  O O   . GLU A 1 11 ? -0.263  6.579   4.166   1.00 25.98  ? 11  GLU A O   1 
ATOM   73  C CB  . GLU A 1 11 ? -0.139  6.880   7.484   1.00 26.77  ? 11  GLU A CB  1 
ATOM   74  C CG  . GLU A 1 11 ? -1.534  7.383   7.131   1.00 33.21  ? 11  GLU A CG  1 
ATOM   75  C CD  . GLU A 1 11 ? -2.614  6.326   6.988   1.00 48.75  ? 11  GLU A CD  1 
ATOM   76  O OE1 . GLU A 1 11 ? -2.381  5.166   7.396   1.00 33.14  ? 11  GLU A OE1 1 
ATOM   77  O OE2 . GLU A 1 11 ? -3.685  6.654   6.430   1.00 40.28  ? 11  GLU A OE2 1 
ATOM   78  N N   . ASP A 1 12 ? 1.544   7.717   4.923   1.00 23.66  ? 12  ASP A N   1 
ATOM   79  C CA  . ASP A 1 12 ? 1.697   8.497   3.698   1.00 23.54  ? 12  ASP A CA  1 
ATOM   80  C C   . ASP A 1 12 ? 1.979   7.567   2.536   1.00 23.75  ? 12  ASP A C   1 
ATOM   81  O O   . ASP A 1 12 ? 1.385   7.730   1.475   1.00 23.87  ? 12  ASP A O   1 
ATOM   82  C CB  . ASP A 1 12 ? 2.831   9.529   3.828   1.00 26.98  ? 12  ASP A CB  1 
ATOM   83  C CG  . ASP A 1 12 ? 3.128   10.269  2.534   1.00 37.96  ? 12  ASP A CG  1 
ATOM   84  O OD1 . ASP A 1 12 ? 2.255   11.023  2.070   1.00 40.50  ? 12  ASP A OD1 1 
ATOM   85  O OD2 . ASP A 1 12 ? 4.225   10.075  1.981   1.00 45.66  ? 12  ASP A OD2 1 
HETATM 86  O O   . 0JY A 1 13 ? 1.576   4.670   0.101   1.00 21.26  ? 13  0JY A O   1 
HETATM 87  C C   . 0JY A 1 13 ? 1.876   4.840   1.283   1.00 21.52  ? 13  0JY A C   1 
HETATM 88  C CA  . 0JY A 1 13 ? 3.137   5.621   1.647   1.00 19.71  ? 13  0JY A CA  1 
HETATM 89  N N   . 0JY A 1 13 ? 2.859   6.558   2.739   1.00 21.45  ? 13  0JY A N   1 
HETATM 90  C CB  . 0JY A 1 13 ? 4.212   4.627   2.043   1.00 21.29  ? 13  0JY A CB  1 
HETATM 91  C CAI . 0JY A 1 13 ? 5.618   5.054   1.575   1.00 23.30  ? 13  0JY A CAI 1 
HETATM 92  C CAB . 0JY A 1 13 ? 5.704   5.085   0.043   1.00 25.85  ? 13  0JY A CAB 1 
HETATM 93  C CAC . 0JY A 1 13 ? 6.610   4.014   2.129   1.00 25.68  ? 13  0JY A CAC 1 
HETATM 94  C CAA . 0JY A 1 13 ? 5.998   6.447   2.111   1.00 24.42  ? 13  0JY A CAA 1 
ATOM   95  N N   . GLN A 1 14 ? 1.115   4.383   2.289   1.00 19.79  ? 14  GLN A N   1 
ATOM   96  C CA  . GLN A 1 14 ? -0.141  3.663   2.016   1.00 18.39  ? 14  GLN A CA  1 
ATOM   97  C C   . GLN A 1 14 ? -1.090  4.561   1.189   1.00 20.50  ? 14  GLN A C   1 
ATOM   98  O O   . GLN A 1 14 ? -1.679  4.108   0.199   1.00 21.15  ? 14  GLN A O   1 
ATOM   99  C CB  . GLN A 1 14 ? -0.810  3.267   3.335   1.00 21.10  ? 14  GLN A CB  1 
ATOM   100 C CG  . GLN A 1 14 ? -1.924  2.255   3.168   1.00 22.39  ? 14  GLN A CG  1 
ATOM   101 C CD  . GLN A 1 14 ? -1.445  0.827   3.102   1.00 25.41  ? 14  GLN A CD  1 
ATOM   102 O OE1 . GLN A 1 14 ? -1.626  0.122   2.087   1.00 26.74  ? 14  GLN A OE1 1 
ATOM   103 N NE2 . GLN A 1 14 ? -0.871  0.370   4.201   1.00 23.75  ? 14  GLN A NE2 1 
ATOM   104 N N   . GLU A 1 15 ? -1.189  5.848   1.566   1.00 21.56  ? 15  GLU A N   1 
ATOM   105 C CA  . GLU A 1 15 ? -2.050  6.788   0.853   1.00 21.62  ? 15  GLU A CA  1 
ATOM   106 C C   . GLU A 1 15 ? -1.600  7.027   -0.573  1.00 23.27  ? 15  GLU A C   1 
ATOM   107 O O   . GLU A 1 15 ? -2.451  7.145   -1.457  1.00 24.62  ? 15  GLU A O   1 
ATOM   108 C CB  . GLU A 1 15 ? -2.136  8.112   1.610   1.00 24.21  ? 15  GLU A CB  1 
ATOM   109 C CG  . GLU A 1 15 ? -3.120  8.098   2.746   1.00 30.38  ? 15  GLU A CG  1 
ATOM   110 C CD  . GLU A 1 15 ? -4.549  8.121   2.252   1.00 38.10  ? 15  GLU A CD  1 
ATOM   111 O OE1 . GLU A 1 15 ? -5.000  9.158   1.716   1.00 44.75  ? 15  GLU A OE1 1 
ATOM   112 O OE2 . GLU A 1 15 ? -5.176  7.050   2.305   1.00 32.99  ? 15  GLU A OE2 1 
ATOM   113 N N   . ARG A 1 16 ? -0.277  7.152   -0.797  1.00 21.74  ? 16  ARG A N   1 
ATOM   114 C CA  . ARG A 1 16 ? 0.245   7.370   -2.144  1.00 22.39  ? 16  ARG A CA  1 
ATOM   115 C C   . ARG A 1 16 ? -0.124  6.191   -3.033  1.00 22.54  ? 16  ARG A C   1 
ATOM   116 O O   . ARG A 1 16 ? -0.544  6.405   -4.168  1.00 23.74  ? 16  ARG A O   1 
ATOM   117 C CB  . ARG A 1 16 ? 1.764   7.559   -2.105  1.00 23.90  ? 16  ARG A CB  1 
ATOM   118 C CG  . ARG A 1 16 ? 2.159   8.971   -1.689  1.00 39.27  ? 16  ARG A CG  1 
ATOM   119 C CD  . ARG A 1 16 ? 3.591   9.294   -2.070  1.00 46.69  ? 16  ARG A CD  1 
ATOM   120 N NE  . ARG A 1 16 ? 3.763   9.705   -3.473  1.00 44.62  ? 16  ARG A NE  1 
ATOM   121 C CZ  . ARG A 1 16 ? 4.869   10.287  -3.930  1.00 48.03  ? 16  ARG A CZ  1 
ATOM   122 N NH1 . ARG A 1 16 ? 5.879   10.536  -3.113  1.00 41.26  ? 16  ARG A NH1 1 
ATOM   123 N NH2 . ARG A 1 16 ? 4.971   10.625  -5.208  1.00 40.66  ? 16  ARG A NH2 1 
HETATM 124 O O   . 0JY A 1 17 ? -2.268  3.394   -4.705  1.00 21.87  ? 17  0JY A O   1 
HETATM 125 C C   . 0JY A 1 17 ? -1.843  3.761   -3.613  1.00 20.68  ? 17  0JY A C   1 
HETATM 126 C CA  . 0JY A 1 17 ? -0.344  3.773   -3.346  1.00 18.79  ? 17  0JY A CA  1 
HETATM 127 N N   . 0JY A 1 17 ? 0.010   4.945   -2.532  1.00 18.67  ? 17  0JY A N   1 
HETATM 128 C CB  . 0JY A 1 17 ? 0.054   2.446   -2.688  1.00 19.58  ? 17  0JY A CB  1 
HETATM 129 C CAI . 0JY A 1 17 ? 1.480   1.998   -3.082  1.00 21.14  ? 17  0JY A CAI 1 
HETATM 130 C CAB . 0JY A 1 17 ? 1.598   1.729   -4.584  1.00 24.62  ? 17  0JY A CAB 1 
HETATM 131 C CAC . 0JY A 1 17 ? 1.780   0.726   -2.307  1.00 24.05  ? 17  0JY A CAC 1 
HETATM 132 C CAA . 0JY A 1 17 ? 2.505   3.057   -2.647  1.00 23.27  ? 17  0JY A CAA 1 
ATOM   133 N N   . ARG A 1 18 ? -2.647  4.147   -2.598  1.00 20.00  ? 18  ARG A N   1 
ATOM   134 C CA  . ARG A 1 18 ? -4.099  4.176   -2.755  1.00 20.94  ? 18  ARG A CA  1 
ATOM   135 C C   . ARG A 1 18 ? -4.503  5.139   -3.901  1.00 22.94  ? 18  ARG A C   1 
ATOM   136 O O   . ARG A 1 18 ? -5.309  4.774   -4.760  1.00 25.15  ? 18  ARG A O   1 
ATOM   137 C CB  . ARG A 1 18 ? -4.704  4.600   -1.413  1.00 22.71  ? 18  ARG A CB  1 
ATOM   138 C CG  . ARG A 1 18 ? -6.192  4.778   -1.420  1.00 23.51  ? 18  ARG A CG  1 
ATOM   139 C CD  . ARG A 1 18 ? -6.611  5.392   -0.088  1.00 26.09  ? 18  ARG A CD  1 
ATOM   140 N NE  . ARG A 1 18 ? -8.069  5.493   0.027   1.00 25.83  ? 18  ARG A NE  1 
ATOM   141 C CZ  . ARG A 1 18 ? -8.701  6.244   0.928   1.00 28.04  ? 18  ARG A CZ  1 
ATOM   142 N NH1 . ARG A 1 18 ? -8.011  6.998   1.778   1.00 26.33  ? 18  ARG A NH1 1 
ATOM   143 N NH2 . ARG A 1 18 ? -10.025 6.264   0.970   1.00 27.15  ? 18  ARG A NH2 1 
ATOM   144 N N   . LYS A 1 19 ? -3.880  6.328   -3.955  1.00 21.94  ? 19  LYS A N   1 
ATOM   145 C CA  . LYS A 1 19 ? -4.201  7.319   -4.990  1.00 23.75  ? 19  LYS A CA  1 
ATOM   146 C C   . LYS A 1 19 ? -3.770  6.830   -6.359  1.00 26.46  ? 19  LYS A C   1 
ATOM   147 O O   . LYS A 1 19 ? -4.452  7.099   -7.343  1.00 27.32  ? 19  LYS A O   1 
ATOM   148 C CB  . LYS A 1 19 ? -3.503  8.641   -4.663  1.00 27.06  ? 19  LYS A CB  1 
ATOM   149 C CG  . LYS A 1 19 ? -4.122  9.320   -3.450  1.00 29.48  ? 19  LYS A CG  1 
ATOM   150 C CD  . LYS A 1 19 ? -3.398  10.610  -3.081  1.00 37.33  ? 19  LYS A CD  1 
ATOM   151 C CE  . LYS A 1 19 ? -4.101  11.256  -1.917  1.00 50.38  ? 19  LYS A CE  1 
ATOM   152 N NZ  . LYS A 1 19 ? -3.138  11.705  -0.882  1.00 60.68  ? 19  LYS A NZ  1 
HETATM 153 O O   . 0JY A 1 20 ? -3.419  4.616   -9.416  1.00 31.82  ? 20  0JY A O   1 
HETATM 154 C C   . 0JY A 1 20 ? -3.084  4.561   -8.238  1.00 29.44  ? 20  0JY A C   1 
HETATM 155 C CA  . 0JY A 1 20 ? -2.125  5.625   -7.690  1.00 25.60  ? 20  0JY A CA  1 
HETATM 156 N N   . 0JY A 1 20 ? -2.625  6.139   -6.423  1.00 25.03  ? 20  0JY A N   1 
HETATM 157 C CB  . 0JY A 1 20 ? -0.717  5.112   -7.408  1.00 25.72  ? 20  0JY A CB  1 
HETATM 158 C CAI . 0JY A 1 20 ? 0.283   5.140   -8.572  1.00 29.12  ? 20  0JY A CAI 1 
HETATM 159 C CAB . 0JY A 1 20 ? 1.685   5.031   -7.967  1.00 27.95  ? 20  0JY A CAB 1 
HETATM 160 C CAC . 0JY A 1 20 ? 0.168   6.333   -9.541  1.00 28.85  ? 20  0JY A CAC 1 
HETATM 161 C CAA . 0JY A 1 20 ? 0.007   3.882   -9.392  1.00 36.50  ? 20  0JY A CAA 1 
ATOM   162 N N   . ARG A 1 21 ? -3.574  3.633   -7.374  1.00 25.19  ? 21  ARG A N   1 
ATOM   163 C CA  . ARG A 1 21 ? -4.518  2.602   -7.773  1.00 27.12  ? 21  ARG A CA  1 
ATOM   164 C C   . ARG A 1 21 ? -5.762  3.244   -8.393  1.00 32.62  ? 21  ARG A C   1 
ATOM   165 O O   . ARG A 1 21 ? -6.259  2.753   -9.422  1.00 33.75  ? 21  ARG A O   1 
ATOM   166 C CB  . ARG A 1 21 ? -4.905  1.732   -6.563  1.00 26.94  ? 21  ARG A CB  1 
ATOM   167 C CG  . ARG A 1 21 ? -5.744  0.494   -6.946  1.00 37.75  ? 21  ARG A CG  1 
ATOM   168 C CD  . ARG A 1 21 ? -6.820  0.198   -5.927  1.00 39.67  ? 21  ARG A CD  1 
ATOM   169 N NE  . ARG A 1 21 ? -7.682  -0.917  -6.333  1.00 43.43  ? 21  ARG A NE  1 
ATOM   170 C CZ  . ARG A 1 21 ? -7.644  -2.131  -5.795  1.00 60.65  ? 21  ARG A CZ  1 
ATOM   171 N NH1 . ARG A 1 21 ? -6.761  -2.417  -4.848  1.00 53.39  ? 21  ARG A NH1 1 
ATOM   172 N NH2 . ARG A 1 21 ? -8.484  -3.071  -6.204  1.00 48.04  ? 21  ARG A NH2 1 
ATOM   173 N N   . LYS A 1 22 ? -6.258  4.343   -7.777  1.00 30.04  ? 22  LYS A N   1 
ATOM   174 C CA  . LYS A 1 22 ? -7.467  5.044   -8.245  1.00 32.97  ? 22  LYS A CA  1 
ATOM   175 C C   . LYS A 1 22 ? -7.289  5.657   -9.619  1.00 38.93  ? 22  LYS A C   1 
ATOM   176 O O   . LYS A 1 22 ? -8.278  5.768   -10.368 1.00 42.63  ? 22  LYS A O   1 
ATOM   177 C CB  . LYS A 1 22 ? -7.932  6.104   -7.243  1.00 36.16  ? 22  LYS A CB  1 
ATOM   178 C CG  . LYS A 1 22 ? -8.476  5.519   -5.960  1.00 41.63  ? 22  LYS A CG  1 
ATOM   179 C CD  . LYS A 1 22 ? -9.370  6.506   -5.252  1.00 52.98  ? 22  LYS A CD  1 
ATOM   180 C CE  . LYS A 1 22 ? -9.226  6.331   -3.771  1.00 54.87  ? 22  LYS A CE  1 
ATOM   181 N NZ  . LYS A 1 22 ? -10.111 7.249   -3.010  1.00 60.17  ? 22  LYS A NZ  1 
ATOM   182 N N   . LYS A 1 23 ? -6.044  6.023   -9.976  1.00 36.14  ? 23  LYS A N   1 
ATOM   183 C CA  . LYS A 1 23 ? -5.726  6.592   -11.295 1.00 40.26  ? 23  LYS A CA  1 
ATOM   184 C C   . LYS A 1 23 ? -5.903  5.567   -12.418 1.00 49.48  ? 23  LYS A C   1 
ATOM   185 O O   . LYS A 1 23 ? -6.297  5.938   -13.527 1.00 53.11  ? 23  LYS A O   1 
ATOM   186 C CB  . LYS A 1 23 ? -4.301  7.181   -11.325 1.00 43.04  ? 23  LYS A CB  1 
ATOM   187 C CG  . LYS A 1 23 ? -4.091  8.400   -10.430 1.00 48.04  ? 23  LYS A CG  1 
ATOM   188 C CD  . LYS A 1 23 ? -4.492  9.711   -11.111 1.00 62.03  ? 23  LYS A CD  1 
ATOM   189 C CE  . LYS A 1 23 ? -5.539  10.452  -10.315 1.00 77.24  ? 23  LYS A CE  1 
HETATM 190 O O   . 0JY A 1 24 ? -7.502  2.294   -14.505 1.00 58.16  ? 24  0JY A O   1 
HETATM 191 C C   . 0JY A 1 24 ? -7.253  2.980   -13.515 1.00 55.99  ? 24  0JY A C   1 
HETATM 192 C CA  . 0JY A 1 24 ? -5.790  3.203   -13.115 1.00 47.51  ? 24  0JY A CA  1 
HETATM 193 N N   . 0JY A 1 24 ? -5.643  4.278   -12.131 1.00 45.38  ? 24  0JY A N   1 
HETATM 194 C CB  . 0JY A 1 24 ? -5.214  1.873   -12.614 1.00 44.55  ? 24  0JY A CB  1 
HETATM 195 C CAI . 0JY A 1 24 ? -3.738  1.662   -13.001 1.00 44.55  ? 24  0JY A CAI 1 
HETATM 196 C CAB . 0JY A 1 24 ? -2.864  2.804   -12.471 1.00 41.12  ? 24  0JY A CAB 1 
HETATM 197 C CAC . 0JY A 1 24 ? -3.604  1.582   -14.529 1.00 48.18  ? 24  0JY A CAC 1 
HETATM 198 C CAA . 0JY A 1 24 ? -3.253  0.348   -12.370 1.00 47.45  ? 24  0JY A CAA 1 
ATOM   199 N N   . ARG A 1 25 ? -8.216  3.555   -12.754 1.00 53.78  ? 25  ARG A N   1 
ATOM   200 C CA  . ARG A 1 25 ? -9.655  3.451   -13.023 1.00 89.73  ? 25  ARG A CA  1 
ATOM   201 C C   . ARG A 1 25 ? -10.177 4.655   -13.806 1.00 120.56 ? 25  ARG A C   1 
ATOM   202 O O   . ARG A 1 25 ? -9.427  5.306   -14.527 1.00 85.55  ? 25  ARG A O   1 
ATOM   203 C CB  . ARG A 1 25 ? -10.451 3.294   -11.719 1.00 88.98  ? 25  ARG A CB  1 
ATOM   204 N N   . GLY B 1 1  ? -3.461  -9.128  -20.124 1.00 46.30  ? 1   GLY B N   1 
ATOM   205 C CA  . GLY B 1 1  ? -3.366  -7.697  -20.386 1.00 45.14  ? 1   GLY B CA  1 
ATOM   206 C C   . GLY B 1 1  ? -2.383  -6.999  -19.476 1.00 45.15  ? 1   GLY B C   1 
ATOM   207 O O   . GLY B 1 1  ? -2.359  -7.258  -18.271 1.00 40.58  ? 1   GLY B O   1 
ATOM   208 N N   . ASN B 1 2  ? -1.580  -6.081  -20.036 1.00 41.96  ? 2   ASN B N   1 
ATOM   209 C CA  . ASN B 1 2  ? -0.599  -5.315  -19.264 1.00 40.65  ? 2   ASN B CA  1 
ATOM   210 C C   . ASN B 1 2  ? -1.225  -4.457  -18.156 1.00 42.76  ? 2   ASN B C   1 
ATOM   211 O O   . ASN B 1 2  ? -0.733  -4.487  -17.032 1.00 42.04  ? 2   ASN B O   1 
ATOM   212 C CB  . ASN B 1 2  ? 0.274   -4.467  -20.181 1.00 46.40  ? 2   ASN B CB  1 
ATOM   213 C CG  . ASN B 1 2  ? 1.683   -4.983  -20.277 1.00 77.49  ? 2   ASN B CG  1 
ATOM   214 O OD1 . ASN B 1 2  ? 2.540   -4.683  -19.435 1.00 76.40  ? 2   ASN B OD1 1 
ATOM   215 N ND2 . ASN B 1 2  ? 1.939   -5.808  -21.278 1.00 68.41  ? 2   ASN B ND2 1 
ATOM   216 N N   . ALA B 1 3  ? -2.316  -3.715  -18.472 1.00 39.61  ? 3   ALA B N   1 
ATOM   217 C CA  . ALA B 1 3  ? -3.043  -2.851  -17.534 1.00 38.13  ? 3   ALA B CA  1 
ATOM   218 C C   . ALA B 1 3  ? -3.643  -3.680  -16.397 1.00 35.98  ? 3   ALA B C   1 
ATOM   219 O O   . ALA B 1 3  ? -3.589  -3.260  -15.250 1.00 34.76  ? 3   ALA B O   1 
ATOM   220 C CB  . ALA B 1 3  ? -4.150  -2.096  -18.255 1.00 41.49  ? 3   ALA B CB  1 
ATOM   221 N N   . ASP B 1 4  ? -4.235  -4.850  -16.731 1.00 33.61  ? 4   ASP B N   1 
ATOM   222 C CA  . ASP B 1 4  ? -4.813  -5.743  -15.715 1.00 30.73  ? 4   ASP B CA  1 
ATOM   223 C C   . ASP B 1 4  ? -3.745  -6.277  -14.783 1.00 30.91  ? 4   ASP B C   1 
ATOM   224 O O   . ASP B 1 4  ? -3.953  -6.283  -13.565 1.00 28.35  ? 4   ASP B O   1 
ATOM   225 C CB  . ASP B 1 4  ? -5.569  -6.908  -16.378 1.00 32.65  ? 4   ASP B CB  1 
ATOM   226 C CG  . ASP B 1 4  ? -6.830  -6.489  -17.098 1.00 42.59  ? 4   ASP B CG  1 
ATOM   227 O OD1 . ASP B 1 4  ? -7.386  -5.422  -16.751 1.00 43.76  ? 4   ASP B OD1 1 
ATOM   228 O OD2 . ASP B 1 4  ? -7.274  -7.235  -17.991 1.00 42.94  ? 4   ASP B OD2 1 
ATOM   229 N N   . GLU B 1 5  ? -2.590  -6.717  -15.331 1.00 27.98  ? 5   GLU B N   1 
ATOM   230 C CA  . GLU B 1 5  ? -1.500  -7.194  -14.482 1.00 27.60  ? 5   GLU B CA  1 
ATOM   231 C C   . GLU B 1 5  ? -0.917  -6.065  -13.623 1.00 30.28  ? 5   GLU B C   1 
ATOM   232 O O   . GLU B 1 5  ? -0.537  -6.314  -12.489 1.00 28.80  ? 5   GLU B O   1 
ATOM   233 C CB  . GLU B 1 5  ? -0.421  -7.968  -15.265 1.00 30.31  ? 5   GLU B CB  1 
ATOM   234 C CG  . GLU B 1 5  ? -0.922  -9.282  -15.860 1.00 36.33  ? 5   GLU B CG  1 
ATOM   235 C CD  . GLU B 1 5  ? -1.441  -10.341 -14.897 1.00 43.20  ? 5   GLU B CD  1 
ATOM   236 O OE1 . GLU B 1 5  ? -0.783  -10.602 -13.864 1.00 34.90  ? 5   GLU B OE1 1 
ATOM   237 O OE2 . GLU B 1 5  ? -2.493  -10.944 -15.201 1.00 40.43  ? 5   GLU B OE2 1 
HETATM 238 O O   . 0JY B 1 6  ? -0.923  -3.276  -11.095 1.00 27.20  ? 6   0JY B O   1 
HETATM 239 C C   . 0JY B 1 6  ? -1.371  -3.419  -12.226 1.00 29.02  ? 6   0JY B C   1 
HETATM 240 C CA  . 0JY B 1 6  ? -0.415  -3.660  -13.389 1.00 27.60  ? 6   0JY B CA  1 
HETATM 241 N N   . 0JY B 1 6  ? -0.885  -4.823  -14.143 1.00 28.39  ? 6   0JY B N   1 
HETATM 242 C CB  . 0JY B 1 6  ? -0.421  -2.378  -14.265 1.00 32.69  ? 6   0JY B CB  1 
HETATM 243 C CAI . 0JY B 1 6  ? 0.987   -1.778  -14.419 1.00 37.76  ? 6   0JY B CAI 1 
HETATM 244 C CAB . 0JY B 1 6  ? 1.514   -1.268  -13.081 1.00 38.87  ? 6   0JY B CAB 1 
HETATM 245 C CAC . 0JY B 1 6  ? 0.920   -0.613  -15.422 1.00 37.14  ? 6   0JY B CAC 1 
HETATM 246 C CAA . 0JY B 1 6  ? 1.943   -2.841  -14.977 1.00 43.41  ? 6   0JY B CAA 1 
ATOM   247 N N   . TYR B 1 7  ? -2.687  -3.396  -12.490 1.00 27.90  ? 7   TYR B N   1 
ATOM   248 C CA  . TYR B 1 7  ? -3.703  -3.169  -11.456 1.00 28.97  ? 7   TYR B CA  1 
ATOM   249 C C   . TYR B 1 7  ? -3.587  -4.205  -10.343 1.00 29.14  ? 7   TYR B C   1 
ATOM   250 O O   . TYR B 1 7  ? -3.585  -3.843  -9.157  1.00 27.24  ? 7   TYR B O   1 
ATOM   251 C CB  . TYR B 1 7  ? -5.107  -3.164  -12.091 1.00 32.97  ? 7   TYR B CB  1 
ATOM   252 C CG  . TYR B 1 7  ? -6.277  -3.277  -11.133 1.00 38.61  ? 7   TYR B CG  1 
ATOM   253 C CD1 . TYR B 1 7  ? -6.786  -2.150  -10.486 1.00 42.98  ? 7   TYR B CD1 1 
ATOM   254 C CD2 . TYR B 1 7  ? -6.932  -4.489  -10.945 1.00 41.82  ? 7   TYR B CD2 1 
ATOM   255 C CE1 . TYR B 1 7  ? -7.904  -2.238  -9.652  1.00 46.34  ? 7   TYR B CE1 1 
ATOM   256 C CE2 . TYR B 1 7  ? -8.046  -4.591  -10.110 1.00 45.09  ? 7   TYR B CE2 1 
ATOM   257 C CZ  . TYR B 1 7  ? -8.528  -3.463  -9.466  1.00 52.80  ? 7   TYR B CZ  1 
ATOM   258 O OH  . TYR B 1 7  ? -9.630  -3.581  -8.648  1.00 52.31  ? 7   TYR B OH  1 
ATOM   259 N N   . LYS B 1 8  ? -3.416  -5.487  -10.719 1.00 24.98  ? 8   LYS B N   1 
ATOM   260 C CA  . LYS B 1 8  ? -3.304  -6.556  -9.718  1.00 23.15  ? 8   LYS B CA  1 
ATOM   261 C C   . LYS B 1 8  ? -2.035  -6.394  -8.899  1.00 23.87  ? 8   LYS B C   1 
ATOM   262 O O   . LYS B 1 8  ? -2.062  -6.589  -7.686  1.00 23.39  ? 8   LYS B O   1 
ATOM   263 C CB  . LYS B 1 8  ? -3.351  -7.937  -10.380 1.00 25.24  ? 8   LYS B CB  1 
ATOM   264 C CG  . LYS B 1 8  ? -4.746  -8.236  -10.897 1.00 28.00  ? 8   LYS B CG  1 
ATOM   265 C CD  . LYS B 1 8  ? -4.910  -9.606  -11.489 1.00 36.96  ? 8   LYS B CD  1 
ATOM   266 C CE  . LYS B 1 8  ? -6.342  -9.806  -11.934 1.00 55.86  ? 8   LYS B CE  1 
ATOM   267 N NZ  . LYS B 1 8  ? -7.285  -9.948  -10.788 1.00 72.01  ? 8   LYS B NZ  1 
ATOM   268 N N   . GLU B 1 9  ? -0.933  -5.998  -9.555  1.00 21.69  ? 9   GLU B N   1 
ATOM   269 C CA  . GLU B 1 9  ? 0.326   -5.801  -8.840  1.00 21.63  ? 9   GLU B CA  1 
ATOM   270 C C   . GLU B 1 9  ? 0.189   -4.634  -7.859  1.00 23.77  ? 9   GLU B C   1 
ATOM   271 O O   . GLU B 1 9  ? 0.677   -4.741  -6.723  1.00 23.07  ? 9   GLU B O   1 
ATOM   272 C CB  . GLU B 1 9  ? 1.461   -5.491  -9.816  1.00 24.36  ? 9   GLU B CB  1 
ATOM   273 C CG  . GLU B 1 9  ? 2.822   -5.445  -9.146  1.00 30.72  ? 9   GLU B CG  1 
ATOM   274 C CD  . GLU B 1 9  ? 3.389   -6.786  -8.736  1.00 50.11  ? 9   GLU B CD  1 
ATOM   275 O OE1 . GLU B 1 9  ? 4.479   -6.801  -8.120  1.00 39.75  ? 9   GLU B OE1 1 
ATOM   276 O OE2 . GLU B 1 9  ? 2.762   -7.821  -9.061  1.00 42.56  ? 9   GLU B OE2 1 
HETATM 277 O O   . 0JY B 1 10 ? -1.244  -2.432  -5.026  1.00 23.60  ? 10  0JY B O   1 
HETATM 278 C C   . 0JY B 1 10 ? -1.523  -2.829  -6.160  1.00 23.02  ? 10  0JY B C   1 
HETATM 279 C CA  . 0JY B 1 10 ? -0.644  -2.388  -7.363  1.00 21.25  ? 10  0JY B CA  1 
HETATM 280 N N   . 0JY B 1 10 ? -0.475  -3.537  -8.274  1.00 21.38  ? 10  0JY B N   1 
HETATM 281 C CB  . 0JY B 1 10 ? -1.246  -1.144  -8.041  1.00 24.48  ? 10  0JY B CB  1 
HETATM 282 C CAI . 0JY B 1 10 ? -0.172  -0.213  -8.626  1.00 26.54  ? 10  0JY B CAI 1 
HETATM 283 C CAB . 0JY B 1 10 ? -0.885  0.744   -9.576  1.00 28.73  ? 10  0JY B CAB 1 
HETATM 284 C CAC . 0JY B 1 10 ? 0.877   -1.003  -9.415  1.00 28.29  ? 10  0JY B CAC 1 
HETATM 285 C CAA . 0JY B 1 10 ? 0.549   0.540   -7.518  1.00 27.50  ? 10  0JY B CAA 1 
ATOM   286 N N   . GLU B 1 11 ? -2.606  -3.610  -6.391  1.00 21.27  ? 11  GLU B N   1 
ATOM   287 C CA  . GLU B 1 11 ? -3.443  -4.102  -5.295  1.00 21.85  ? 11  GLU B CA  1 
ATOM   288 C C   . GLU B 1 11 ? -2.572  -4.950  -4.340  1.00 23.86  ? 11  GLU B C   1 
ATOM   289 O O   . GLU B 1 11 ? -2.706  -4.846  -3.116  1.00 24.31  ? 11  GLU B O   1 
ATOM   290 C CB  . GLU B 1 11 ? -4.599  -4.907  -5.888  1.00 25.76  ? 11  GLU B CB  1 
ATOM   291 C CG  . GLU B 1 11 ? -5.473  -5.669  -4.911  1.00 36.48  ? 11  GLU B CG  1 
ATOM   292 C CD  . GLU B 1 11 ? -6.681  -6.249  -5.629  1.00 47.13  ? 11  GLU B CD  1 
ATOM   293 O OE1 . GLU B 1 11 ? -6.536  -6.669  -6.801  1.00 40.69  ? 11  GLU B OE1 1 
ATOM   294 O OE2 . GLU B 1 11 ? -7.791  -6.185  -5.055  1.00 46.68  ? 11  GLU B OE2 1 
ATOM   295 N N   . ASP B 1 12 ? -1.690  -5.794  -4.895  1.00 21.11  ? 12  ASP B N   1 
ATOM   296 C CA  . ASP B 1 12 ? -0.827  -6.649  -4.064  1.00 20.63  ? 12  ASP B CA  1 
ATOM   297 C C   . ASP B 1 12 ? 0.169   -5.810  -3.262  1.00 21.36  ? 12  ASP B C   1 
ATOM   298 O O   . ASP B 1 12 ? 0.413   -6.128  -2.100  1.00 22.09  ? 12  ASP B O   1 
ATOM   299 C CB  . ASP B 1 12 ? -0.126  -7.708  -4.913  1.00 22.99  ? 12  ASP B CB  1 
ATOM   300 C CG  . ASP B 1 12 ? -1.112  -8.711  -5.468  1.00 27.09  ? 12  ASP B CG  1 
ATOM   301 O OD1 . ASP B 1 12 ? -2.298  -8.686  -5.031  1.00 31.09  ? 12  ASP B OD1 1 
ATOM   302 O OD2 . ASP B 1 12 ? -0.707  -9.520  -6.312  1.00 34.13  ? 12  ASP B OD2 1 
HETATM 303 O O   . 0JY B 1 13 ? 1.407   -3.029  -0.867  1.00 20.14  ? 13  0JY B O   1 
HETATM 304 C C   . 0JY B 1 13 ? 0.864   -3.160  -1.961  1.00 21.21  ? 13  0JY B C   1 
HETATM 305 C CA  . 0JY B 1 13 ? 1.634   -3.838  -3.112  1.00 19.43  ? 13  0JY B CA  1 
HETATM 306 N N   . 0JY B 1 13 ? 0.710   -4.720  -3.857  1.00 20.62  ? 13  0JY B N   1 
HETATM 307 C CB  . 0JY B 1 13 ? 2.200   -2.756  -4.036  1.00 19.02  ? 13  0JY B CB  1 
HETATM 308 C CAI . 0JY B 1 13 ? 3.588   -3.114  -4.588  1.00 21.76  ? 13  0JY B CAI 1 
HETATM 309 C CAB . 0JY B 1 13 ? 4.651   -3.087  -3.478  1.00 23.10  ? 13  0JY B CAB 1 
HETATM 310 C CAC . 0JY B 1 13 ? 3.907   -2.074  -5.658  1.00 25.40  ? 13  0JY B CAC 1 
HETATM 311 C CAA . 0JY B 1 13 ? 3.573   -4.501  -5.231  1.00 24.84  ? 13  0JY B CAA 1 
ATOM   312 N N   . GLN B 1 14 ? -0.386  -2.734  -2.192  1.00 19.62  ? 14  GLN B N   1 
ATOM   313 C CA  . GLN B 1 14 ? -1.165  -2.134  -1.100  1.00 19.37  ? 14  GLN B CA  1 
ATOM   314 C C   . GLN B 1 14 ? -1.283  -3.135  0.059   1.00 21.40  ? 14  GLN B C   1 
ATOM   315 O O   . GLN B 1 14 ? -1.090  -2.761  1.223   1.00 22.95  ? 14  GLN B O   1 
ATOM   316 C CB  . GLN B 1 14 ? -2.555  -1.723  -1.575  1.00 21.53  ? 14  GLN B CB  1 
ATOM   317 C CG  . GLN B 1 14 ? -2.533  -0.546  -2.492  1.00 24.72  ? 14  GLN B CG  1 
ATOM   318 C CD  . GLN B 1 14 ? -3.950  -0.237  -2.878  1.00 32.07  ? 14  GLN B CD  1 
ATOM   319 O OE1 . GLN B 1 14 ? -4.562  -0.956  -3.683  1.00 33.41  ? 14  GLN B OE1 1 
ATOM   320 N NE2 . GLN B 1 14 ? -4.536  0.727   -2.201  1.00 31.66  ? 14  GLN B NE2 1 
ATOM   321 N N   . GLU B 1 15 ? -1.600  -4.405  -0.261  1.00 20.51  ? 15  GLU B N   1 
ATOM   322 C CA  . GLU B 1 15 ? -1.759  -5.435  0.740   1.00 22.65  ? 15  GLU B CA  1 
ATOM   323 C C   . GLU B 1 15 ? -0.448  -5.755  1.454   1.00 23.80  ? 15  GLU B C   1 
ATOM   324 O O   . GLU B 1 15 ? -0.460  -5.959  2.675   1.00 23.80  ? 15  GLU B O   1 
ATOM   325 C CB  . GLU B 1 15 ? -2.423  -6.681  0.135   1.00 25.14  ? 15  GLU B CB  1 
ATOM   326 C CG  . GLU B 1 15 ? -2.818  -7.732  1.163   1.00 33.29  ? 15  GLU B CG  1 
ATOM   327 C CD  . GLU B 1 15 ? -3.709  -7.297  2.319   1.00 47.79  ? 15  GLU B CD  1 
ATOM   328 O OE1 . GLU B 1 15 ? -4.387  -6.246  2.216   1.00 32.07  ? 15  GLU B OE1 1 
ATOM   329 O OE2 . GLU B 1 15 ? -3.706  -8.006  3.350   1.00 49.59  ? 15  GLU B OE2 1 
ATOM   330 N N   . ARG B 1 16 ? 0.675   -5.764  0.717   1.00 22.43  ? 16  ARG B N   1 
ATOM   331 C CA  . ARG B 1 16 ? 1.976   -6.000  1.306   1.00 22.48  ? 16  ARG B CA  1 
ATOM   332 C C   . ARG B 1 16 ? 2.249   -4.913  2.368   1.00 23.43  ? 16  ARG B C   1 
ATOM   333 O O   . ARG B 1 16 ? 2.729   -5.235  3.457   1.00 24.38  ? 16  ARG B O   1 
ATOM   334 C CB  . ARG B 1 16 ? 3.065   -5.967  0.198   1.00 24.29  ? 16  ARG B CB  1 
ATOM   335 C CG  . ARG B 1 16 ? 4.467   -6.267  0.696   1.00 29.57  ? 16  ARG B CG  1 
ATOM   336 C CD  . ARG B 1 16 ? 4.718   -7.770  0.839   1.00 32.77  ? 16  ARG B CD  1 
ATOM   337 N NE  . ARG B 1 16 ? 6.153   -8.057  0.879   1.00 39.42  ? 16  ARG B NE  1 
ATOM   338 C CZ  . ARG B 1 16 ? 6.889   -8.065  1.985   1.00 57.33  ? 16  ARG B CZ  1 
ATOM   339 N NH1 . ARG B 1 16 ? 6.334   -7.805  3.163   1.00 46.26  ? 16  ARG B NH1 1 
ATOM   340 N NH2 . ARG B 1 16 ? 8.185   -8.326  1.921   1.00 45.69  ? 16  ARG B NH2 1 
HETATM 341 O O   . 0JY B 1 17 ? 1.625   -2.578  5.376   1.00 24.57  ? 17  0JY B O   1 
HETATM 342 C C   . 0JY B 1 17 ? 1.175   -2.789  4.252   1.00 23.37  ? 17  0JY B C   1 
HETATM 343 C CA  . 0JY B 1 17 ? 2.099   -2.581  3.062   1.00 19.66  ? 17  0JY B CA  1 
HETATM 344 N N   . 0JY B 1 17 ? 1.889   -3.647  2.076   1.00 19.93  ? 17  0JY B N   1 
HETATM 345 C CB  . 0JY B 1 17 ? 1.831   -1.177  2.493   1.00 21.84  ? 17  0JY B CB  1 
HETATM 346 C CAI . 0JY B 1 17 ? 3.107   -0.491  1.957   1.00 21.48  ? 17  0JY B CAI 1 
HETATM 347 C CAB . 0JY B 1 17 ? 4.145   -0.321  3.069   1.00 24.23  ? 17  0JY B CAB 1 
HETATM 348 C CAC . 0JY B 1 17 ? 2.711   0.900   1.435   1.00 25.18  ? 17  0JY B CAC 1 
HETATM 349 C CAA . 0JY B 1 17 ? 3.735   -1.309  0.835   1.00 21.93  ? 17  0JY B CAA 1 
ATOM   350 N N   . ARG B 1 18 ? -0.105  -3.184  4.020   1.00 21.35  ? 18  ARG B N   1 
ATOM   351 C CA  . ARG B 1 18 ? -1.027  -3.409  5.136   1.00 22.19  ? 18  ARG B CA  1 
ATOM   352 C C   . ARG B 1 18 ? -0.509  -4.465  6.091   1.00 27.10  ? 18  ARG B C   1 
ATOM   353 O O   . ARG B 1 18 ? -0.578  -4.289  7.319   1.00 28.14  ? 18  ARG B O   1 
ATOM   354 C CB  . ARG B 1 18 ? -2.427  -3.797  4.644   1.00 24.56  ? 18  ARG B CB  1 
ATOM   355 C CG  . ARG B 1 18 ? -3.143  -2.614  4.034   1.00 29.12  ? 18  ARG B CG  1 
ATOM   356 C CD  . ARG B 1 18 ? -4.602  -2.945  3.851   1.00 29.76  ? 18  ARG B CD  1 
ATOM   357 N NE  . ARG B 1 18 ? -5.194  -2.019  2.893   1.00 33.38  ? 18  ARG B NE  1 
ATOM   358 C CZ  . ARG B 1 18 ? -5.377  -2.298  1.611   1.00 39.49  ? 18  ARG B CZ  1 
ATOM   359 N NH1 . ARG B 1 18 ? -5.058  -3.495  1.130   1.00 35.93  ? 18  ARG B NH1 1 
ATOM   360 N NH2 . ARG B 1 18 ? -5.904  -1.392  0.801   1.00 38.32  ? 18  ARG B NH2 1 
ATOM   361 N N   . LYS B 1 19 ? 0.022   -5.560  5.531   1.00 24.92  ? 19  LYS B N   1 
ATOM   362 C CA  . LYS B 1 19 ? 0.533   -6.669  6.363   1.00 26.21  ? 19  LYS B CA  1 
ATOM   363 C C   . LYS B 1 19 ? 1.809   -6.269  7.096   1.00 29.22  ? 19  LYS B C   1 
ATOM   364 O O   . LYS B 1 19 ? 1.980   -6.625  8.267   1.00 30.64  ? 19  LYS B O   1 
ATOM   365 C CB  . LYS B 1 19 ? 0.775   -7.924  5.519   1.00 28.95  ? 19  LYS B CB  1 
ATOM   366 C CG  . LYS B 1 19 ? -0.495  -8.512  4.909   1.00 41.55  ? 19  LYS B CG  1 
ATOM   367 C CD  . LYS B 1 19 ? -0.328  -9.985  4.574   1.00 57.01  ? 19  LYS B CD  1 
ATOM   368 C CE  . LYS B 1 19 ? -1.658  -10.649 4.315   1.00 66.85  ? 19  LYS B CE  1 
ATOM   369 N NZ  . LYS B 1 19 ? -1.561  -12.128 4.405   1.00 77.22  ? 19  LYS B NZ  1 
HETATM 370 O O   . 0JY B 1 20 ? 4.082   -4.351  9.362   1.00 32.28  ? 20  0JY B O   1 
HETATM 371 C C   . 0JY B 1 20 ? 3.559   -4.147  8.260   1.00 31.25  ? 20  0JY B C   1 
HETATM 372 C CA  . 0JY B 1 20 ? 3.935   -5.024  7.061   1.00 27.51  ? 20  0JY B CA  1 
HETATM 373 N N   . 0JY B 1 20 ? 2.699   -5.506  6.424   1.00 25.65  ? 20  0JY B N   1 
HETATM 374 C CB  . 0JY B 1 20 ? 4.724   -4.203  6.026   1.00 25.00  ? 20  0JY B CB  1 
HETATM 375 C CAI . 0JY B 1 20 ? 6.109   -3.684  6.437   1.00 27.80  ? 20  0JY B CAI 1 
HETATM 376 C CAB . 0JY B 1 20 ? 6.879   -4.677  7.321   1.00 30.84  ? 20  0JY B CAB 1 
HETATM 377 C CAC . 0JY B 1 20 ? 5.983   -2.349  7.179   1.00 29.85  ? 20  0JY B CAC 1 
HETATM 378 C CAA . 0JY B 1 20 ? 6.898   -3.447  5.140   1.00 30.85  ? 20  0JY B CAA 1 
ATOM   379 N N   . ARG B 1 21 ? 2.615   -3.209  8.058   1.00 27.33  ? 21  ARG B N   1 
ATOM   380 C CA  . ARG B 1 21 ? 2.136   -2.292  9.099   1.00 28.28  ? 21  ARG B CA  1 
ATOM   381 C C   . ARG B 1 21 ? 1.457   -3.004  10.248  1.00 33.68  ? 21  ARG B C   1 
ATOM   382 O O   . ARG B 1 21 ? 1.695   -2.634  11.392  1.00 36.57  ? 21  ARG B O   1 
ATOM   383 C CB  . ARG B 1 21 ? 1.232   -1.227  8.523   1.00 26.01  ? 21  ARG B CB  1 
ATOM   384 C CG  . ARG B 1 21 ? 2.001   -0.336  7.544   1.00 25.84  ? 21  ARG B CG  1 
ATOM   385 C CD  . ARG B 1 21 ? 1.097   0.672   6.904   1.00 28.45  ? 21  ARG B CD  1 
ATOM   386 N NE  . ARG B 1 21 ? 0.683   1.693   7.864   1.00 30.56  ? 21  ARG B NE  1 
ATOM   387 C CZ  . ARG B 1 21 ? -0.314  2.545   7.662   1.00 36.61  ? 21  ARG B CZ  1 
ATOM   388 N NH1 . ARG B 1 21 ? -1.057  2.459   6.567   1.00 31.17  ? 21  ARG B NH1 1 
ATOM   389 N NH2 . ARG B 1 21 ? -0.594  3.469   8.567   1.00 35.73  ? 21  ARG B NH2 1 
ATOM   390 N N   . LYS B 1 22 ? 0.626   -4.027  9.944   1.00 30.53  ? 22  LYS B N   1 
ATOM   391 C CA  . LYS B 1 22 ? -0.058  -4.842  10.962  1.00 32.97  ? 22  LYS B CA  1 
ATOM   392 C C   . LYS B 1 22 ? 0.982   -5.544  11.845  1.00 40.11  ? 22  LYS B C   1 
ATOM   393 O O   . LYS B 1 22 ? 0.803   -5.591  13.066  1.00 40.77  ? 22  LYS B O   1 
ATOM   394 C CB  . LYS B 1 22 ? -1.023  -5.845  10.291  1.00 34.47  ? 22  LYS B CB  1 
ATOM   395 C CG  . LYS B 1 22 ? -1.852  -6.682  11.288  1.00 40.73  ? 22  LYS B CG  1 
ATOM   396 C CD  . LYS B 1 22 ? -2.807  -7.622  10.552  1.00 48.45  ? 22  LYS B CD  1 
ATOM   397 C CE  . LYS B 1 22 ? -3.499  -8.593  11.487  1.00 59.18  ? 22  LYS B CE  1 
ATOM   398 N NZ  . LYS B 1 22 ? -4.549  -7.925  12.299  1.00 74.02  ? 22  LYS B NZ  1 
ATOM   399 N N   . LYS B 1 23 ? 2.085   -6.046  11.244  1.00 36.18  ? 23  LYS B N   1 
ATOM   400 C CA  . LYS B 1 23 ? 3.176   -6.708  11.985  1.00 39.71  ? 23  LYS B CA  1 
ATOM   401 C C   . LYS B 1 23 ? 3.899   -5.755  12.951  1.00 43.39  ? 23  LYS B C   1 
ATOM   402 O O   . LYS B 1 23 ? 4.183   -6.139  14.094  1.00 45.82  ? 23  LYS B O   1 
ATOM   403 C CB  . LYS B 1 23 ? 4.182   -7.354  11.016  1.00 43.73  ? 23  LYS B CB  1 
HETATM 404 O O   . 0JY B 1 24 ? 4.429   -2.763  15.581  1.00 47.28  ? 24  0JY B O   1 
HETATM 405 C C   . 0JY B 1 24 ? 3.933   -3.004  14.472  1.00 45.68  ? 24  0JY B C   1 
HETATM 406 C CA  . 0JY B 1 24 ? 4.834   -3.479  13.320  1.00 40.22  ? 24  0JY B CA  1 
HETATM 407 N N   . 0JY B 1 24 ? 4.166   -4.514  12.514  1.00 38.61  ? 24  0JY B N   1 
HETATM 408 C CB  . 0JY B 1 24 ? 5.158   -2.260  12.430  1.00 38.19  ? 24  0JY B CB  1 
HETATM 409 C CAI . 0JY B 1 24 ? 6.635   -2.233  11.987  1.00 38.28  ? 24  0JY B CAI 1 
HETATM 410 C CAB . 0JY B 1 24 ? 6.871   -1.011  11.098  1.00 36.11  ? 24  0JY B CAB 1 
HETATM 411 C CAC . 0JY B 1 24 ? 6.978   -3.495  11.185  1.00 39.46  ? 24  0JY B CAC 1 
HETATM 412 C CAA . 0JY B 1 24 ? 7.554   -2.144  13.208  1.00 43.02  ? 24  0JY B CAA 1 
ATOM   413 N N   . ARG B 1 25 ? 2.616   -2.856  14.205  1.00 43.72  ? 25  ARG B N   1 
ATOM   414 C CA  . ARG B 1 25 ? 1.611   -2.425  15.189  1.00 46.40  ? 25  ARG B CA  1 
ATOM   415 C C   . ARG B 1 25 ? 1.348   -3.522  16.219  1.00 54.46  ? 25  ARG B C   1 
ATOM   416 O O   . ARG B 1 25 ? 1.035   -3.226  17.377  1.00 57.16  ? 25  ARG B O   1 
ATOM   417 C CB  . ARG B 1 25 ? 0.299   -2.032  14.500  1.00 46.10  ? 25  ARG B CB  1 
ATOM   418 C CG  . ARG B 1 25 ? 0.353   -0.698  13.768  1.00 52.97  ? 25  ARG B CG  1 
ATOM   419 C CD  . ARG B 1 25 ? -1.010  -0.314  13.234  1.00 66.42  ? 25  ARG B CD  1 
ATOM   420 N N   . SER B 1 26 ? 1.471   -4.791  15.794  1.00 51.84  ? 26  SER B N   1 
ATOM   421 C CA  . SER B 1 26 ? 1.286   -5.938  16.677  1.00 55.91  ? 26  SER B CA  1 
ATOM   422 C C   . SER B 1 26 ? 2.477   -6.911  16.530  1.00 61.44  ? 26  SER B C   1 
ATOM   423 O O   . SER B 1 26 ? 2.359   -7.921  15.827  1.00 60.00  ? 26  SER B O   1 
ATOM   424 C CB  . SER B 1 26 ? -0.051  -6.617  16.398  1.00 60.11  ? 26  SER B CB  1 
ATOM   425 O OG  . SER B 1 26 ? -1.119  -5.696  16.533  1.00 66.89  ? 26  SER B OG  1 
ATOM   426 N N   . GLY B 1 27 ? 3.654   -6.599  17.141  1.00 59.98  ? 27  GLY B N   1 
ATOM   427 C CA  . GLY B 1 27 ? 3.940   -5.421  17.969  1.00 82.76  ? 27  GLY B CA  1 
ATOM   428 C C   . GLY B 1 27 ? 5.442   -5.154  18.033  1.00 117.16 ? 27  GLY B C   1 
ATOM   429 O O   . GLY B 1 27 ? 6.180   -5.914  18.660  1.00 86.54  ? 27  GLY B O   1 
HETATM 430 O O1  . P6G C 2 .  ? -5.698  11.723  -6.600  1.00 58.36  ? 101 P6G A O1  1 
HETATM 431 C C2  . P6G C 2 .  ? -4.281  11.482  -6.517  1.00 57.81  ? 101 P6G A C2  1 
HETATM 432 C C3  . P6G C 2 .  ? -3.596  11.859  -7.831  1.00 56.04  ? 101 P6G A C3  1 
HETATM 433 O O4  . P6G C 2 .  ? -2.790  10.779  -8.336  1.00 52.74  ? 101 P6G A O4  1 
HETATM 434 C C5  . P6G C 2 .  ? -1.442  11.244  -8.447  1.00 50.07  ? 101 P6G A C5  1 
HETATM 435 C C6  . P6G C 2 .  ? -0.528  10.153  -9.009  1.00 44.68  ? 101 P6G A C6  1 
HETATM 436 O O7  . P6G C 2 .  ? -0.945  9.807   -10.330 1.00 39.39  ? 101 P6G A O7  1 
HETATM 437 C C8  . P6G C 2 .  ? 0.197   9.826   -11.181 1.00 35.71  ? 101 P6G A C8  1 
HETATM 438 C C9  . P6G C 2 .  ? -0.216  9.219   -12.502 1.00 35.27  ? 101 P6G A C9  1 
HETATM 439 O O10 . P6G C 2 .  ? -1.005  10.185  -13.185 1.00 36.48  ? 101 P6G A O10 1 
HETATM 440 C C11 . P6G C 2 .  ? -1.367  9.691   -14.477 1.00 39.12  ? 101 P6G A C11 1 
HETATM 441 C C12 . P6G C 2 .  ? -2.091  10.797  -15.260 1.00 42.26  ? 101 P6G A C12 1 
HETATM 442 O O13 . P6G C 2 .  ? -3.099  11.388  -14.435 1.00 45.13  ? 101 P6G A O13 1 
HETATM 443 C C14 . P6G C 2 .  ? -4.400  11.023  -14.892 1.00 51.87  ? 101 P6G A C14 1 
HETATM 444 C C15 . P6G C 2 .  ? -5.345  12.215  -14.719 1.00 54.31  ? 101 P6G A C15 1 
HETATM 445 O O16 . P6G C 2 .  ? -6.452  11.816  -13.907 1.00 56.05  ? 101 P6G A O16 1 
HETATM 446 C C   . ACE D 3 .  ? -2.512  -10.173 -19.897 1.00 41.40  ? 101 ACE B C   1 
HETATM 447 O O   . ACE D 3 .  ? -1.506  -10.056 -20.599 1.00 43.94  ? 101 ACE B O   1 
HETATM 448 C CH3 . ACE D 3 .  ? -2.615  -11.321 -18.901 1.00 42.44  ? 101 ACE B CH3 1 
HETATM 449 C C1  . PEG E 4 .  ? -5.706  -3.207  -1.959  1.00 45.22  ? 102 PEG B C1  1 
HETATM 450 O O1  . PEG E 4 .  ? -5.024  -4.411  -1.657  1.00 38.04  ? 102 PEG B O1  1 
HETATM 451 C C2  . PEG E 4 .  ? -7.219  -3.395  -1.863  1.00 52.40  ? 102 PEG B C2  1 
HETATM 452 O O2  . PEG E 4 .  ? -7.718  -2.176  -1.304  1.00 57.13  ? 102 PEG B O2  1 
HETATM 453 C C3  . PEG E 4 .  ? -7.706  -1.120  -2.278  1.00 59.54  ? 102 PEG B C3  1 
HETATM 454 C C4  . PEG E 4 .  ? -7.535  0.215   -1.564  1.00 58.84  ? 102 PEG B C4  1 
HETATM 455 O O4  . PEG E 4 .  ? -7.742  1.267   -2.496  1.00 56.82  ? 102 PEG B O4  1 
HETATM 456 O O   . HOH F 5 .  ? 6.826   8.879   10.515  1.00 36.73  ? 201 HOH A O   1 
HETATM 457 O O   . HOH F 5 .  ? -3.844  4.216   14.698  1.00 63.54  ? 202 HOH A O   1 
HETATM 458 O O   . HOH F 5 .  ? -3.121  1.685   0.066   1.00 26.23  ? 203 HOH A O   1 
HETATM 459 O O   . HOH F 5 .  ? -4.135  4.653   2.695   1.00 33.54  ? 204 HOH A O   1 
HETATM 460 O O   . HOH F 5 .  ? -7.438  8.514   -2.139  1.00 38.37  ? 205 HOH A O   1 
HETATM 461 O O   . HOH F 5 .  ? -0.537  10.923  -0.837  1.00 51.02  ? 206 HOH A O   1 
HETATM 462 O O   . HOH F 5 .  ? -6.221  9.192   -7.233  1.00 42.54  ? 207 HOH A O   1 
HETATM 463 O O   . HOH F 5 .  ? 0.791   2.796   16.323  1.00 67.62  ? 208 HOH A O   1 
HETATM 464 O O   . HOH F 5 .  ? 4.612   9.031   13.042  1.00 45.34  ? 209 HOH A O   1 
HETATM 465 O O   . HOH F 5 .  ? 7.726   12.302  -4.289  1.00 42.91  ? 210 HOH A O   1 
HETATM 466 O O   . HOH F 5 .  ? 0.335   8.799   -5.521  1.00 42.40  ? 211 HOH A O   1 
HETATM 467 O O   . HOH F 5 .  ? 5.965   12.215  6.817   1.00 55.68  ? 212 HOH A O   1 
HETATM 468 O O   . HOH F 5 .  ? -1.219  4.362   15.384  1.00 55.64  ? 213 HOH A O   1 
HETATM 469 O O   . HOH F 5 .  ? 14.532  5.877   16.048  1.00 45.66  ? 214 HOH A O   1 
HETATM 470 O O   . HOH F 5 .  ? -12.728 8.003   -2.481  1.00 69.13  ? 215 HOH A O   1 
HETATM 471 O O   . HOH G 5 .  ? 9.566   -6.842  12.240  1.00 91.95  ? 201 HOH B O   1 
HETATM 472 O O   . HOH G 5 .  ? -1.245  -11.807 -11.189 1.00 34.53  ? 202 HOH B O   1 
HETATM 473 O O   . HOH G 5 .  ? -7.741  -8.456  -8.417  1.00 44.47  ? 203 HOH B O   1 
HETATM 474 O O   . HOH G 5 .  ? -7.346  2.900   -4.183  1.00 40.23  ? 204 HOH B O   1 
HETATM 475 O O   . HOH G 5 .  ? -4.323  -11.720 -13.583 1.00 46.02  ? 205 HOH B O   1 
HETATM 476 O O   . HOH G 5 .  ? -2.750  -2.566  8.046   1.00 35.27  ? 206 HOH B O   1 
HETATM 477 O O   . HOH G 5 .  ? -0.699  -10.027 -9.243  1.00 39.53  ? 207 HOH B O   1 
HETATM 478 O O   . HOH G 5 .  ? -4.873  -10.472 -16.324 1.00 38.88  ? 208 HOH B O   1 
HETATM 479 O O   . HOH G 5 .  ? -6.075  -9.546  -18.564 1.00 39.82  ? 209 HOH B O   1 
HETATM 480 O O   . HOH G 5 .  ? 0.232   -8.896  -1.467  1.00 37.35  ? 210 HOH B O   1 
HETATM 481 O O   . HOH G 5 .  ? -8.805  -11.280 -8.068  1.00 46.09  ? 211 HOH B O   1 
HETATM 482 O O   . HOH G 5 .  ? -10.211 -8.411  -9.609  1.00 52.24  ? 212 HOH B O   1 
HETATM 483 O O   . HOH G 5 .  ? 1.586   -10.022 0.684   1.00 49.75  ? 213 HOH B O   1 
HETATM 484 O O   . HOH G 5 .  ? 3.602   0.793   12.556  1.00 56.62  ? 214 HOH B O   1 
HETATM 485 O O   . HOH G 5 .  ? 1.521   1.717   11.092  1.00 46.22  ? 215 HOH B O   1 
HETATM 486 O O   . HOH G 5 .  ? -5.274  -5.073  -19.565 1.00 50.32  ? 216 HOH B O   1 
# 
loop_
_atom_site_anisotrop.id 
_atom_site_anisotrop.type_symbol 
_atom_site_anisotrop.pdbx_label_atom_id 
_atom_site_anisotrop.pdbx_label_alt_id 
_atom_site_anisotrop.pdbx_label_comp_id 
_atom_site_anisotrop.pdbx_label_asym_id 
_atom_site_anisotrop.pdbx_label_seq_id 
_atom_site_anisotrop.pdbx_PDB_ins_code 
_atom_site_anisotrop.U[1][1] 
_atom_site_anisotrop.U[2][2] 
_atom_site_anisotrop.U[3][3] 
_atom_site_anisotrop.U[1][2] 
_atom_site_anisotrop.U[1][3] 
_atom_site_anisotrop.U[2][3] 
_atom_site_anisotrop.pdbx_auth_seq_id 
_atom_site_anisotrop.pdbx_auth_comp_id 
_atom_site_anisotrop.pdbx_auth_asym_id 
_atom_site_anisotrop.pdbx_auth_atom_id 
1   N N   . ALA A 3  ? 0.5878 1.0368 0.4318 0.0080  -0.0477 -0.0213 3  ALA A N   
2   C CA  . ALA A 3  ? 0.5594 0.9601 0.4121 0.0096  -0.0299 -0.0281 3  ALA A CA  
3   C C   . ALA A 3  ? 0.5830 0.9639 0.4298 0.0026  -0.0296 -0.0735 3  ALA A C   
4   O O   . ALA A 3  ? 0.5428 0.8762 0.4130 -0.0003 -0.0231 -0.0832 3  ALA A O   
5   C CB  . ALA A 3  ? 0.5810 0.9952 0.4198 0.0205  -0.0134 0.0012  3  ALA A CB  
6   N N   . ASP A 4  ? 0.5555 0.9725 0.3707 0.0010  -0.0368 -0.1026 4  ASP A N   
7   C CA  . ASP A 4  ? 0.5733 0.9671 0.3829 -0.0034 -0.0357 -0.1501 4  ASP A CA  
8   C C   . ASP A 4  ? 0.6098 0.9612 0.4536 -0.0177 -0.0474 -0.1717 4  ASP A C   
9   O O   . ASP A 4  ? 0.6123 0.9189 0.4733 -0.0183 -0.0393 -0.1911 4  ASP A O   
10  C CB  . ASP A 4  ? 0.6524 1.0941 0.4178 -0.0026 -0.0434 -0.1814 4  ASP A CB  
11  C CG  . ASP A 4  ? 0.8476 1.3201 0.5779 0.0134  -0.0242 -0.1769 4  ASP A CG  
12  O OD1 . ASP A 4  ? 0.8271 1.3053 0.5643 0.0223  -0.0093 -0.1341 4  ASP A OD1 
13  O OD2 . ASP A 4  ? 0.9840 1.4779 0.6798 0.0169  -0.0240 -0.2158 4  ASP A OD2 
14  N N   . GLU A 5  ? 0.5522 0.9206 0.4095 -0.0285 -0.0653 -0.1635 5  GLU A N   
15  C CA  . GLU A 5  ? 0.5374 0.8743 0.4307 -0.0441 -0.0765 -0.1782 5  GLU A CA  
16  C C   . GLU A 5  ? 0.4945 0.7885 0.4233 -0.0417 -0.0655 -0.1520 5  GLU A C   
17  O O   . GLU A 5  ? 0.4933 0.7563 0.4522 -0.0527 -0.0697 -0.1620 5  GLU A O   
18  C CB  . GLU A 5  ? 0.5752 0.9552 0.4740 -0.0576 -0.0999 -0.1788 5  GLU A CB  
19  C CG  . GLU A 5  ? 0.7272 1.1453 0.6299 -0.0488 -0.1017 -0.1329 5  GLU A CG  
20  C CD  . GLU A 5  ? 0.9724 1.4501 0.8751 -0.0584 -0.1256 -0.1304 5  GLU A CD  
21  O OE1 . GLU A 5  ? 0.8592 1.3398 0.7780 -0.0785 -0.1435 -0.1599 5  GLU A OE1 
22  O OE2 . GLU A 5  ? 0.8833 1.4055 0.7743 -0.0463 -0.1271 -0.0963 5  GLU A OE2 
23  O O   . 0JY A 6  ? 0.3403 0.5260 0.3129 -0.0179 -0.0213 -0.0899 6  0JY A O   
24  C C   . 0JY A 6  ? 0.3813 0.6006 0.3333 -0.0184 -0.0272 -0.0998 6  0JY A C   
25  C CA  . 0JY A 6  ? 0.3619 0.6169 0.3140 -0.0251 -0.0427 -0.0961 6  0JY A CA  
26  N N   . 0JY A 6  ? 0.3807 0.6733 0.3059 -0.0281 -0.0521 -0.1180 6  0JY A N   
27  C CB  . 0JY A 6  ? 0.3950 0.6661 0.3477 -0.0151 -0.0392 -0.0581 6  0JY A CB  
28  C CAI . 0JY A 6  ? 0.4063 0.6959 0.3806 -0.0191 -0.0502 -0.0449 6  0JY A CAI 
29  C CAB . 0JY A 6  ? 0.4600 0.8005 0.4246 -0.0273 -0.0684 -0.0563 6  0JY A CAB 
30  C CAC . 0JY A 6  ? 0.3832 0.6404 0.3872 -0.0283 -0.0502 -0.0539 6  0JY A CAC 
31  C CAA . 0JY A 6  ? 0.4221 0.7145 0.4003 -0.0045 -0.0421 -0.0083 6  0JY A CAA 
32  N N   . TYR A 7  ? 0.3704 0.6022 0.2995 -0.0126 -0.0203 -0.1134 7  TYR A N   
33  C CA  . TYR A 7  ? 0.3497 0.5563 0.2836 -0.0055 -0.0054 -0.1140 7  TYR A CA  
34  C C   . TYR A 7  ? 0.3848 0.5489 0.3449 -0.0090 -0.0044 -0.1278 7  TYR A C   
35  O O   . TYR A 7  ? 0.3533 0.4951 0.3283 -0.0058 0.0026  -0.1108 7  TYR A O   
36  C CB  . TYR A 7  ? 0.3928 0.6252 0.3011 0.0030  0.0041  -0.1278 7  TYR A CB  
37  C CG  . TYR A 7  ? 0.4182 0.6308 0.3389 0.0108  0.0194  -0.1267 7  TYR A CG  
38  C CD1 . TYR A 7  ? 0.4315 0.6505 0.3567 0.0149  0.0297  -0.0963 7  TYR A CD1 
39  C CD2 . TYR A 7  ? 0.4633 0.6495 0.3973 0.0132  0.0227  -0.1542 7  TYR A CD2 
40  C CE1 . TYR A 7  ? 0.4413 0.6491 0.3829 0.0201  0.0415  -0.0938 7  TYR A CE1 
41  C CE2 . TYR A 7  ? 0.4767 0.6497 0.4276 0.0218  0.0357  -0.1494 7  TYR A CE2 
42  C CZ  . TYR A 7  ? 0.5499 0.7375 0.5044 0.0244  0.0444  -0.1194 7  TYR A CZ  
43  O OH  . TYR A 7  ? 0.5780 0.7609 0.5526 0.0314  0.0553  -0.1139 7  TYR A OH  
44  N N   . LYS A 8  ? 0.3887 0.5416 0.3550 -0.0156 -0.0115 -0.1580 8  LYS A N   
45  C CA  . LYS A 8  ? 0.3691 0.4800 0.3640 -0.0181 -0.0099 -0.1681 8  LYS A CA  
46  C C   . LYS A 8  ? 0.3867 0.4801 0.4051 -0.0233 -0.0125 -0.1419 8  LYS A C   
47  O O   . LYS A 8  ? 0.3724 0.4414 0.4060 -0.0186 -0.0055 -0.1313 8  LYS A O   
48  C CB  . LYS A 8  ? 0.4263 0.5249 0.4276 -0.0271 -0.0190 -0.2041 8  LYS A CB  
49  C CG  . LYS A 8  ? 0.4979 0.5494 0.5315 -0.0273 -0.0151 -0.2138 8  LYS A CG  
50  C CD  . LYS A 8  ? 0.5784 0.6117 0.6158 -0.0332 -0.0209 -0.2556 8  LYS A CD  
51  N N   . GLU A 9  ? 0.3430 0.4544 0.3629 -0.0312 -0.0218 -0.1301 9  GLU A N   
52  C CA  . GLU A 9  ? 0.3042 0.4054 0.3432 -0.0335 -0.0218 -0.1058 9  GLU A CA  
53  C C   . GLU A 9  ? 0.3194 0.4145 0.3497 -0.0225 -0.0119 -0.0834 9  GLU A C   
54  O O   . GLU A 9  ? 0.2732 0.3461 0.3152 -0.0205 -0.0075 -0.0733 9  GLU A O   
55  C CB  . GLU A 9  ? 0.3197 0.4509 0.3616 -0.0399 -0.0315 -0.0958 9  GLU A CB  
56  C CG  . GLU A 9  ? 0.4275 0.5678 0.4861 -0.0561 -0.0451 -0.1151 9  GLU A CG  
57  C CD  . GLU A 9  ? 0.7674 0.8913 0.8623 -0.0669 -0.0469 -0.1065 9  GLU A CD  
58  O OE1 . GLU A 9  ? 0.5967 0.6863 0.7042 -0.0642 -0.0383 -0.1027 9  GLU A OE1 
59  O OE2 . GLU A 9  ? 0.8580 1.0075 0.9709 -0.0785 -0.0572 -0.1022 9  GLU A OE2 
60  O O   . 0JY A 10 ? 0.2730 0.3439 0.2873 -0.0048 0.0079  -0.0468 10 0JY A O   
61  C C   . 0JY A 10 ? 0.2836 0.3713 0.2929 -0.0063 0.0053  -0.0588 10 0JY A C   
62  C CA  . 0JY A 10 ? 0.2581 0.3640 0.2635 -0.0090 -0.0015 -0.0547 10 0JY A CA  
63  N N   . 0JY A 10 ? 0.2688 0.3840 0.2785 -0.0162 -0.0091 -0.0749 10 0JY A N   
64  C CB  . 0JY A 10 ? 0.2882 0.4179 0.2775 -0.0040 0.0000  -0.0396 10 0JY A CB  
65  C CAI . 0JY A 10 ? 0.2913 0.4314 0.2841 -0.0014 -0.0039 -0.0224 10 0JY A CAI 
66  C CAB . 0JY A 10 ? 0.3017 0.4544 0.3071 -0.0085 -0.0134 -0.0321 10 0JY A CAB 
67  C CAC . 0JY A 10 ? 0.3151 0.4267 0.3155 0.0037  0.0019  -0.0087 10 0JY A CAC 
68  C CAA . 0JY A 10 ? 0.3356 0.5047 0.3141 0.0044  -0.0038 -0.0068 10 0JY A CAA 
69  N N   . GLU A 11 ? 0.2836 0.3767 0.2912 -0.0050 0.0080  -0.0766 11 GLU A N   
70  C CA  . GLU A 11 ? 0.2698 0.3515 0.2874 -0.0001 0.0149  -0.0797 11 GLU A CA  
71  C C   . GLU A 11 ? 0.2978 0.3525 0.3360 -0.0015 0.0122  -0.0781 11 GLU A C   
72  O O   . GLU A 11 ? 0.2981 0.3445 0.3446 0.0010  0.0141  -0.0668 11 GLU A O   
73  C CB  . GLU A 11 ? 0.3036 0.3974 0.3163 0.0054  0.0204  -0.1018 11 GLU A CB  
74  C CG  . GLU A 11 ? 0.3823 0.4685 0.4113 0.0137  0.0290  -0.1038 11 GLU A CG  
75  C CD  . GLU A 11 ? 0.5729 0.6751 0.6041 0.0159  0.0354  -0.0834 11 GLU A CD  
76  O OE1 . GLU A 11 ? 0.3747 0.4925 0.3920 0.0118  0.0356  -0.0691 11 GLU A OE1 
77  O OE2 . GLU A 11 ? 0.4603 0.5595 0.5109 0.0209  0.0395  -0.0797 11 GLU A OE2 
78  N N   . ASP A 12 ? 0.2690 0.3135 0.3166 -0.0069 0.0066  -0.0870 12 ASP A N   
79  C CA  . ASP A 12 ? 0.2680 0.2896 0.3369 -0.0086 0.0051  -0.0800 12 ASP A CA  
80  C C   . ASP A 12 ? 0.2724 0.2936 0.3364 -0.0084 0.0046  -0.0580 12 ASP A C   
81  O O   . ASP A 12 ? 0.2748 0.2857 0.3463 -0.0053 0.0057  -0.0476 12 ASP A O   
82  C CB  . ASP A 12 ? 0.3093 0.3223 0.3935 -0.0179 -0.0007 -0.0900 12 ASP A CB  
83  C CG  . ASP A 12 ? 0.4470 0.4400 0.5555 -0.0206 -0.0008 -0.0752 12 ASP A CG  
84  O OD1 . ASP A 12 ? 0.4800 0.4548 0.6039 -0.0147 0.0027  -0.0737 12 ASP A OD1 
85  O OD2 . ASP A 12 ? 0.5406 0.5403 0.6541 -0.0272 -0.0035 -0.0620 12 ASP A OD2 
86  O O   . 0JY A 13 ? 0.2530 0.2687 0.2862 -0.0026 0.0055  -0.0242 13 0JY A O   
87  C C   . 0JY A 13 ? 0.2527 0.2773 0.2876 -0.0041 0.0063  -0.0313 13 0JY A C   
88  C CA  . 0JY A 13 ? 0.2251 0.2553 0.2685 -0.0075 0.0045  -0.0352 13 0JY A CA  
89  N N   . 0JY A 13 ? 0.2434 0.2775 0.2939 -0.0103 0.0031  -0.0514 13 0JY A N   
90  C CB  . 0JY A 13 ? 0.2440 0.2874 0.2776 -0.0063 0.0043  -0.0290 13 0JY A CB  
91  C CAI . 0JY A 13 ? 0.2628 0.3139 0.3086 -0.0088 0.0031  -0.0228 13 0JY A CAI 
92  C CAB . 0JY A 13 ? 0.2984 0.3385 0.3455 -0.0050 0.0076  -0.0115 13 0JY A CAB 
93  C CAC . 0JY A 13 ? 0.2888 0.3588 0.3282 -0.0045 0.0030  -0.0152 13 0JY A CAC 
94  C CAA . 0JY A 13 ? 0.2695 0.3241 0.3343 -0.0188 -0.0023 -0.0339 13 0JY A CAA 
95  N N   . GLN A 14 ? 0.2294 0.2632 0.2594 -0.0038 0.0082  -0.0355 14 GLN A N   
96  C CA  . GLN A 14 ? 0.2123 0.2446 0.2416 -0.0040 0.0091  -0.0303 14 GLN A CA  
97  C C   . GLN A 14 ? 0.2358 0.2639 0.2793 -0.0025 0.0073  -0.0308 14 GLN A C   
98  O O   . GLN A 14 ? 0.2453 0.2697 0.2884 -0.0040 0.0032  -0.0243 14 GLN A O   
99  C CB  . GLN A 14 ? 0.2416 0.2913 0.2689 -0.0040 0.0139  -0.0313 14 GLN A CB  
100 C CG  . GLN A 14 ? 0.2560 0.3075 0.2873 -0.0078 0.0148  -0.0214 14 GLN A CG  
101 C CD  . GLN A 14 ? 0.3006 0.3418 0.3232 -0.0110 0.0142  -0.0109 14 GLN A CD  
102 O OE1 . GLN A 14 ? 0.3235 0.3463 0.3460 -0.0149 0.0098  -0.0085 14 GLN A OE1 
103 N NE2 . GLN A 14 ? 0.2781 0.3312 0.2932 -0.0086 0.0184  -0.0048 14 GLN A NE2 
104 N N   . GLU A 15 ? 0.2446 0.2731 0.3013 0.0009  0.0093  -0.0391 15 GLU A N   
105 C CA  . GLU A 15 ? 0.2406 0.2649 0.3158 0.0056  0.0085  -0.0360 15 GLU A CA  
106 C C   . GLU A 15 ? 0.2646 0.2792 0.3407 0.0051  0.0036  -0.0238 15 GLU A C   
107 O O   . GLU A 15 ? 0.2781 0.2967 0.3608 0.0078  0.0000  -0.0142 15 GLU A O   
108 C CB  . GLU A 15 ? 0.2698 0.2891 0.3608 0.0110  0.0132  -0.0495 15 GLU A CB  
109 C CG  . GLU A 15 ? 0.3421 0.3773 0.4349 0.0169  0.0204  -0.0600 15 GLU A CG  
110 C CD  . GLU A 15 ? 0.4300 0.4770 0.5409 0.0235  0.0221  -0.0497 15 GLU A CD  
111 O OE1 . GLU A 15 ? 0.5095 0.5482 0.6424 0.0319  0.0225  -0.0471 15 GLU A OE1 
112 O OE2 . GLU A 15 ? 0.3607 0.4259 0.4668 0.0192  0.0216  -0.0411 15 GLU A OE2 
113 N N   . ARG A 16 ? 0.2495 0.2566 0.3199 0.0021  0.0037  -0.0224 16 ARG A N   
114 C CA  . ARG A 16 ? 0.2595 0.2629 0.3285 0.0028  0.0019  -0.0080 16 ARG A CA  
115 C C   . ARG A 16 ? 0.2667 0.2754 0.3142 0.0033  -0.0018 -0.0031 16 ARG A C   
116 O O   . ARG A 16 ? 0.2812 0.2943 0.3265 0.0059  -0.0055 0.0073  16 ARG A O   
117 C CB  . ARG A 16 ? 0.2788 0.2808 0.3486 -0.0010 0.0044  -0.0061 16 ARG A CB  
118 C CG  . ARG A 16 ? 0.4677 0.4604 0.5641 -0.0046 0.0052  -0.0087 16 ARG A CG  
119 C CD  . ARG A 16 ? 0.5575 0.5535 0.6631 -0.0106 0.0065  0.0010  16 ARG A CD  
120 N NE  . ARG A 16 ? 0.5289 0.5263 0.6400 -0.0079 0.0095  0.0241  16 ARG A NE  
121 C CZ  . ARG A 16 ? 0.5648 0.5670 0.6933 -0.0134 0.0128  0.0387  16 ARG A CZ  
122 N NH1 . ARG A 16 ? 0.4727 0.4778 0.6171 -0.0235 0.0114  0.0306  16 ARG A NH1 
123 N NH2 . ARG A 16 ? 0.4685 0.4771 0.5993 -0.0095 0.0171  0.0633  16 ARG A NH2 
124 O O   . 0JY A 17 ? 0.2683 0.2850 0.2776 -0.0052 -0.0205 -0.0085 17 0JY A O   
125 C C   . 0JY A 17 ? 0.2504 0.2641 0.2714 -0.0038 -0.0130 -0.0100 17 0JY A C   
126 C CA  . 0JY A 17 ? 0.2319 0.2373 0.2448 -0.0005 -0.0056 -0.0107 17 0JY A CA  
127 N N   . 0JY A 17 ? 0.2230 0.2312 0.2550 0.0007  -0.0014 -0.0105 17 0JY A N   
128 C CB  . 0JY A 17 ? 0.2485 0.2455 0.2500 -0.0024 -0.0031 -0.0168 17 0JY A CB  
129 C CAI . 0JY A 17 ? 0.2747 0.2659 0.2625 0.0037  0.0024  -0.0155 17 0JY A CAI 
130 C CAB . 0JY A 17 ? 0.3265 0.3138 0.2950 0.0079  0.0009  -0.0158 17 0JY A CAB 
131 C CAC . 0JY A 17 ? 0.3165 0.2982 0.2992 0.0043  0.0052  -0.0181 17 0JY A CAC 
132 C CAA . 0JY A 17 ? 0.2938 0.2954 0.2950 0.0054  0.0068  -0.0104 17 0JY A CAA 
133 N N   . ARG A 18 ? 0.2327 0.2544 0.2730 -0.0046 -0.0109 -0.0116 18 ARG A N   
134 C CA  . ARG A 18 ? 0.2342 0.2715 0.2898 -0.0068 -0.0167 -0.0081 18 ARG A CA  
135 C C   . ARG A 18 ? 0.2539 0.3003 0.3174 -0.0011 -0.0229 0.0026  18 ARG A C   
136 O O   . ARG A 18 ? 0.2779 0.3380 0.3397 -0.0047 -0.0335 0.0070  18 ARG A O   
137 C CB  . ARG A 18 ? 0.2465 0.2945 0.3218 -0.0041 -0.0088 -0.0112 18 ARG A CB  
138 C CG  . ARG A 18 ? 0.2412 0.3121 0.3399 -0.0035 -0.0114 -0.0053 18 ARG A CG  
139 C CD  . ARG A 18 ? 0.2648 0.3468 0.3797 0.0042  0.0007  -0.0104 18 ARG A CD  
140 N NE  . ARG A 18 ? 0.2429 0.3536 0.3848 0.0068  0.0014  -0.0029 18 ARG A NE  
141 C CZ  . ARG A 18 ? 0.2594 0.3856 0.4202 0.0186  0.0131  -0.0063 18 ARG A CZ  
142 N NH1 . ARG A 18 ? 0.2454 0.3571 0.3980 0.0275  0.0231  -0.0206 18 ARG A NH1 
143 N NH2 . ARG A 18 ? 0.2281 0.3864 0.4171 0.0221  0.0146  0.0033  18 ARG A NH2 
144 N N   . LYS A 19 ? 0.2406 0.2800 0.3131 0.0066  -0.0174 0.0080  19 LYS A N   
145 C CA  . LYS A 19 ? 0.2571 0.3043 0.3409 0.0137  -0.0215 0.0243  19 LYS A CA  
146 C C   . LYS A 19 ? 0.2985 0.3514 0.3555 0.0120  -0.0285 0.0319  19 LYS A C   
147 O O   . LYS A 19 ? 0.3030 0.3745 0.3607 0.0151  -0.0373 0.0452  19 LYS A O   
148 C CB  . LYS A 19 ? 0.2979 0.3294 0.4010 0.0201  -0.0131 0.0287  19 LYS A CB  
149 C CG  . LYS A 19 ? 0.3214 0.3482 0.4503 0.0252  -0.0065 0.0184  19 LYS A CG  
150 C CD  . LYS A 19 ? 0.4220 0.4257 0.5705 0.0290  0.0003  0.0166  19 LYS A CD  
151 C CE  . LYS A 19 ? 0.5822 0.5803 0.7516 0.0367  0.0073  0.0010  19 LYS A CE  
152 N NZ  . LYS A 19 ? 0.7196 0.6975 0.8883 0.0320  0.0125  -0.0196 19 LYS A NZ  
153 O O   . 0JY A 20 ? 0.3892 0.4624 0.3574 0.0056  -0.0496 0.0237  20 0JY A O   
154 C C   . 0JY A 20 ? 0.3595 0.4149 0.3442 0.0037  -0.0406 0.0170  20 0JY A C   
155 C CA  . 0JY A 20 ? 0.3080 0.3543 0.3106 0.0101  -0.0276 0.0273  20 0JY A CA  
156 N N   . 0JY A 20 ? 0.2926 0.3331 0.3254 0.0089  -0.0241 0.0240  20 0JY A N   
157 C CB  . 0JY A 20 ? 0.3191 0.3509 0.3071 0.0106  -0.0173 0.0198  20 0JY A CB  
158 C CAI . 0JY A 20 ? 0.3672 0.4068 0.3325 0.0172  -0.0123 0.0291  20 0JY A CAI 
159 C CAB . 0JY A 20 ? 0.3538 0.3847 0.3232 0.0188  -0.0002 0.0273  20 0JY A CAB 
160 C CAC . 0JY A 20 ? 0.3552 0.4130 0.3279 0.0226  -0.0128 0.0539  20 0JY A CAC 
161 C CAA . 0JY A 20 ? 0.4724 0.5128 0.4014 0.0173  -0.0187 0.0143  20 0JY A CAA 
162 N N   . ARG A 21 ? 0.3071 0.3529 0.2970 -0.0051 -0.0426 0.0023  21 ARG A N   
163 C CA  . ARG A 21 ? 0.3326 0.3838 0.3139 -0.0156 -0.0560 -0.0082 21 ARG A CA  
164 C C   . ARG A 21 ? 0.3865 0.4695 0.3835 -0.0164 -0.0692 0.0040  21 ARG A C   
165 O O   . ARG A 21 ? 0.4022 0.4996 0.3808 -0.0223 -0.0844 -0.0006 21 ARG A O   
166 C CB  . ARG A 21 ? 0.3292 0.3680 0.3261 -0.0254 -0.0534 -0.0176 21 ARG A CB  
167 C CG  . ARG A 21 ? 0.4685 0.5054 0.4605 -0.0406 -0.0672 -0.0297 21 ARG A CG  
168 C CD  . ARG A 21 ? 0.4779 0.5256 0.5036 -0.0514 -0.0683 -0.0254 21 ARG A CD  
169 N NE  . ARG A 21 ? 0.5244 0.5722 0.5534 -0.0700 -0.0835 -0.0350 21 ARG A NE  
170 C CZ  . ARG A 21 ? 0.7498 0.7725 0.7823 -0.0820 -0.0819 -0.0430 21 ARG A CZ  
171 N NH1 . ARG A 21 ? 0.6665 0.6658 0.6962 -0.0750 -0.0658 -0.0407 21 ARG A NH1 
172 N NH2 . ARG A 21 ? 0.5878 0.6089 0.6286 -0.1019 -0.0975 -0.0521 21 ARG A NH2 
173 N N   . LYS A 22 ? 0.3386 0.4334 0.3694 -0.0095 -0.0642 0.0187  22 LYS A N   
174 C CA  . LYS A 22 ? 0.3569 0.4846 0.4113 -0.0062 -0.0748 0.0346  22 LYS A CA  
175 C C   . LYS A 22 ? 0.4321 0.5774 0.4698 0.0018  -0.0826 0.0507  22 LYS A C   
176 O O   . LYS A 22 ? 0.4656 0.6448 0.5093 0.0011  -0.0983 0.0615  22 LYS A O   
177 C CB  . LYS A 22 ? 0.3825 0.5138 0.4774 0.0040  -0.0640 0.0446  22 LYS A CB  
178 C CG  . LYS A 22 ? 0.4463 0.5765 0.5590 -0.0029 -0.0580 0.0332  22 LYS A CG  
179 C CD  . LYS A 22 ? 0.5709 0.7187 0.7234 0.0090  -0.0505 0.0428  22 LYS A CD  
180 C CE  . LYS A 22 ? 0.5965 0.7325 0.7559 0.0091  -0.0353 0.0302  22 LYS A CE  
181 N NZ  . LYS A 22 ? 0.6458 0.7992 0.8410 0.0232  -0.0251 0.0349  22 LYS A NZ  
182 N N   . LYS A 23 ? 0.4091 0.5377 0.4265 0.0090  -0.0722 0.0549  23 LYS A N   
183 C CA  . LYS A 23 ? 0.4613 0.6092 0.4593 0.0175  -0.0762 0.0744  23 LYS A CA  
184 C C   . LYS A 23 ? 0.5864 0.7523 0.5413 0.0107  -0.0914 0.0618  23 LYS A C   
185 O O   . LYS A 23 ? 0.6256 0.8250 0.5673 0.0156  -0.1028 0.0783  23 LYS A O   
186 C CB  . LYS A 23 ? 0.5051 0.6335 0.4966 0.0249  -0.0591 0.0835  23 LYS A CB  
187 C CG  . LYS A 23 ? 0.5602 0.6711 0.5939 0.0308  -0.0470 0.0963  23 LYS A CG  
188 C CD  . LYS A 23 ? 0.7239 0.8513 0.7817 0.0422  -0.0483 0.1299  23 LYS A CD  
189 C CE  . LYS A 23 ? 0.9026 1.0274 1.0050 0.0479  -0.0487 0.1340  23 LYS A CE  
190 O O   . 0JY A 24 ? 0.7147 0.9142 0.5809 -0.0264 -0.1478 -0.0050 24 0JY A O   
191 C C   . 0JY A 24 ? 0.6804 0.8652 0.5820 -0.0194 -0.1311 0.0107  24 0JY A C   
192 C CA  . 0JY A 24 ? 0.5873 0.7392 0.4787 -0.0078 -0.1068 0.0117  24 0JY A CA  
193 N N   . 0JY A 24 ? 0.5491 0.6932 0.4821 -0.0001 -0.0923 0.0324  24 0JY A N   
194 C CB  . 0JY A 24 ? 0.5687 0.6813 0.4427 -0.0161 -0.1011 -0.0193 24 0JY A CB  
195 C CAI . 0JY A 24 ? 0.5863 0.6805 0.4261 -0.0038 -0.0845 -0.0256 24 0JY A CAI 
196 C CAB . 0JY A 24 ? 0.5357 0.6284 0.3985 0.0080  -0.0657 -0.0006 24 0JY A CAB 
197 C CAC . 0JY A 24 ? 0.6394 0.7592 0.4319 0.0026  -0.0923 -0.0288 24 0JY A CAC 
198 C CAA . 0JY A 24 ? 0.6391 0.6926 0.4711 -0.0095 -0.0784 -0.0531 24 0JY A CAA 
199 N N   . ARG A 25 ? 0.6314 0.8306 0.5815 -0.0212 -0.1335 0.0262  25 ARG A N   
200 C CA  . ARG A 25 ? 1.0661 1.3051 1.0382 -0.0315 -0.1558 0.0309  25 ARG A CA  
201 C C   . ARG A 25 ? 1.4373 1.7217 1.4216 -0.0172 -0.1638 0.0643  25 ARG A C   
202 O O   . ARG A 25 ? 1.0009 1.2884 0.9613 -0.0033 -0.1574 0.0799  25 ARG A O   
203 C CB  . ARG A 25 ? 1.0416 1.2766 1.0628 -0.0398 -0.1515 0.0302  25 ARG A CB  
204 N N   . GLY B 1  ? 0.7094 0.5697 0.4800 -0.0418 -0.0765 -0.0987 1  GLY B N   
205 C CA  . GLY B 1  ? 0.7079 0.5601 0.4471 -0.0443 -0.0850 -0.0817 1  GLY B CA  
206 C C   . GLY B 1  ? 0.7003 0.5633 0.4518 -0.0434 -0.0645 -0.0690 1  GLY B C   
207 O O   . GLY B 1  ? 0.6203 0.5012 0.4204 -0.0350 -0.0562 -0.0667 1  GLY B O   
208 N N   . ASN B 2  ? 0.6803 0.5307 0.3832 -0.0556 -0.0568 -0.0606 2  ASN B N   
209 C CA  . ASN B 2  ? 0.6576 0.5197 0.3673 -0.0612 -0.0378 -0.0504 2  ASN B CA  
210 C C   . ASN B 2  ? 0.6761 0.5330 0.4155 -0.0516 -0.0510 -0.0353 2  ASN B C   
211 O O   . ASN B 2  ? 0.6462 0.5264 0.4246 -0.0472 -0.0366 -0.0338 2  ASN B O   
212 C CB  . ASN B 2  ? 0.7581 0.6034 0.4015 -0.0851 -0.0268 -0.0451 2  ASN B CB  
213 C CG  . ASN B 2  ? 1.1367 1.0223 0.7852 -0.0952 0.0069  -0.0609 2  ASN B CG  
214 O OD1 . ASN B 2  ? 1.1035 1.0191 0.7802 -0.0982 0.0244  -0.0599 2  ASN B OD1 
215 N ND2 . ASN B 2  ? 1.0269 0.9199 0.6524 -0.0981 0.0156  -0.0792 2  ASN B ND2 
216 N N   . ALA B 3  ? 0.6525 0.4799 0.3726 -0.0455 -0.0800 -0.0267 3  ALA B N   
217 C CA  . ALA B 3  ? 0.6268 0.4488 0.3729 -0.0315 -0.0956 -0.0173 3  ALA B CA  
218 C C   . ALA B 3  ? 0.5620 0.4244 0.3808 -0.0184 -0.0912 -0.0263 3  ALA B C   
219 O O   . ALA B 3  ? 0.5327 0.4065 0.3816 -0.0127 -0.0845 -0.0215 3  ALA B O   
220 C CB  . ALA B 3  ? 0.6918 0.4793 0.4051 -0.0202 -0.1319 -0.0126 3  ALA B CB  
221 N N   . ASP B 4  ? 0.5193 0.3983 0.3594 -0.0172 -0.0949 -0.0396 4  ASP B N   
222 C CA  . ASP B 4  ? 0.4534 0.3626 0.3515 -0.0130 -0.0884 -0.0476 4  ASP B CA  
223 C C   . ASP B 4  ? 0.4471 0.3656 0.3617 -0.0152 -0.0614 -0.0451 4  ASP B C   
224 O O   . ASP B 4  ? 0.3980 0.3318 0.3475 -0.0113 -0.0549 -0.0419 4  ASP B O   
225 C CB  . ASP B 4  ? 0.4732 0.3882 0.3793 -0.0184 -0.0973 -0.0630 4  ASP B CB  
226 C CG  . ASP B 4  ? 0.5977 0.5182 0.5023 -0.0133 -0.1287 -0.0693 4  ASP B CG  
227 O OD1 . ASP B 4  ? 0.6071 0.5335 0.5220 0.0000  -0.1443 -0.0639 4  ASP B OD1 
228 O OD2 . ASP B 4  ? 0.6061 0.5254 0.4998 -0.0205 -0.1396 -0.0820 4  ASP B OD2 
229 N N   . GLU B 5  ? 0.4206 0.3330 0.3095 -0.0200 -0.0464 -0.0486 5  GLU B N   
230 C CA  . GLU B 5  ? 0.4055 0.3319 0.3113 -0.0160 -0.0253 -0.0490 5  GLU B CA  
231 C C   . GLU B 5  ? 0.4343 0.3710 0.3452 -0.0166 -0.0188 -0.0369 5  GLU B C   
232 O O   . GLU B 5  ? 0.4020 0.3531 0.3393 -0.0103 -0.0095 -0.0347 5  GLU B O   
233 C CB  . GLU B 5  ? 0.4459 0.3747 0.3312 -0.0156 -0.0116 -0.0620 5  GLU B CB  
234 C CG  . GLU B 5  ? 0.5288 0.4406 0.4110 -0.0129 -0.0165 -0.0766 5  GLU B CG  
235 C CD  . GLU B 5  ? 0.6098 0.5103 0.5212 -0.0069 -0.0175 -0.0779 5  GLU B CD  
236 O OE1 . GLU B 5  ? 0.4975 0.4028 0.4256 0.0035  -0.0077 -0.0737 5  GLU B OE1 
237 O OE2 . GLU B 5  ? 0.5795 0.4643 0.4925 -0.0149 -0.0286 -0.0839 5  GLU B OE2 
238 O O   . 0JY B 6  ? 0.3864 0.3275 0.3195 -0.0155 -0.0204 -0.0124 6  0JY B O   
239 C C   . 0JY B 6  ? 0.4215 0.3473 0.3338 -0.0172 -0.0305 -0.0150 6  0JY B C   
240 C CA  . 0JY B 6  ? 0.4167 0.3386 0.2936 -0.0295 -0.0216 -0.0188 6  0JY B CA  
241 N N   . 0JY B 6  ? 0.4255 0.3481 0.3052 -0.0251 -0.0257 -0.0291 6  0JY B N   
242 C CB  . 0JY B 6  ? 0.5112 0.3964 0.3343 -0.0424 -0.0322 -0.0097 6  0JY B CB  
243 C CAI . 0JY B 6  ? 0.5840 0.4732 0.3774 -0.0650 -0.0126 -0.0076 6  0JY B CAI 
244 C CAB . 0JY B 6  ? 0.5828 0.4901 0.4039 -0.0656 -0.0036 -0.0045 6  0JY B CAB 
245 C CAC . 0JY B 6  ? 0.6172 0.4535 0.3405 -0.0837 -0.0233 0.0036  6  0JY B CAC 
246 C CAA . 0JY B 6  ? 0.6417 0.5673 0.4404 -0.0701 0.0075  -0.0221 6  0JY B CAA 
247 N N   . TYR B 7  ? 0.4069 0.3253 0.3278 -0.0088 -0.0494 -0.0174 7  TYR B N   
248 C CA  . TYR B 7  ? 0.4029 0.3363 0.3614 0.0023  -0.0559 -0.0193 7  TYR B CA  
249 C C   . TYR B 7  ? 0.3849 0.3435 0.3789 0.0008  -0.0387 -0.0220 7  TYR B C   
250 O O   . TYR B 7  ? 0.3511 0.3209 0.3629 0.0036  -0.0316 -0.0193 7  TYR B O   
251 C CB  . TYR B 7  ? 0.4491 0.3857 0.4176 0.0112  -0.0791 -0.0276 7  TYR B CB  
252 C CG  . TYR B 7  ? 0.4922 0.4637 0.5109 0.0196  -0.0820 -0.0374 7  TYR B CG  
253 C CD1 . TYR B 7  ? 0.5426 0.5177 0.5727 0.0348  -0.0909 -0.0392 7  TYR B CD1 
254 C CD2 . TYR B 7  ? 0.5127 0.5125 0.5640 0.0106  -0.0759 -0.0476 7  TYR B CD2 
255 C CE1 . TYR B 7  ? 0.5543 0.5728 0.6336 0.0424  -0.0912 -0.0532 7  TYR B CE1 
256 C CE2 . TYR B 7  ? 0.5255 0.5654 0.6223 0.0115  -0.0749 -0.0592 7  TYR B CE2 
257 C CZ  . TYR B 7  ? 0.6124 0.6675 0.7261 0.0282  -0.0816 -0.0633 7  TYR B CZ  
258 O OH  . TYR B 7  ? 0.5733 0.6789 0.7353 0.0284  -0.0773 -0.0793 7  TYR B OH  
259 N N   . LYS B 8  ? 0.3314 0.2908 0.3270 -0.0039 -0.0324 -0.0271 8  LYS B N   
260 C CA  . LYS B 8  ? 0.2994 0.2654 0.3148 -0.0054 -0.0194 -0.0274 8  LYS B CA  
261 C C   . LYS B 8  ? 0.3090 0.2783 0.3196 -0.0010 -0.0069 -0.0205 8  LYS B C   
262 O O   . LYS B 8  ? 0.2969 0.2716 0.3204 0.0002  -0.0002 -0.0162 8  LYS B O   
263 C CB  . LYS B 8  ? 0.3331 0.2845 0.3416 -0.0096 -0.0186 -0.0354 8  LYS B CB  
264 C CG  . LYS B 8  ? 0.3620 0.3185 0.3835 -0.0184 -0.0308 -0.0446 8  LYS B CG  
265 C CD  . LYS B 8  ? 0.4855 0.4214 0.4972 -0.0273 -0.0307 -0.0542 8  LYS B CD  
266 C CE  . LYS B 8  ? 0.7135 0.6653 0.7437 -0.0404 -0.0439 -0.0658 8  LYS B CE  
267 N NZ  . LYS B 8  ? 0.8989 0.8745 0.9626 -0.0530 -0.0371 -0.0670 8  LYS B NZ  
268 N N   . GLU B 9  ? 0.2879 0.2580 0.2784 -0.0008 -0.0037 -0.0208 9  GLU B N   
269 C CA  . GLU B 9  ? 0.2814 0.2674 0.2730 0.0022  0.0066  -0.0185 9  GLU B CA  
270 C C   . GLU B 9  ? 0.3049 0.2962 0.3020 -0.0010 0.0060  -0.0112 9  GLU B C   
271 O O   . GLU B 9  ? 0.2883 0.2922 0.2959 0.0030  0.0114  -0.0086 9  GLU B O   
272 C CB  . GLU B 9  ? 0.3189 0.3162 0.2907 -0.0036 0.0129  -0.0243 9  GLU B CB  
273 C CG  . GLU B 9  ? 0.3854 0.4147 0.3672 -0.0004 0.0230  -0.0279 9  GLU B CG  
274 C CD  . GLU B 9  ? 0.6225 0.6619 0.6194 0.0198  0.0249  -0.0356 9  GLU B CD  
275 O OE1 . GLU B 9  ? 0.4766 0.5479 0.4859 0.0280  0.0287  -0.0407 9  GLU B OE1 
276 O OE2 . GLU B 9  ? 0.5368 0.5499 0.5305 0.0278  0.0206  -0.0381 9  GLU B OE2 
277 O O   . 0JY B 10 ? 0.2936 0.2893 0.3140 0.0018  0.0030  -0.0052 10 0JY B O   
278 C C   . 0JY B 10 ? 0.2903 0.2782 0.3064 0.0016  -0.0027 -0.0067 10 0JY B C   
279 C CA  . 0JY B 10 ? 0.2817 0.2563 0.2692 -0.0059 -0.0051 -0.0052 10 0JY B CA  
280 N N   . 0JY B 10 ? 0.2829 0.2604 0.2690 -0.0058 -0.0031 -0.0089 10 0JY B N   
281 C CB  . 0JY B 10 ? 0.3404 0.2855 0.3044 -0.0066 -0.0195 -0.0036 10 0JY B CB  
282 C CAI . 0JY B 10 ? 0.3868 0.3108 0.3106 -0.0232 -0.0171 0.0013  10 0JY B CAI 
283 C CAB . 0JY B 10 ? 0.4425 0.3199 0.3290 -0.0219 -0.0363 0.0054  10 0JY B CAB 
284 C CAC . 0JY B 10 ? 0.4053 0.3485 0.3210 -0.0346 -0.0046 -0.0014 10 0JY B CAC 
285 C CAA . 0JY B 10 ? 0.3971 0.3263 0.3213 -0.0306 -0.0093 0.0022  10 0JY B CAA 
286 N N   . GLU B 11 ? 0.2612 0.2529 0.2940 0.0037  -0.0062 -0.0112 11 GLU B N   
287 C CA  . GLU B 11 ? 0.2557 0.2631 0.3116 0.0027  0.0006  -0.0139 11 GLU B CA  
288 C C   . GLU B 11 ? 0.2844 0.2893 0.3330 0.0001  0.0126  -0.0066 11 GLU B C   
289 O O   . GLU B 11 ? 0.2866 0.2990 0.3381 -0.0018 0.0200  -0.0046 11 GLU B O   
290 C CB  . GLU B 11 ? 0.2974 0.3117 0.3698 -0.0020 -0.0039 -0.0216 11 GLU B CB  
291 C CG  . GLU B 11 ? 0.4209 0.4522 0.5130 -0.0133 0.0073  -0.0256 11 GLU B CG  
292 C CD  . GLU B 11 ? 0.5436 0.5907 0.6565 -0.0225 0.0011  -0.0378 11 GLU B CD  
293 O OE1 . GLU B 11 ? 0.4708 0.5023 0.5729 -0.0222 -0.0090 -0.0390 11 GLU B OE1 
294 O OE2 . GLU B 11 ? 0.5167 0.5985 0.6584 -0.0300 0.0059  -0.0489 11 GLU B OE2 
295 N N   . ASP B 12 ? 0.2575 0.2511 0.2936 0.0025  0.0129  -0.0043 12 ASP B N   
296 C CA  . ASP B 12 ? 0.2571 0.2436 0.2833 0.0077  0.0178  0.0012  12 ASP B CA  
297 C C   . ASP B 12 ? 0.2616 0.2653 0.2847 0.0121  0.0191  0.0040  12 ASP B C   
298 O O   . ASP B 12 ? 0.2738 0.2755 0.2900 0.0149  0.0213  0.0095  12 ASP B O   
299 C CB  . ASP B 12 ? 0.2949 0.2673 0.3112 0.0161  0.0153  -0.0023 12 ASP B CB  
300 C CG  . ASP B 12 ? 0.3559 0.3037 0.3696 0.0086  0.0139  -0.0055 12 ASP B CG  
301 O OD1 . ASP B 12 ? 0.4031 0.3518 0.4264 -0.0052 0.0164  -0.0046 12 ASP B OD1 
302 O OD2 . ASP B 12 ? 0.4538 0.3855 0.4575 0.0150  0.0111  -0.0116 12 ASP B OD2 
303 O O   . 0JY B 13 ? 0.2368 0.2767 0.2518 0.0046  0.0215  0.0038  13 0JY B O   
304 C C   . 0JY B 13 ? 0.2521 0.2819 0.2718 0.0039  0.0201  0.0024  13 0JY B C   
305 C CA  . 0JY B 13 ? 0.2286 0.2622 0.2476 0.0070  0.0187  0.0005  13 0JY B CA  
306 N N   . 0JY B 13 ? 0.2482 0.2646 0.2706 0.0092  0.0173  0.0004  13 0JY B N   
307 C CB  . 0JY B 13 ? 0.2252 0.2628 0.2347 -0.0043 0.0182  -0.0034 13 0JY B CB  
308 C CAI . 0JY B 13 ? 0.2504 0.3157 0.2607 -0.0054 0.0223  -0.0100 13 0JY B CAI 
309 C CAB . 0JY B 13 ? 0.2535 0.3512 0.2730 -0.0018 0.0226  -0.0133 13 0JY B CAB 
310 C CAC . 0JY B 13 ? 0.3045 0.3650 0.2955 -0.0254 0.0252  -0.0126 13 0JY B CAC 
311 C CAA . 0JY B 13 ? 0.2882 0.3516 0.3041 0.0087  0.0222  -0.0135 13 0JY B CAA 
312 N N   . GLN B 14 ? 0.2329 0.2532 0.2594 0.0024  0.0189  -0.0004 14 GLN B N   
313 C CA  . GLN B 14 ? 0.2269 0.2512 0.2580 0.0023  0.0225  -0.0041 14 GLN B CA  
314 C C   . GLN B 14 ? 0.2517 0.2812 0.2800 0.0000  0.0313  0.0008  14 GLN B C   
315 O O   . GLN B 14 ? 0.2728 0.3079 0.2914 -0.0016 0.0357  0.0007  14 GLN B O   
316 C CB  . GLN B 14 ? 0.2488 0.2733 0.2958 0.0063  0.0184  -0.0125 14 GLN B CB  
317 C CG  . GLN B 14 ? 0.2991 0.3046 0.3357 0.0111  0.0058  -0.0156 14 GLN B CG  
318 C CD  . GLN B 14 ? 0.3843 0.3945 0.4396 0.0224  -0.0033 -0.0263 14 GLN B CD  
319 O OE1 . GLN B 14 ? 0.3942 0.4126 0.4627 0.0227  -0.0079 -0.0280 14 GLN B OE1 
320 N NE2 . GLN B 14 ? 0.3767 0.3887 0.4375 0.0330  -0.0056 -0.0370 14 GLN B NE2 
321 N N   . GLU B 15 ? 0.2433 0.2638 0.2723 -0.0020 0.0333  0.0053  15 GLU B N   
322 C CA  . GLU B 15 ? 0.2797 0.2884 0.2927 -0.0079 0.0404  0.0127  15 GLU B CA  
323 C C   . GLU B 15 ? 0.3050 0.3049 0.2944 0.0012  0.0350  0.0213  15 GLU B C   
324 O O   . GLU B 15 ? 0.3146 0.3072 0.2823 -0.0028 0.0389  0.0274  15 GLU B O   
325 C CB  . GLU B 15 ? 0.3177 0.3072 0.3304 -0.0157 0.0423  0.0145  15 GLU B CB  
326 C CG  . GLU B 15 ? 0.4381 0.4027 0.4240 -0.0299 0.0514  0.0235  15 GLU B CG  
327 C CD  . GLU B 15 ? 0.6155 0.5995 0.6006 -0.0464 0.0665  0.0200  15 GLU B CD  
328 O OE1 . GLU B 15 ? 0.3934 0.4156 0.4096 -0.0456 0.0703  0.0058  15 GLU B OE1 
329 O OE2 . GLU B 15 ? 0.6591 0.6174 0.6078 -0.0589 0.0740  0.0307  15 GLU B OE2 
330 N N   . ARG B 16 ? 0.2844 0.2903 0.2778 0.0132  0.0258  0.0200  16 ARG B N   
331 C CA  . ARG B 16 ? 0.2868 0.2996 0.2678 0.0260  0.0173  0.0227  16 ARG B CA  
332 C C   . ARG B 16 ? 0.2939 0.3263 0.2700 0.0204  0.0181  0.0207  16 ARG B C   
333 O O   . ARG B 16 ? 0.3142 0.3433 0.2691 0.0259  0.0127  0.0261  16 ARG B O   
334 C CB  . ARG B 16 ? 0.2971 0.3319 0.2938 0.0362  0.0113  0.0141  16 ARG B CB  
335 C CG  . ARG B 16 ? 0.3570 0.4147 0.3518 0.0535  0.0005  0.0110  16 ARG B CG  
336 C CD  . ARG B 16 ? 0.4135 0.4406 0.3909 0.0761  -0.0098 0.0160  16 ARG B CD  
337 N NE  . ARG B 16 ? 0.4829 0.5444 0.4703 0.1009  -0.0233 0.0056  16 ARG B NE  
338 C CZ  . ARG B 16 ? 0.7085 0.7840 0.6858 0.1144  -0.0371 0.0071  16 ARG B CZ  
339 N NH1 . ARG B 16 ? 0.5856 0.6370 0.5353 0.1031  -0.0371 0.0202  16 ARG B NH1 
340 N NH2 . ARG B 16 ? 0.5409 0.6596 0.5358 0.1398  -0.0515 -0.0071 16 ARG B NH2 
341 O O   . 0JY B 17 ? 0.3132 0.3630 0.2575 -0.0015 0.0298  0.0112  17 0JY B O   
342 C C   . 0JY B 17 ? 0.2927 0.3380 0.2572 -0.0004 0.0317  0.0108  17 0JY B C   
343 C CA  . 0JY B 17 ? 0.2367 0.2929 0.2175 0.0038  0.0234  0.0078  17 0JY B CA  
344 N N   . 0JY B 17 ? 0.2408 0.2861 0.2301 0.0101  0.0229  0.0127  17 0JY B N   
345 C CB  . 0JY B 17 ? 0.2616 0.3175 0.2507 -0.0046 0.0248  -0.0017 17 0JY B CB  
346 C CAI . 0JY B 17 ? 0.2521 0.3227 0.2412 -0.0122 0.0191  -0.0065 17 0JY B CAI 
347 C CAB . 0JY B 17 ? 0.2822 0.3761 0.2624 -0.0147 0.0143  -0.0098 17 0JY B CAB 
348 C CAC . 0JY B 17 ? 0.3091 0.3573 0.2905 -0.0232 0.0192  -0.0128 17 0JY B CAC 
349 C CAA . 0JY B 17 ? 0.2499 0.3326 0.2506 -0.0076 0.0173  -0.0047 17 0JY B CAA 
350 N N   . ARG B 18 ? 0.2675 0.3036 0.2402 -0.0055 0.0417  0.0107  18 ARG B N   
351 C CA  . ARG B 18 ? 0.2838 0.3179 0.2415 -0.0156 0.0547  0.0105  18 ARG B CA  
352 C C   . ARG B 18 ? 0.3663 0.3787 0.2848 -0.0174 0.0527  0.0253  18 ARG B C   
353 O O   . ARG B 18 ? 0.3891 0.4006 0.2794 -0.0245 0.0584  0.0261  18 ARG B O   
354 C CB  . ARG B 18 ? 0.3054 0.3441 0.2837 -0.0245 0.0661  0.0052  18 ARG B CB  
355 C CG  . ARG B 18 ? 0.3452 0.4053 0.3561 -0.0182 0.0656  -0.0119 18 ARG B CG  
356 C CD  . ARG B 18 ? 0.3378 0.4190 0.3737 -0.0263 0.0766  -0.0226 18 ARG B CD  
357 N NE  . ARG B 18 ? 0.3684 0.4638 0.4362 -0.0122 0.0669  -0.0373 18 ARG B NE  
358 C CZ  . ARG B 18 ? 0.4419 0.5327 0.5256 -0.0079 0.0557  -0.0359 18 ARG B CZ  
359 N NH1 . ARG B 18 ? 0.4052 0.4800 0.4801 -0.0173 0.0555  -0.0234 18 ARG B NH1 
360 N NH2 . ARG B 18 ? 0.4187 0.5153 0.5220 0.0073  0.0430  -0.0480 18 ARG B NH2 
361 N N   . LYS B 19 ? 0.3487 0.3385 0.2595 -0.0090 0.0429  0.0362  19 LYS B N   
362 C CA  . LYS B 19 ? 0.3922 0.3464 0.2573 -0.0049 0.0351  0.0519  19 LYS B CA  
363 C C   . LYS B 19 ? 0.4310 0.3983 0.2808 0.0103  0.0187  0.0525  19 LYS B C   
364 O O   . LYS B 19 ? 0.4710 0.4171 0.2760 0.0092  0.0143  0.0622  19 LYS B O   
365 C CB  . LYS B 19 ? 0.4401 0.3601 0.2997 0.0055  0.0258  0.0598  19 LYS B CB  
366 C CG  . LYS B 19 ? 0.6033 0.5052 0.4701 -0.0142 0.0403  0.0595  19 LYS B CG  
367 C CD  . LYS B 19 ? 0.8286 0.6733 0.6641 -0.0094 0.0315  0.0709  19 LYS B CD  
368 C CE  . LYS B 19 ? 0.9628 0.7845 0.7929 -0.0393 0.0477  0.0715  19 LYS B CE  
369 N NZ  . LYS B 19 ? 1.1374 0.8823 0.9144 -0.0422 0.0405  0.0859  19 LYS B NZ  
370 O O   . 0JY B 20 ? 0.4583 0.4888 0.2795 0.0211  -0.0098 0.0381  20 0JY B O   
371 C C   . 0JY B 20 ? 0.4317 0.4673 0.2885 0.0164  0.0015  0.0330  20 0JY B C   
372 C CA  . 0JY B 20 ? 0.3788 0.4094 0.2571 0.0314  -0.0058 0.0365  20 0JY B CA  
373 N N   . 0JY B 20 ? 0.3622 0.3662 0.2460 0.0213  0.0096  0.0411  20 0JY B N   
374 C CB  . 0JY B 20 ? 0.3189 0.3916 0.2393 0.0330  -0.0090 0.0219  20 0JY B CB  
375 C CAI . 0JY B 20 ? 0.3378 0.4536 0.2649 0.0387  -0.0241 0.0117  20 0JY B CAI 
376 C CAB . 0JY B 20 ? 0.3863 0.4984 0.2873 0.0621  -0.0455 0.0188  20 0JY B CAB 
377 C CAC . 0JY B 20 ? 0.3625 0.4895 0.2821 0.0187  -0.0186 0.0030  20 0JY B CAC 
378 C CAA . 0JY B 20 ? 0.3512 0.5041 0.3170 0.0396  -0.0246 -0.0005 20 0JY B CAA 
379 N N   . ARG B 21 ? 0.3740 0.4163 0.2482 0.0011  0.0187  0.0229  21 ARG B N   
380 C CA  . ARG B 21 ? 0.3899 0.4375 0.2470 -0.0111 0.0284  0.0139  21 ARG B CA  
381 C C   . ARG B 21 ? 0.4806 0.5053 0.2938 -0.0198 0.0383  0.0235  21 ARG B C   
382 O O   . ARG B 21 ? 0.5277 0.5542 0.3077 -0.0246 0.0370  0.0207  21 ARG B O   
383 C CB  . ARG B 21 ? 0.3486 0.4043 0.2352 -0.0177 0.0416  -0.0013 21 ARG B CB  
384 C CG  . ARG B 21 ? 0.3344 0.4012 0.2463 -0.0153 0.0315  -0.0094 21 ARG B CG  
385 C CD  . ARG B 21 ? 0.3637 0.4229 0.2944 -0.0172 0.0389  -0.0217 21 ARG B CD  
386 N NE  . ARG B 21 ? 0.3964 0.4527 0.3121 -0.0209 0.0447  -0.0367 21 ARG B NE  
387 C CZ  . ARG B 21 ? 0.4721 0.5201 0.3988 -0.0161 0.0508  -0.0515 21 ARG B CZ  
388 N NH1 . ARG B 21 ? 0.3959 0.4397 0.3486 -0.0082 0.0504  -0.0514 21 ARG B NH1 
389 N NH2 . ARG B 21 ? 0.4678 0.5115 0.3785 -0.0162 0.0553  -0.0684 21 ARG B NH2 
390 N N   . LYS B 22 ? 0.4501 0.4517 0.2582 -0.0260 0.0487  0.0341  22 LYS B N   
391 C CA  . LYS B 22 ? 0.5075 0.4800 0.2652 -0.0427 0.0613  0.0456  22 LYS B CA  
392 C C   . LYS B 22 ? 0.6276 0.5680 0.3283 -0.0327 0.0402  0.0629  22 LYS B C   
393 O O   . LYS B 22 ? 0.6589 0.5836 0.3068 -0.0454 0.0458  0.0679  22 LYS B O   
394 C CB  . LYS B 22 ? 0.5313 0.4826 0.2958 -0.0554 0.0742  0.0529  22 LYS B CB  
395 C CG  . LYS B 22 ? 0.6401 0.5590 0.3484 -0.0835 0.0927  0.0641  22 LYS B CG  
396 C CD  . LYS B 22 ? 0.7401 0.6417 0.4589 -0.1024 0.1060  0.0679  22 LYS B CD  
397 C CE  . LYS B 22 ? 0.9125 0.7711 0.5652 -0.1373 0.1242  0.0820  22 LYS B CE  
398 N NZ  . LYS B 22 ? 1.0839 0.9886 0.7401 -0.1649 0.1554  0.0644  22 LYS B NZ  
399 N N   . LYS B 23 ? 0.5769 0.5109 0.2871 -0.0079 0.0150  0.0696  23 LYS B N   
400 C CA  . LYS B 23 ? 0.6457 0.5546 0.3084 0.0116  -0.0127 0.0829  23 LYS B CA  
401 C C   . LYS B 23 ? 0.6853 0.6274 0.3359 0.0138  -0.0237 0.0730  23 LYS B C   
402 O O   . LYS B 23 ? 0.7462 0.6603 0.3346 0.0155  -0.0363 0.0844  23 LYS B O   
403 C CB  . LYS B 23 ? 0.6870 0.5979 0.3768 0.0424  -0.0365 0.0839  23 LYS B CB  
404 O O   . 0JY B 24 ? 0.7243 0.7381 0.3340 -0.0151 -0.0213 0.0335  24 0JY B O   
405 C C   . 0JY B 24 ? 0.6902 0.7028 0.3425 -0.0137 -0.0094 0.0351  24 0JY B C   
406 C CA  . 0JY B 24 ? 0.6019 0.6289 0.2974 0.0081  -0.0290 0.0383  24 0JY B CA  
407 N N   . 0JY B 24 ? 0.5902 0.5846 0.2923 0.0111  -0.0198 0.0522  24 0JY B N   
408 C CB  . 0JY B 24 ? 0.5416 0.6127 0.2965 0.0032  -0.0249 0.0172  24 0JY B CB  
409 C CAI . 0JY B 24 ? 0.5195 0.6318 0.3032 0.0184  -0.0500 0.0101  24 0JY B CAI 
410 C CAB . 0JY B 24 ? 0.4655 0.6108 0.2957 0.0036  -0.0415 -0.0086 24 0JY B CAB 
411 C CAC . 0JY B 24 ? 0.5330 0.6362 0.3299 0.0421  -0.0611 0.0219  24 0JY B CAC 
412 C CAA . 0JY B 24 ? 0.5852 0.7147 0.3348 0.0242  -0.0735 0.0068  24 0JY B CAA 
413 N N   . ARG B 25 ? 0.6638 0.6688 0.3287 -0.0303 0.0201  0.0311  25 ARG B N   
414 C CA  . ARG B 25 ? 0.7093 0.7114 0.3423 -0.0511 0.0447  0.0225  25 ARG B CA  
415 C C   . ARG B 25 ? 0.8507 0.8104 0.4083 -0.0628 0.0477  0.0434  25 ARG B C   
416 O O   . ARG B 25 ? 0.9024 0.8586 0.4110 -0.0784 0.0590  0.0385  25 ARG B O   
417 C CB  . ARG B 25 ? 0.6854 0.7032 0.3632 -0.0611 0.0728  0.0085  25 ARG B CB  
418 C CG  . ARG B 25 ? 0.7449 0.7913 0.4765 -0.0526 0.0716  -0.0143 25 ARG B CG  
419 C CD  . ARG B 25 ? 0.8976 0.9590 0.6673 -0.0564 0.0948  -0.0300 25 ARG B CD  
420 N N   . SER B 26 ? 0.8360 0.7566 0.3772 -0.0565 0.0377  0.0664  26 SER B N   
421 C CA  . SER B 26 ? 0.9354 0.7962 0.3927 -0.0684 0.0366  0.0909  26 SER B CA  
422 C C   . SER B 26 ? 1.0281 0.8488 0.4577 -0.0379 -0.0030 0.1117  26 SER B C   
423 O O   . SER B 26 ? 1.0229 0.8046 0.4522 -0.0316 -0.0072 0.1261  26 SER B O   
424 C CB  . SER B 26 ? 0.9978 0.8363 0.4498 -0.0973 0.0685  0.0968  26 SER B CB  
425 O OG  . SER B 26 ? 1.0558 0.9439 0.5419 -0.1188 0.1024  0.0722  26 SER B OG  
426 N N   . GLY B 27 ? 1.0111 0.8456 0.4221 -0.0158 -0.0344 0.1099  27 GLY B N   
427 C CA  . GLY B 27 ? 1.2866 1.1638 0.6942 -0.0227 -0.0343 0.0913  27 GLY B CA  
428 C C   . GLY B 27 ? 1.7060 1.6165 1.1292 0.0075  -0.0747 0.0845  27 GLY B C   
429 O O   . GLY B 27 ? 1.3472 1.2262 0.7149 0.0274  -0.1069 0.1002  27 GLY B O   
# 
